data_2RTS
#
_entry.id   2RTS
#
_entity_poly.entity_id   1
_entity_poly.type   'polypeptide(L)'
_entity_poly.pdbx_seq_one_letter_code
;GPSTSMENLVSLQNLLVYVNWSSYPKYEPGKEYNQGDIVEYNGKLYKAKYWTTSPPSDDPYGSWEYLGEAEPT
;
_entity_poly.pdbx_strand_id   A
#
# COMPACT_ATOMS: atom_id res chain seq x y z
N GLY A 1 23.58 1.37 12.57
CA GLY A 1 23.56 1.19 11.13
C GLY A 1 23.09 2.42 10.41
N PRO A 2 23.29 2.45 9.08
CA PRO A 2 22.89 3.58 8.24
C PRO A 2 21.38 3.70 8.11
N SER A 3 20.91 4.86 7.63
CA SER A 3 19.49 5.09 7.45
C SER A 3 19.14 5.25 5.98
N THR A 4 17.84 5.21 5.68
CA THR A 4 17.38 5.34 4.31
C THR A 4 15.95 5.87 4.27
N SER A 5 15.75 6.97 3.55
CA SER A 5 14.43 7.59 3.43
C SER A 5 13.60 6.88 2.36
N MET A 6 12.29 6.79 2.61
CA MET A 6 11.39 6.13 1.67
C MET A 6 9.95 6.53 1.94
N GLU A 7 9.02 5.86 1.27
CA GLU A 7 7.59 6.16 1.43
C GLU A 7 6.77 4.87 1.37
N ASN A 8 6.87 4.16 0.25
CA ASN A 8 6.14 2.91 0.07
C ASN A 8 6.83 1.76 0.80
N LEU A 9 6.61 1.68 2.11
CA LEU A 9 7.22 0.63 2.92
C LEU A 9 6.24 -0.54 3.09
N VAL A 10 5.14 -0.50 2.35
CA VAL A 10 4.14 -1.55 2.42
C VAL A 10 4.77 -2.92 2.22
N SER A 11 5.86 -2.96 1.46
CA SER A 11 6.56 -4.21 1.19
C SER A 11 7.26 -4.73 2.45
N LEU A 12 7.91 -3.83 3.18
CA LEU A 12 8.61 -4.18 4.40
C LEU A 12 7.63 -4.64 5.48
N GLN A 13 6.39 -4.20 5.36
CA GLN A 13 5.36 -4.57 6.32
C GLN A 13 5.23 -6.08 6.44
N ASN A 14 5.63 -6.79 5.39
CA ASN A 14 5.56 -8.24 5.37
C ASN A 14 6.96 -8.86 5.32
N LEU A 15 7.60 -8.75 4.16
CA LEU A 15 8.95 -9.29 3.99
C LEU A 15 9.73 -8.49 2.97
N LEU A 16 10.99 -8.86 2.76
CA LEU A 16 11.85 -8.17 1.81
C LEU A 16 12.39 -9.13 0.76
N VAL A 17 11.48 -9.83 0.08
CA VAL A 17 11.87 -10.79 -0.95
C VAL A 17 12.85 -10.16 -1.95
N TYR A 18 13.46 -11.00 -2.78
CA TYR A 18 14.41 -10.53 -3.78
C TYR A 18 13.69 -9.99 -5.00
N VAL A 19 12.59 -10.63 -5.37
CA VAL A 19 11.80 -10.21 -6.52
C VAL A 19 11.37 -8.75 -6.39
N ASN A 20 11.29 -8.27 -5.15
CA ASN A 20 10.88 -6.90 -4.88
C ASN A 20 9.44 -6.66 -5.34
N TRP A 21 8.59 -7.65 -5.11
CA TRP A 21 7.19 -7.55 -5.50
C TRP A 21 6.37 -8.70 -4.93
N SER A 22 6.48 -9.87 -5.57
CA SER A 22 5.76 -11.06 -5.13
C SER A 22 4.31 -10.71 -4.80
N SER A 23 3.71 -9.83 -5.59
CA SER A 23 2.33 -9.41 -5.37
C SER A 23 2.19 -8.68 -4.04
N TYR A 24 1.95 -7.37 -4.12
CA TYR A 24 1.79 -6.55 -2.92
C TYR A 24 0.78 -7.17 -1.97
N PRO A 25 0.93 -6.85 -0.66
CA PRO A 25 0.04 -7.37 0.37
C PRO A 25 -1.36 -6.78 0.29
N LYS A 26 -2.32 -7.44 0.94
CA LYS A 26 -3.71 -6.98 0.93
C LYS A 26 -3.96 -6.02 2.09
N TYR A 27 -5.03 -5.24 1.97
CA TYR A 27 -5.39 -4.26 3.00
C TYR A 27 -5.41 -4.92 4.38
N GLU A 28 -4.57 -4.41 5.29
CA GLU A 28 -4.50 -4.95 6.64
C GLU A 28 -4.82 -3.87 7.67
N PRO A 29 -6.01 -3.98 8.29
CA PRO A 29 -6.46 -3.02 9.30
C PRO A 29 -5.66 -3.13 10.59
N GLY A 30 -5.15 -2.00 11.08
CA GLY A 30 -4.38 -1.99 12.30
C GLY A 30 -2.90 -1.81 12.05
N LYS A 31 -2.56 -1.24 10.90
CA LYS A 31 -1.17 -1.01 10.54
C LYS A 31 -1.00 0.33 9.83
N GLU A 32 -0.22 1.23 10.43
CA GLU A 32 0.01 2.54 9.84
C GLU A 32 0.40 2.44 8.37
N TYR A 33 -0.19 3.30 7.55
CA TYR A 33 0.08 3.30 6.13
C TYR A 33 0.60 4.65 5.67
N ASN A 34 1.90 4.71 5.36
CA ASN A 34 2.52 5.95 4.91
C ASN A 34 2.23 6.20 3.43
N GLN A 35 2.49 7.42 2.99
CA GLN A 35 2.26 7.78 1.58
C GLN A 35 3.00 6.84 0.65
N GLY A 36 2.35 6.46 -0.45
CA GLY A 36 2.97 5.57 -1.41
C GLY A 36 2.61 4.12 -1.16
N ASP A 37 2.32 3.79 0.10
CA ASP A 37 1.97 2.43 0.47
C ASP A 37 0.81 1.91 -0.39
N ILE A 38 0.97 0.70 -0.93
CA ILE A 38 -0.05 0.10 -1.76
C ILE A 38 -0.49 -1.25 -1.22
N VAL A 39 -1.80 -1.50 -1.23
CA VAL A 39 -2.33 -2.76 -0.74
C VAL A 39 -3.49 -3.24 -1.62
N GLU A 40 -3.65 -4.56 -1.68
CA GLU A 40 -4.72 -5.15 -2.48
C GLU A 40 -6.02 -5.24 -1.69
N TYR A 41 -7.12 -4.86 -2.33
CA TYR A 41 -8.43 -4.89 -1.68
C TYR A 41 -9.50 -5.38 -2.64
N ASN A 42 -10.06 -6.55 -2.34
CA ASN A 42 -11.09 -7.15 -3.18
C ASN A 42 -10.64 -7.25 -4.63
N GLY A 43 -9.37 -7.60 -4.82
CA GLY A 43 -8.82 -7.72 -6.15
C GLY A 43 -8.49 -6.38 -6.78
N LYS A 44 -8.38 -5.35 -5.93
CA LYS A 44 -8.07 -4.01 -6.41
C LYS A 44 -6.68 -3.59 -5.94
N LEU A 45 -6.31 -2.34 -6.25
CA LEU A 45 -5.01 -1.82 -5.86
C LEU A 45 -5.10 -0.31 -5.56
N TYR A 46 -4.93 0.04 -4.30
CA TYR A 46 -5.00 1.44 -3.89
C TYR A 46 -3.65 1.90 -3.32
N LYS A 47 -3.42 3.21 -3.35
CA LYS A 47 -2.18 3.79 -2.84
C LYS A 47 -2.46 4.98 -1.95
N ALA A 48 -2.00 4.91 -0.71
CA ALA A 48 -2.20 5.98 0.25
C ALA A 48 -1.50 7.26 -0.21
N LYS A 49 -2.29 8.29 -0.49
CA LYS A 49 -1.75 9.57 -0.94
C LYS A 49 -0.81 10.16 0.11
N TYR A 50 -1.27 10.20 1.36
CA TYR A 50 -0.47 10.74 2.45
C TYR A 50 -0.65 9.91 3.72
N TRP A 51 0.13 10.24 4.75
CA TRP A 51 0.06 9.53 6.02
C TRP A 51 -1.38 9.44 6.50
N THR A 52 -1.93 8.22 6.53
CA THR A 52 -3.29 8.01 6.98
C THR A 52 -3.52 6.55 7.36
N THR A 53 -4.47 6.33 8.26
CA THR A 53 -4.79 4.97 8.70
C THR A 53 -6.29 4.70 8.61
N SER A 54 -6.67 3.87 7.65
CA SER A 54 -8.07 3.53 7.45
C SER A 54 -8.24 2.62 6.23
N PRO A 55 -9.29 1.78 6.26
CA PRO A 55 -9.58 0.84 5.18
C PRO A 55 -10.06 1.55 3.92
N PRO A 56 -9.86 0.91 2.75
CA PRO A 56 -10.26 1.46 1.46
C PRO A 56 -11.78 1.48 1.30
N SER A 57 -12.30 2.60 0.80
CA SER A 57 -13.74 2.75 0.59
C SER A 57 -14.06 4.13 0.03
N ASP A 58 -13.93 5.15 0.86
CA ASP A 58 -14.20 6.53 0.45
C ASP A 58 -13.18 7.49 1.04
N ASP A 59 -12.43 8.16 0.18
CA ASP A 59 -11.42 9.11 0.62
C ASP A 59 -11.84 10.53 0.28
N PRO A 60 -12.67 11.13 1.13
CA PRO A 60 -13.17 12.50 0.95
C PRO A 60 -12.07 13.54 1.16
N TYR A 61 -10.94 13.10 1.71
CA TYR A 61 -9.83 14.00 1.96
C TYR A 61 -8.62 13.64 1.08
N GLY A 62 -8.77 12.56 0.32
CA GLY A 62 -7.69 12.13 -0.55
C GLY A 62 -6.62 11.33 0.18
N SER A 63 -7.06 10.34 0.95
CA SER A 63 -6.13 9.51 1.71
C SER A 63 -5.71 8.28 0.90
N TRP A 64 -6.42 8.03 -0.19
CA TRP A 64 -6.11 6.90 -1.05
C TRP A 64 -6.22 7.28 -2.52
N GLU A 65 -5.59 6.48 -3.39
CA GLU A 65 -5.60 6.75 -4.82
C GLU A 65 -5.59 5.44 -5.61
N TYR A 66 -6.70 5.15 -6.28
CA TYR A 66 -6.83 3.93 -7.07
C TYR A 66 -5.90 3.97 -8.28
N LEU A 67 -4.88 3.12 -8.27
CA LEU A 67 -3.92 3.06 -9.36
C LEU A 67 -4.30 1.95 -10.36
N GLY A 68 -5.11 1.01 -9.90
CA GLY A 68 -5.53 -0.08 -10.76
C GLY A 68 -6.10 -1.26 -9.98
N GLU A 69 -6.21 -2.41 -10.63
CA GLU A 69 -6.74 -3.60 -10.00
C GLU A 69 -5.70 -4.71 -9.95
N ALA A 70 -5.76 -5.56 -8.94
CA ALA A 70 -4.83 -6.66 -8.78
C ALA A 70 -4.73 -7.48 -10.07
N GLU A 71 -5.88 -7.82 -10.64
CA GLU A 71 -5.93 -8.60 -11.87
C GLU A 71 -6.63 -7.83 -12.98
N PRO A 72 -5.84 -7.33 -13.94
CA PRO A 72 -6.35 -6.55 -15.08
C PRO A 72 -7.15 -7.42 -16.05
N THR A 73 -8.18 -6.83 -16.65
CA THR A 73 -9.01 -7.56 -17.61
C THR A 73 -8.53 -7.33 -19.04
N GLY A 1 21.00 -2.71 5.72
CA GLY A 1 21.71 -1.45 5.88
C GLY A 1 20.97 -0.49 6.78
N PRO A 2 21.65 0.60 7.16
CA PRO A 2 21.08 1.63 8.03
C PRO A 2 19.98 2.44 7.34
N SER A 3 19.05 2.98 8.12
CA SER A 3 17.96 3.77 7.58
C SER A 3 17.92 5.15 8.22
N THR A 4 17.71 6.18 7.39
CA THR A 4 17.65 7.56 7.87
C THR A 4 16.25 8.13 7.71
N SER A 5 15.85 8.38 6.47
CA SER A 5 14.54 8.94 6.18
C SER A 5 13.79 8.07 5.17
N MET A 6 12.54 7.78 5.46
CA MET A 6 11.72 6.96 4.58
C MET A 6 10.25 7.00 5.01
N GLU A 7 9.34 6.82 4.04
CA GLU A 7 7.92 6.83 4.32
C GLU A 7 7.23 5.62 3.70
N ASN A 8 7.49 5.39 2.42
CA ASN A 8 6.89 4.27 1.71
C ASN A 8 7.57 2.96 2.10
N LEU A 9 7.30 2.50 3.33
CA LEU A 9 7.88 1.27 3.82
C LEU A 9 6.93 0.09 3.61
N VAL A 10 5.90 0.32 2.79
CA VAL A 10 4.93 -0.73 2.50
C VAL A 10 5.61 -2.01 2.04
N SER A 11 6.78 -1.87 1.42
CA SER A 11 7.53 -3.03 0.94
C SER A 11 7.99 -3.90 2.10
N LEU A 12 8.44 -3.26 3.17
CA LEU A 12 8.91 -3.98 4.35
C LEU A 12 7.74 -4.35 5.26
N GLN A 13 6.59 -3.74 5.01
CA GLN A 13 5.40 -4.01 5.82
C GLN A 13 5.13 -5.50 5.90
N ASN A 14 5.21 -6.19 4.76
CA ASN A 14 4.97 -7.62 4.71
C ASN A 14 5.13 -8.15 3.28
N LEU A 15 6.37 -8.45 2.90
CA LEU A 15 6.67 -8.95 1.57
C LEU A 15 8.10 -9.45 1.49
N LEU A 16 8.29 -10.63 0.90
CA LEU A 16 9.62 -11.20 0.75
C LEU A 16 9.92 -11.50 -0.72
N VAL A 17 9.82 -10.48 -1.56
CA VAL A 17 10.08 -10.63 -2.98
C VAL A 17 11.44 -11.27 -3.22
N TYR A 18 11.71 -11.61 -4.48
CA TYR A 18 12.98 -12.24 -4.84
C TYR A 18 13.71 -11.41 -5.90
N VAL A 19 12.94 -10.87 -6.85
CA VAL A 19 13.52 -10.06 -7.92
C VAL A 19 13.00 -8.62 -7.85
N ASN A 20 11.70 -8.48 -7.61
CA ASN A 20 11.09 -7.16 -7.52
C ASN A 20 9.59 -7.28 -7.26
N TRP A 21 8.98 -8.33 -7.82
CA TRP A 21 7.55 -8.55 -7.64
C TRP A 21 7.28 -9.99 -7.19
N SER A 22 6.24 -10.16 -6.38
CA SER A 22 5.87 -11.47 -5.88
C SER A 22 4.59 -11.42 -5.06
N SER A 23 3.46 -11.27 -5.73
CA SER A 23 2.17 -11.19 -5.07
C SER A 23 2.19 -10.13 -3.96
N TYR A 24 1.89 -8.89 -4.33
CA TYR A 24 1.88 -7.80 -3.37
C TYR A 24 1.05 -8.15 -2.14
N PRO A 25 1.33 -7.47 -1.02
CA PRO A 25 0.62 -7.69 0.25
C PRO A 25 -0.83 -7.21 0.19
N LYS A 26 -1.62 -7.64 1.16
CA LYS A 26 -3.02 -7.26 1.23
C LYS A 26 -3.25 -6.22 2.32
N TYR A 27 -4.36 -5.50 2.23
CA TYR A 27 -4.69 -4.47 3.20
C TYR A 27 -4.62 -5.03 4.62
N GLU A 28 -3.71 -4.47 5.42
CA GLU A 28 -3.54 -4.91 6.79
C GLU A 28 -4.15 -3.90 7.77
N PRO A 29 -5.37 -4.21 8.24
CA PRO A 29 -6.08 -3.34 9.18
C PRO A 29 -5.45 -3.33 10.56
N GLY A 30 -5.19 -2.13 11.08
CA GLY A 30 -4.57 -2.00 12.39
C GLY A 30 -3.11 -1.62 12.31
N LYS A 31 -2.72 -1.02 11.19
CA LYS A 31 -1.34 -0.61 10.99
C LYS A 31 -1.26 0.69 10.20
N GLU A 32 -0.57 1.69 10.75
CA GLU A 32 -0.42 2.97 10.08
C GLU A 32 -0.02 2.80 8.62
N TYR A 33 -0.23 3.84 7.83
CA TYR A 33 0.11 3.80 6.41
C TYR A 33 0.66 5.14 5.94
N ASN A 34 1.91 5.14 5.52
CA ASN A 34 2.56 6.37 5.05
C ASN A 34 2.24 6.62 3.58
N GLN A 35 2.56 7.81 3.10
CA GLN A 35 2.31 8.17 1.71
C GLN A 35 3.11 7.29 0.75
N GLY A 36 2.44 6.81 -0.29
CA GLY A 36 3.11 5.96 -1.26
C GLY A 36 2.84 4.49 -1.03
N ASP A 37 2.48 4.15 0.21
CA ASP A 37 2.19 2.76 0.56
C ASP A 37 1.09 2.18 -0.32
N ILE A 38 1.30 0.97 -0.80
CA ILE A 38 0.33 0.31 -1.66
C ILE A 38 -0.01 -1.08 -1.13
N VAL A 39 -1.31 -1.41 -1.15
CA VAL A 39 -1.76 -2.72 -0.68
C VAL A 39 -2.84 -3.28 -1.61
N GLU A 40 -3.08 -4.59 -1.49
CA GLU A 40 -4.08 -5.25 -2.31
C GLU A 40 -5.34 -5.57 -1.50
N TYR A 41 -6.41 -4.84 -1.77
CA TYR A 41 -7.67 -5.03 -1.05
C TYR A 41 -8.80 -5.34 -2.04
N ASN A 42 -9.51 -6.43 -1.78
CA ASN A 42 -10.62 -6.83 -2.64
C ASN A 42 -10.17 -6.97 -4.08
N GLY A 43 -8.93 -7.41 -4.28
CA GLY A 43 -8.40 -7.58 -5.62
C GLY A 43 -8.09 -6.25 -6.28
N LYS A 44 -7.98 -5.20 -5.49
CA LYS A 44 -7.68 -3.87 -6.02
C LYS A 44 -6.40 -3.32 -5.40
N LEU A 45 -5.67 -2.54 -6.20
CA LEU A 45 -4.42 -1.94 -5.74
C LEU A 45 -4.58 -0.45 -5.47
N TYR A 46 -4.51 -0.07 -4.20
CA TYR A 46 -4.65 1.34 -3.82
C TYR A 46 -3.34 1.88 -3.26
N LYS A 47 -3.17 3.20 -3.35
CA LYS A 47 -1.97 3.85 -2.86
C LYS A 47 -2.32 5.05 -1.99
N ALA A 48 -1.88 5.01 -0.73
CA ALA A 48 -2.14 6.10 0.20
C ALA A 48 -1.48 7.40 -0.26
N LYS A 49 -2.30 8.39 -0.58
CA LYS A 49 -1.80 9.68 -1.05
C LYS A 49 -0.90 10.32 0.01
N TYR A 50 -1.38 10.33 1.25
CA TYR A 50 -0.63 10.92 2.35
C TYR A 50 -0.86 10.14 3.65
N TRP A 51 -0.14 10.51 4.70
CA TRP A 51 -0.26 9.86 5.99
C TRP A 51 -1.73 9.78 6.42
N THR A 52 -2.24 8.56 6.52
CA THR A 52 -3.63 8.34 6.92
C THR A 52 -3.86 6.92 7.40
N THR A 53 -4.86 6.73 8.24
CA THR A 53 -5.18 5.41 8.78
C THR A 53 -6.66 5.09 8.59
N SER A 54 -6.95 4.18 7.67
CA SER A 54 -8.33 3.78 7.40
C SER A 54 -8.38 2.81 6.22
N PRO A 55 -9.40 1.92 6.23
CA PRO A 55 -9.59 0.94 5.16
C PRO A 55 -10.02 1.56 3.85
N PRO A 56 -9.70 0.89 2.73
CA PRO A 56 -10.04 1.37 1.39
C PRO A 56 -11.54 1.30 1.12
N SER A 57 -12.08 2.37 0.55
CA SER A 57 -13.50 2.44 0.25
C SER A 57 -13.87 3.80 -0.35
N ASP A 58 -13.81 4.83 0.48
CA ASP A 58 -14.13 6.18 0.05
C ASP A 58 -13.16 7.20 0.65
N ASP A 59 -12.42 7.88 -0.20
CA ASP A 59 -11.46 8.88 0.24
C ASP A 59 -11.92 10.29 -0.12
N PRO A 60 -12.80 10.86 0.70
CA PRO A 60 -13.34 12.20 0.49
C PRO A 60 -12.30 13.28 0.71
N TYR A 61 -11.18 12.91 1.31
CA TYR A 61 -10.10 13.85 1.58
C TYR A 61 -8.86 13.53 0.74
N GLY A 62 -8.93 12.42 0.00
CA GLY A 62 -7.81 12.02 -0.84
C GLY A 62 -6.75 11.28 -0.05
N SER A 63 -7.16 10.28 0.72
CA SER A 63 -6.23 9.51 1.52
C SER A 63 -5.75 8.28 0.75
N TRP A 64 -6.43 7.96 -0.34
CA TRP A 64 -6.07 6.81 -1.16
C TRP A 64 -6.16 7.15 -2.65
N GLU A 65 -5.48 6.37 -3.47
CA GLU A 65 -5.49 6.60 -4.92
C GLU A 65 -5.41 5.28 -5.67
N TYR A 66 -6.48 4.94 -6.38
CA TYR A 66 -6.54 3.71 -7.16
C TYR A 66 -5.58 3.76 -8.35
N LEU A 67 -4.54 2.95 -8.30
CA LEU A 67 -3.56 2.90 -9.38
C LEU A 67 -3.80 1.70 -10.29
N GLY A 68 -4.68 0.81 -9.86
CA GLY A 68 -4.99 -0.38 -10.64
C GLY A 68 -5.59 -1.48 -9.80
N GLU A 69 -5.77 -2.65 -10.42
CA GLU A 69 -6.34 -3.79 -9.72
C GLU A 69 -5.36 -4.96 -9.69
N ALA A 70 -5.45 -5.78 -8.64
CA ALA A 70 -4.57 -6.93 -8.48
C ALA A 70 -4.57 -7.79 -9.74
N GLU A 71 -5.75 -8.25 -10.14
CA GLU A 71 -5.90 -9.09 -11.32
C GLU A 71 -6.88 -8.46 -12.32
N PRO A 72 -6.33 -7.91 -13.41
CA PRO A 72 -7.14 -7.27 -14.46
C PRO A 72 -7.95 -8.28 -15.25
N THR A 73 -9.05 -7.82 -15.85
CA THR A 73 -9.92 -8.69 -16.64
C THR A 73 -10.08 -8.15 -18.06
N GLY A 1 30.49 2.49 4.25
CA GLY A 1 30.01 1.25 3.65
C GLY A 1 28.73 1.44 2.86
N PRO A 2 28.09 0.32 2.47
CA PRO A 2 26.86 0.35 1.69
C PRO A 2 25.68 0.85 2.52
N SER A 3 24.61 1.25 1.83
CA SER A 3 23.41 1.75 2.50
C SER A 3 22.25 1.90 1.51
N THR A 4 21.07 1.49 1.94
CA THR A 4 19.88 1.57 1.09
C THR A 4 18.62 1.21 1.87
N SER A 5 17.61 2.07 1.79
CA SER A 5 16.35 1.83 2.49
C SER A 5 15.17 1.92 1.52
N MET A 6 13.97 1.77 2.07
CA MET A 6 12.75 1.83 1.26
C MET A 6 12.15 3.23 1.28
N GLU A 7 10.98 3.39 0.67
CA GLU A 7 10.30 4.67 0.62
C GLU A 7 8.87 4.56 1.14
N ASN A 8 8.50 3.34 1.53
CA ASN A 8 7.15 3.10 2.05
C ASN A 8 7.14 1.89 2.99
N LEU A 9 6.76 2.12 4.24
CA LEU A 9 6.71 1.04 5.22
C LEU A 9 5.81 -0.09 4.75
N VAL A 10 4.89 0.23 3.84
CA VAL A 10 3.97 -0.76 3.31
C VAL A 10 4.71 -1.99 2.81
N SER A 11 5.94 -1.79 2.36
CA SER A 11 6.76 -2.89 1.84
C SER A 11 7.24 -3.78 2.98
N LEU A 12 7.61 -3.16 4.10
CA LEU A 12 8.08 -3.91 5.26
C LEU A 12 6.95 -4.16 6.25
N GLN A 13 5.72 -4.20 5.73
CA GLN A 13 4.55 -4.44 6.57
C GLN A 13 4.19 -5.93 6.60
N ASN A 14 5.16 -6.76 6.23
CA ASN A 14 4.94 -8.20 6.20
C ASN A 14 6.20 -8.93 5.75
N LEU A 15 6.66 -8.63 4.54
CA LEU A 15 7.85 -9.25 3.98
C LEU A 15 8.92 -8.21 3.71
N LEU A 16 10.13 -8.68 3.40
CA LEU A 16 11.25 -7.79 3.10
C LEU A 16 11.83 -8.10 1.74
N VAL A 17 10.99 -8.06 0.70
CA VAL A 17 11.43 -8.33 -0.66
C VAL A 17 11.69 -7.02 -1.42
N TYR A 18 12.39 -7.14 -2.54
CA TYR A 18 12.71 -5.97 -3.36
C TYR A 18 11.97 -6.03 -4.70
N VAL A 19 12.40 -6.94 -5.57
CA VAL A 19 11.78 -7.09 -6.88
C VAL A 19 10.74 -8.21 -6.86
N ASN A 20 11.01 -9.25 -6.07
CA ASN A 20 10.09 -10.38 -5.96
C ASN A 20 8.88 -10.03 -5.10
N TRP A 21 8.05 -9.11 -5.61
CA TRP A 21 6.86 -8.69 -4.89
C TRP A 21 6.06 -9.89 -4.41
N SER A 22 6.03 -10.94 -5.21
CA SER A 22 5.29 -12.15 -4.87
C SER A 22 3.93 -11.81 -4.28
N SER A 23 3.02 -11.37 -5.13
CA SER A 23 1.67 -11.00 -4.69
C SER A 23 1.73 -9.89 -3.65
N TYR A 24 1.44 -8.67 -4.09
CA TYR A 24 1.45 -7.51 -3.19
C TYR A 24 0.63 -7.79 -1.93
N PRO A 25 0.95 -7.07 -0.85
CA PRO A 25 0.26 -7.21 0.43
C PRO A 25 -1.17 -6.68 0.38
N LYS A 26 -2.11 -7.46 0.90
CA LYS A 26 -3.51 -7.06 0.91
C LYS A 26 -3.78 -6.07 2.04
N TYR A 27 -4.88 -5.34 1.93
CA TYR A 27 -5.25 -4.36 2.94
C TYR A 27 -5.24 -4.98 4.33
N GLU A 28 -4.48 -4.36 5.24
CA GLU A 28 -4.37 -4.85 6.60
C GLU A 28 -5.03 -3.89 7.58
N PRO A 29 -6.29 -4.19 7.95
CA PRO A 29 -7.06 -3.36 8.88
C PRO A 29 -6.52 -3.44 10.31
N GLY A 30 -6.27 -2.27 10.90
CA GLY A 30 -5.75 -2.22 12.26
C GLY A 30 -4.30 -1.79 12.31
N LYS A 31 -3.86 -1.09 11.28
CA LYS A 31 -2.48 -0.62 11.21
C LYS A 31 -2.39 0.65 10.38
N GLU A 32 -1.82 1.71 10.97
CA GLU A 32 -1.66 2.97 10.28
C GLU A 32 -1.06 2.77 8.89
N TYR A 33 -1.21 3.77 8.03
CA TYR A 33 -0.69 3.71 6.67
C TYR A 33 -0.14 5.06 6.24
N ASN A 34 1.17 5.10 6.00
CA ASN A 34 1.82 6.34 5.57
C ASN A 34 1.57 6.61 4.10
N GLN A 35 1.81 7.85 3.67
CA GLN A 35 1.61 8.24 2.28
C GLN A 35 2.45 7.37 1.34
N GLY A 36 1.83 6.91 0.26
CA GLY A 36 2.53 6.08 -0.70
C GLY A 36 2.26 4.60 -0.49
N ASP A 37 1.83 4.25 0.72
CA ASP A 37 1.54 2.85 1.04
C ASP A 37 0.50 2.29 0.08
N ILE A 38 0.79 1.12 -0.47
CA ILE A 38 -0.12 0.46 -1.40
C ILE A 38 -0.47 -0.95 -0.94
N VAL A 39 -1.74 -1.31 -1.04
CA VAL A 39 -2.19 -2.63 -0.63
C VAL A 39 -3.27 -3.16 -1.58
N GLU A 40 -3.49 -4.47 -1.54
CA GLU A 40 -4.49 -5.10 -2.40
C GLU A 40 -5.80 -5.32 -1.64
N TYR A 41 -6.89 -4.83 -2.22
CA TYR A 41 -8.20 -4.96 -1.60
C TYR A 41 -9.28 -5.24 -2.64
N ASN A 42 -10.06 -6.28 -2.41
CA ASN A 42 -11.13 -6.66 -3.34
C ASN A 42 -10.58 -6.89 -4.74
N GLY A 43 -9.31 -7.30 -4.81
CA GLY A 43 -8.69 -7.54 -6.10
C GLY A 43 -8.27 -6.27 -6.81
N LYS A 44 -8.10 -5.19 -6.03
CA LYS A 44 -7.69 -3.91 -6.58
C LYS A 44 -6.40 -3.43 -5.96
N LEU A 45 -5.97 -2.23 -6.33
CA LEU A 45 -4.74 -1.64 -5.81
C LEU A 45 -4.93 -0.17 -5.47
N TYR A 46 -4.90 0.15 -4.19
CA TYR A 46 -5.07 1.53 -3.75
C TYR A 46 -3.79 2.06 -3.09
N LYS A 47 -3.61 3.37 -3.13
CA LYS A 47 -2.43 3.99 -2.54
C LYS A 47 -2.83 5.18 -1.66
N ALA A 48 -2.47 5.12 -0.39
CA ALA A 48 -2.78 6.19 0.55
C ALA A 48 -2.10 7.49 0.14
N LYS A 49 -2.91 8.49 -0.19
CA LYS A 49 -2.38 9.79 -0.61
C LYS A 49 -1.52 10.41 0.50
N TYR A 50 -2.05 10.40 1.72
CA TYR A 50 -1.33 10.95 2.87
C TYR A 50 -1.57 10.11 4.12
N TRP A 51 -0.86 10.44 5.18
CA TRP A 51 -1.00 9.73 6.45
C TRP A 51 -2.47 9.64 6.87
N THR A 52 -3.00 8.43 6.88
CA THR A 52 -4.38 8.21 7.26
C THR A 52 -4.63 6.75 7.66
N THR A 53 -5.67 6.53 8.46
CA THR A 53 -6.01 5.18 8.90
C THR A 53 -7.48 4.87 8.64
N SER A 54 -7.73 4.01 7.67
CA SER A 54 -9.11 3.63 7.32
C SER A 54 -9.12 2.67 6.13
N PRO A 55 -10.14 1.80 6.09
CA PRO A 55 -10.30 0.82 5.01
C PRO A 55 -10.66 1.48 3.69
N PRO A 56 -10.28 0.81 2.58
CA PRO A 56 -10.55 1.30 1.22
C PRO A 56 -12.04 1.24 0.88
N SER A 57 -12.55 2.32 0.30
CA SER A 57 -13.95 2.38 -0.09
C SER A 57 -14.29 3.75 -0.68
N ASP A 58 -14.30 4.77 0.16
CA ASP A 58 -14.61 6.13 -0.29
C ASP A 58 -13.70 7.15 0.40
N ASP A 59 -12.93 7.88 -0.39
CA ASP A 59 -12.01 8.88 0.15
C ASP A 59 -12.50 10.29 -0.20
N PRO A 60 -13.44 10.81 0.60
CA PRO A 60 -14.00 12.15 0.39
C PRO A 60 -13.00 13.25 0.70
N TYR A 61 -11.90 12.88 1.36
CA TYR A 61 -10.87 13.84 1.72
C TYR A 61 -9.58 13.56 0.95
N GLY A 62 -9.58 12.48 0.17
CA GLY A 62 -8.41 12.12 -0.61
C GLY A 62 -7.38 11.36 0.22
N SER A 63 -7.84 10.34 0.92
CA SER A 63 -6.96 9.52 1.75
C SER A 63 -6.42 8.33 0.97
N TRP A 64 -7.05 8.04 -0.16
CA TRP A 64 -6.65 6.91 -1.00
C TRP A 64 -6.67 7.30 -2.47
N GLU A 65 -5.93 6.56 -3.29
CA GLU A 65 -5.86 6.82 -4.72
C GLU A 65 -5.72 5.53 -5.51
N TYR A 66 -6.73 5.23 -6.32
CA TYR A 66 -6.71 4.01 -7.13
C TYR A 66 -5.70 4.12 -8.27
N LEU A 67 -4.64 3.32 -8.18
CA LEU A 67 -3.59 3.32 -9.20
C LEU A 67 -3.80 2.19 -10.20
N GLY A 68 -4.34 1.07 -9.72
CA GLY A 68 -4.59 -0.07 -10.59
C GLY A 68 -5.31 -1.19 -9.87
N GLU A 69 -5.24 -2.39 -10.44
CA GLU A 69 -5.91 -3.56 -9.86
C GLU A 69 -4.93 -4.72 -9.73
N ALA A 70 -5.23 -5.63 -8.82
CA ALA A 70 -4.38 -6.80 -8.59
C ALA A 70 -4.29 -7.66 -9.86
N GLU A 71 -5.40 -7.71 -10.60
CA GLU A 71 -5.44 -8.50 -11.82
C GLU A 71 -5.71 -7.62 -13.04
N PRO A 72 -4.67 -7.38 -13.84
CA PRO A 72 -4.76 -6.55 -15.04
C PRO A 72 -5.59 -7.21 -16.14
N THR A 73 -6.27 -6.39 -16.94
CA THR A 73 -7.09 -6.90 -18.03
C THR A 73 -8.20 -7.80 -17.50
N GLY A 1 24.55 -1.80 3.66
CA GLY A 1 24.19 -1.45 5.02
C GLY A 1 22.77 -0.95 5.13
N PRO A 2 22.39 -0.46 6.32
CA PRO A 2 21.04 0.06 6.58
C PRO A 2 20.78 1.37 5.85
N SER A 3 19.50 1.67 5.64
CA SER A 3 19.11 2.89 4.94
C SER A 3 18.48 3.89 5.91
N THR A 4 18.25 5.11 5.43
CA THR A 4 17.66 6.16 6.25
C THR A 4 16.60 6.93 5.48
N SER A 5 16.95 7.35 4.27
CA SER A 5 16.03 8.10 3.43
C SER A 5 14.94 7.20 2.85
N MET A 6 13.74 7.28 3.43
CA MET A 6 12.62 6.47 2.98
C MET A 6 11.31 6.97 3.58
N GLU A 7 10.22 6.77 2.86
CA GLU A 7 8.89 7.19 3.32
C GLU A 7 7.81 6.24 2.83
N ASN A 8 8.21 5.03 2.45
CA ASN A 8 7.27 4.04 1.96
C ASN A 8 7.73 2.63 2.32
N LEU A 9 7.44 2.22 3.55
CA LEU A 9 7.83 0.89 4.03
C LEU A 9 6.73 -0.13 3.76
N VAL A 10 5.76 0.26 2.93
CA VAL A 10 4.65 -0.62 2.58
C VAL A 10 5.15 -1.96 2.07
N SER A 11 6.32 -1.95 1.43
CA SER A 11 6.90 -3.16 0.89
C SER A 11 7.49 -4.04 2.00
N LEU A 12 8.03 -3.39 3.02
CA LEU A 12 8.62 -4.10 4.15
C LEU A 12 7.61 -4.24 5.29
N GLN A 13 6.32 -4.19 4.95
CA GLN A 13 5.27 -4.31 5.95
C GLN A 13 4.87 -5.77 6.14
N ASN A 14 5.12 -6.59 5.12
CA ASN A 14 4.79 -8.00 5.19
C ASN A 14 5.69 -8.73 6.19
N LEU A 15 6.93 -8.95 5.80
CA LEU A 15 7.89 -9.64 6.67
C LEU A 15 9.25 -9.76 5.99
N LEU A 16 9.35 -10.67 5.04
CA LEU A 16 10.59 -10.89 4.30
C LEU A 16 10.40 -10.65 2.81
N VAL A 17 9.19 -10.92 2.33
CA VAL A 17 8.87 -10.73 0.92
C VAL A 17 9.25 -9.34 0.44
N TYR A 18 9.91 -9.27 -0.71
CA TYR A 18 10.34 -7.99 -1.27
C TYR A 18 10.25 -8.00 -2.80
N VAL A 19 9.10 -8.42 -3.31
CA VAL A 19 8.89 -8.49 -4.76
C VAL A 19 7.42 -8.30 -5.10
N ASN A 20 7.13 -7.29 -5.91
CA ASN A 20 5.76 -6.99 -6.32
C ASN A 20 5.70 -6.62 -7.80
N TRP A 21 4.56 -6.90 -8.43
CA TRP A 21 4.37 -6.59 -9.85
C TRP A 21 2.93 -6.84 -10.26
N SER A 22 2.32 -7.87 -9.71
CA SER A 22 0.94 -8.20 -10.03
C SER A 22 0.18 -8.68 -8.78
N SER A 23 0.71 -9.71 -8.14
CA SER A 23 0.09 -10.26 -6.94
C SER A 23 0.55 -9.50 -5.70
N TYR A 24 0.41 -8.18 -5.74
CA TYR A 24 0.81 -7.33 -4.62
C TYR A 24 0.22 -7.85 -3.32
N PRO A 25 0.83 -7.45 -2.19
CA PRO A 25 0.38 -7.86 -0.85
C PRO A 25 -0.95 -7.22 -0.47
N LYS A 26 -1.87 -8.03 0.04
CA LYS A 26 -3.18 -7.56 0.45
C LYS A 26 -3.07 -6.56 1.60
N TYR A 27 -3.96 -5.58 1.61
CA TYR A 27 -3.96 -4.56 2.66
C TYR A 27 -3.88 -5.21 4.04
N GLU A 28 -2.97 -4.70 4.87
CA GLU A 28 -2.79 -5.22 6.23
C GLU A 28 -3.18 -4.18 7.27
N PRO A 29 -4.34 -4.38 7.90
CA PRO A 29 -4.85 -3.46 8.93
C PRO A 29 -4.04 -3.52 10.22
N GLY A 30 -3.69 -2.35 10.74
CA GLY A 30 -2.90 -2.30 11.97
C GLY A 30 -1.47 -1.85 11.72
N LYS A 31 -1.26 -1.15 10.61
CA LYS A 31 0.07 -0.66 10.26
C LYS A 31 -0.01 0.71 9.58
N GLU A 32 0.67 1.69 10.15
CA GLU A 32 0.67 3.04 9.61
C GLU A 32 1.02 3.02 8.12
N TYR A 33 0.27 3.81 7.33
CA TYR A 33 0.50 3.87 5.90
C TYR A 33 0.80 5.31 5.47
N ASN A 34 2.05 5.57 5.12
CA ASN A 34 2.46 6.90 4.69
C ASN A 34 2.12 7.12 3.23
N GLN A 35 2.34 8.34 2.75
CA GLN A 35 2.05 8.69 1.36
C GLN A 35 2.91 7.88 0.40
N GLY A 36 2.29 7.37 -0.66
CA GLY A 36 3.01 6.58 -1.63
C GLY A 36 2.85 5.10 -1.42
N ASP A 37 2.50 4.72 -0.19
CA ASP A 37 2.31 3.31 0.15
C ASP A 37 1.23 2.68 -0.73
N ILE A 38 1.55 1.52 -1.31
CA ILE A 38 0.60 0.82 -2.17
C ILE A 38 0.32 -0.58 -1.65
N VAL A 39 -0.94 -0.99 -1.71
CA VAL A 39 -1.34 -2.31 -1.24
C VAL A 39 -2.48 -2.87 -2.08
N GLU A 40 -2.53 -4.19 -2.20
CA GLU A 40 -3.58 -4.85 -2.99
C GLU A 40 -4.84 -5.07 -2.14
N TYR A 41 -5.98 -5.13 -2.81
CA TYR A 41 -7.25 -5.33 -2.12
C TYR A 41 -8.27 -5.98 -3.05
N ASN A 42 -8.63 -7.23 -2.75
CA ASN A 42 -9.61 -7.96 -3.55
C ASN A 42 -9.18 -7.99 -5.01
N GLY A 43 -7.87 -7.89 -5.24
CA GLY A 43 -7.36 -7.92 -6.60
C GLY A 43 -7.25 -6.53 -7.21
N LYS A 44 -7.23 -5.51 -6.35
CA LYS A 44 -7.12 -4.14 -6.80
C LYS A 44 -5.78 -3.53 -6.37
N LEU A 45 -5.59 -2.26 -6.72
CA LEU A 45 -4.36 -1.55 -6.37
C LEU A 45 -4.65 -0.12 -5.95
N TYR A 46 -4.32 0.22 -4.70
CA TYR A 46 -4.55 1.56 -4.19
C TYR A 46 -3.24 2.18 -3.69
N LYS A 47 -3.17 3.51 -3.72
CA LYS A 47 -1.99 4.22 -3.28
C LYS A 47 -2.36 5.37 -2.35
N ALA A 48 -1.90 5.30 -1.10
CA ALA A 48 -2.18 6.34 -0.12
C ALA A 48 -1.64 7.69 -0.58
N LYS A 49 -2.56 8.64 -0.82
CA LYS A 49 -2.17 9.98 -1.26
C LYS A 49 -1.32 10.67 -0.21
N TYR A 50 -1.77 10.64 1.04
CA TYR A 50 -1.05 11.27 2.14
C TYR A 50 -1.11 10.42 3.40
N TRP A 51 -0.40 10.85 4.43
CA TRP A 51 -0.38 10.13 5.70
C TRP A 51 -1.79 9.82 6.18
N THR A 52 -2.06 8.55 6.45
CA THR A 52 -3.37 8.13 6.92
C THR A 52 -3.40 6.63 7.24
N THR A 53 -4.28 6.24 8.13
CA THR A 53 -4.40 4.84 8.53
C THR A 53 -5.84 4.37 8.45
N SER A 54 -6.14 3.54 7.46
CA SER A 54 -7.49 3.01 7.27
C SER A 54 -7.56 2.11 6.04
N PRO A 55 -8.46 1.11 6.08
CA PRO A 55 -8.64 0.17 4.98
C PRO A 55 -9.27 0.81 3.75
N PRO A 56 -9.06 0.20 2.59
CA PRO A 56 -9.61 0.70 1.33
C PRO A 56 -11.12 0.54 1.24
N SER A 57 -11.80 1.59 0.81
CA SER A 57 -13.25 1.58 0.69
C SER A 57 -13.78 2.93 0.24
N ASP A 58 -13.67 3.92 1.13
CA ASP A 58 -14.15 5.26 0.83
C ASP A 58 -13.19 6.31 1.38
N ASP A 59 -12.58 7.08 0.48
CA ASP A 59 -11.62 8.11 0.88
C ASP A 59 -12.21 9.50 0.63
N PRO A 60 -13.04 9.98 1.57
CA PRO A 60 -13.68 11.30 1.48
C PRO A 60 -12.68 12.43 1.65
N TYR A 61 -11.51 12.12 2.19
CA TYR A 61 -10.47 13.11 2.41
C TYR A 61 -9.27 12.86 1.51
N GLY A 62 -9.48 12.06 0.47
CA GLY A 62 -8.40 11.74 -0.46
C GLY A 62 -7.25 11.04 0.22
N SER A 63 -7.55 9.98 0.97
CA SER A 63 -6.53 9.22 1.67
C SER A 63 -5.94 8.14 0.77
N TRP A 64 -6.67 7.80 -0.28
CA TRP A 64 -6.21 6.78 -1.23
C TRP A 64 -6.38 7.25 -2.67
N GLU A 65 -5.68 6.60 -3.58
CA GLU A 65 -5.76 6.95 -5.00
C GLU A 65 -5.77 5.70 -5.87
N TYR A 66 -6.91 5.43 -6.50
CA TYR A 66 -7.04 4.28 -7.37
C TYR A 66 -6.05 4.33 -8.53
N LEU A 67 -5.09 3.42 -8.52
CA LEU A 67 -4.07 3.36 -9.56
C LEU A 67 -4.41 2.30 -10.60
N GLY A 68 -5.39 1.45 -10.27
CA GLY A 68 -5.79 0.40 -11.17
C GLY A 68 -6.21 -0.86 -10.44
N GLU A 69 -5.71 -2.01 -10.91
CA GLU A 69 -6.03 -3.28 -10.30
C GLU A 69 -4.83 -4.23 -10.35
N ALA A 70 -4.85 -5.24 -9.48
CA ALA A 70 -3.77 -6.22 -9.44
C ALA A 70 -3.72 -7.06 -10.71
N GLU A 71 -4.90 -7.47 -11.18
CA GLU A 71 -5.00 -8.29 -12.39
C GLU A 71 -5.90 -7.63 -13.42
N PRO A 72 -5.30 -7.05 -14.47
CA PRO A 72 -6.02 -6.38 -15.54
C PRO A 72 -6.82 -7.35 -16.41
N THR A 73 -8.05 -6.97 -16.73
CA THR A 73 -8.91 -7.82 -17.55
C THR A 73 -8.23 -8.19 -18.87
N GLY A 1 26.69 -1.22 6.33
CA GLY A 1 26.65 -0.63 5.00
C GLY A 1 25.81 0.63 4.94
N PRO A 2 25.92 1.37 3.83
CA PRO A 2 25.16 2.61 3.63
C PRO A 2 23.68 2.37 3.44
N SER A 3 22.85 3.25 4.01
CA SER A 3 21.41 3.12 3.90
C SER A 3 20.84 4.12 2.88
N THR A 4 19.73 3.76 2.27
CA THR A 4 19.10 4.61 1.27
C THR A 4 17.84 5.25 1.82
N SER A 5 17.42 6.37 1.21
CA SER A 5 16.22 7.08 1.65
C SER A 5 14.97 6.28 1.33
N MET A 6 13.86 6.64 1.97
CA MET A 6 12.59 5.96 1.75
C MET A 6 11.46 6.67 2.49
N GLU A 7 10.25 6.58 1.93
CA GLU A 7 9.08 7.20 2.54
C GLU A 7 7.85 6.33 2.38
N ASN A 8 8.06 5.07 2.02
CA ASN A 8 6.96 4.13 1.83
C ASN A 8 7.41 2.71 2.19
N LEU A 9 7.22 2.34 3.45
CA LEU A 9 7.59 1.01 3.92
C LEU A 9 6.44 0.03 3.77
N VAL A 10 5.41 0.44 3.03
CA VAL A 10 4.24 -0.40 2.80
C VAL A 10 4.64 -1.79 2.33
N SER A 11 5.77 -1.87 1.62
CA SER A 11 6.26 -3.15 1.11
C SER A 11 6.92 -3.95 2.22
N LEU A 12 7.66 -3.27 3.08
CA LEU A 12 8.35 -3.94 4.19
C LEU A 12 7.36 -4.34 5.27
N GLN A 13 6.15 -3.80 5.20
CA GLN A 13 5.11 -4.12 6.17
C GLN A 13 4.94 -5.63 6.32
N ASN A 14 5.21 -6.36 5.25
CA ASN A 14 5.09 -7.81 5.27
C ASN A 14 5.50 -8.40 3.93
N LEU A 15 6.81 -8.60 3.75
CA LEU A 15 7.33 -9.16 2.51
C LEU A 15 8.85 -9.30 2.58
N LEU A 16 9.32 -10.51 2.83
CA LEU A 16 10.75 -10.78 2.91
C LEU A 16 11.17 -11.86 1.92
N VAL A 17 10.86 -11.64 0.65
CA VAL A 17 11.21 -12.59 -0.40
C VAL A 17 12.51 -12.20 -1.09
N TYR A 18 12.86 -12.93 -2.14
CA TYR A 18 14.08 -12.66 -2.89
C TYR A 18 13.78 -11.96 -4.21
N VAL A 19 12.74 -12.44 -4.90
CA VAL A 19 12.34 -11.85 -6.17
C VAL A 19 11.81 -10.42 -5.98
N ASN A 20 11.54 -10.06 -4.73
CA ASN A 20 11.03 -8.74 -4.41
C ASN A 20 9.68 -8.50 -5.08
N TRP A 21 8.65 -9.18 -4.57
CA TRP A 21 7.30 -9.04 -5.12
C TRP A 21 6.31 -9.91 -4.34
N SER A 22 6.33 -11.22 -4.63
CA SER A 22 5.43 -12.15 -3.97
C SER A 22 4.05 -11.55 -3.81
N SER A 23 3.59 -10.83 -4.82
CA SER A 23 2.28 -10.19 -4.79
C SER A 23 2.24 -9.09 -3.73
N TYR A 24 1.86 -7.89 -4.15
CA TYR A 24 1.78 -6.75 -3.25
C TYR A 24 0.98 -7.10 -2.00
N PRO A 25 1.26 -6.39 -0.89
CA PRO A 25 0.57 -6.60 0.39
C PRO A 25 -0.89 -6.16 0.34
N LYS A 26 -1.77 -7.02 0.83
CA LYS A 26 -3.21 -6.71 0.86
C LYS A 26 -3.54 -5.79 2.03
N TYR A 27 -4.66 -5.08 1.92
CA TYR A 27 -5.10 -4.17 2.97
C TYR A 27 -5.08 -4.85 4.32
N GLU A 28 -4.30 -4.29 5.25
CA GLU A 28 -4.20 -4.85 6.60
C GLU A 28 -4.68 -3.84 7.64
N PRO A 29 -5.86 -4.10 8.21
CA PRO A 29 -6.45 -3.23 9.24
C PRO A 29 -5.69 -3.29 10.56
N GLY A 30 -5.33 -2.11 11.07
CA GLY A 30 -4.59 -2.04 12.32
C GLY A 30 -3.12 -1.74 12.12
N LYS A 31 -2.80 -1.14 10.97
CA LYS A 31 -1.41 -0.81 10.66
C LYS A 31 -1.33 0.56 9.99
N GLU A 32 -0.65 1.50 10.63
CA GLU A 32 -0.49 2.84 10.08
C GLU A 32 -0.08 2.79 8.62
N TYR A 33 -0.62 3.72 7.83
CA TYR A 33 -0.31 3.78 6.41
C TYR A 33 0.16 5.18 6.01
N ASN A 34 1.45 5.32 5.73
CA ASN A 34 2.01 6.60 5.34
C ASN A 34 1.70 6.91 3.88
N GLN A 35 1.72 8.19 3.52
CA GLN A 35 1.43 8.63 2.16
C GLN A 35 2.28 7.84 1.16
N GLY A 36 1.64 7.39 0.09
CA GLY A 36 2.35 6.63 -0.94
C GLY A 36 2.20 5.13 -0.76
N ASP A 37 1.84 4.72 0.45
CA ASP A 37 1.67 3.30 0.75
C ASP A 37 0.59 2.69 -0.14
N ILE A 38 0.90 1.55 -0.76
CA ILE A 38 -0.04 0.88 -1.63
C ILE A 38 -0.38 -0.52 -1.11
N VAL A 39 -1.65 -0.89 -1.18
CA VAL A 39 -2.10 -2.19 -0.73
C VAL A 39 -3.18 -2.76 -1.64
N GLU A 40 -3.21 -4.09 -1.76
CA GLU A 40 -4.19 -4.75 -2.60
C GLU A 40 -5.49 -4.99 -1.84
N TYR A 41 -6.62 -4.78 -2.51
CA TYR A 41 -7.92 -4.97 -1.90
C TYR A 41 -8.94 -5.48 -2.92
N ASN A 42 -9.43 -6.69 -2.69
CA ASN A 42 -10.41 -7.30 -3.58
C ASN A 42 -9.91 -7.30 -5.02
N GLY A 43 -8.61 -7.52 -5.19
CA GLY A 43 -8.02 -7.54 -6.52
C GLY A 43 -7.81 -6.15 -7.07
N LYS A 44 -7.75 -5.16 -6.18
CA LYS A 44 -7.54 -3.78 -6.60
C LYS A 44 -6.22 -3.24 -6.06
N LEU A 45 -5.96 -1.96 -6.33
CA LEU A 45 -4.72 -1.32 -5.86
C LEU A 45 -4.97 0.14 -5.51
N TYR A 46 -4.88 0.46 -4.23
CA TYR A 46 -5.08 1.82 -3.76
C TYR A 46 -3.80 2.41 -3.18
N LYS A 47 -3.71 3.73 -3.16
CA LYS A 47 -2.53 4.41 -2.64
C LYS A 47 -2.94 5.53 -1.69
N ALA A 48 -2.55 5.41 -0.42
CA ALA A 48 -2.87 6.42 0.58
C ALA A 48 -2.30 7.77 0.19
N LYS A 49 -3.18 8.74 -0.06
CA LYS A 49 -2.77 10.08 -0.43
C LYS A 49 -1.89 10.71 0.65
N TYR A 50 -2.36 10.62 1.90
CA TYR A 50 -1.61 11.18 3.03
C TYR A 50 -1.72 10.27 4.24
N TRP A 51 -0.98 10.60 5.29
CA TRP A 51 -0.99 9.82 6.52
C TRP A 51 -2.41 9.59 7.01
N THR A 52 -2.85 8.33 6.96
CA THR A 52 -4.19 7.97 7.39
C THR A 52 -4.31 6.48 7.67
N THR A 53 -5.25 6.12 8.54
CA THR A 53 -5.46 4.72 8.90
C THR A 53 -6.92 4.33 8.75
N SER A 54 -7.22 3.53 7.74
CA SER A 54 -8.58 3.08 7.49
C SER A 54 -8.66 2.21 6.26
N PRO A 55 -9.63 1.27 6.24
CA PRO A 55 -9.83 0.36 5.12
C PRO A 55 -10.36 1.07 3.87
N PRO A 56 -10.06 0.50 2.69
CA PRO A 56 -10.49 1.06 1.40
C PRO A 56 -11.99 0.94 1.20
N SER A 57 -12.61 2.03 0.74
CA SER A 57 -14.06 2.04 0.50
C SER A 57 -14.50 3.41 0.00
N ASP A 58 -14.50 4.39 0.90
CA ASP A 58 -14.90 5.75 0.55
C ASP A 58 -13.99 6.78 1.23
N ASP A 59 -13.28 7.55 0.41
CA ASP A 59 -12.37 8.57 0.93
C ASP A 59 -12.90 9.97 0.63
N PRO A 60 -13.83 10.44 1.47
CA PRO A 60 -14.44 11.76 1.32
C PRO A 60 -13.46 12.89 1.62
N TYR A 61 -12.31 12.53 2.17
CA TYR A 61 -11.28 13.52 2.51
C TYR A 61 -10.04 13.34 1.63
N GLY A 62 -10.06 12.29 0.81
CA GLY A 62 -8.94 12.02 -0.06
C GLY A 62 -7.79 11.32 0.65
N SER A 63 -8.11 10.25 1.36
CA SER A 63 -7.11 9.50 2.11
C SER A 63 -6.56 8.36 1.27
N TRP A 64 -7.20 8.10 0.13
CA TRP A 64 -6.78 7.03 -0.76
C TRP A 64 -6.86 7.47 -2.21
N GLU A 65 -6.15 6.76 -3.08
CA GLU A 65 -6.14 7.08 -4.50
C GLU A 65 -6.00 5.81 -5.35
N TYR A 66 -7.10 5.41 -5.99
CA TYR A 66 -7.09 4.22 -6.82
C TYR A 66 -6.21 4.41 -8.05
N LEU A 67 -5.11 3.69 -8.11
CA LEU A 67 -4.18 3.77 -9.23
C LEU A 67 -4.50 2.72 -10.29
N GLY A 68 -5.12 1.63 -9.85
CA GLY A 68 -5.46 0.55 -10.77
C GLY A 68 -5.87 -0.72 -10.05
N GLU A 69 -5.96 -1.81 -10.80
CA GLU A 69 -6.34 -3.10 -10.22
C GLU A 69 -5.12 -3.99 -10.01
N ALA A 70 -5.25 -4.95 -9.11
CA ALA A 70 -4.15 -5.86 -8.81
C ALA A 70 -3.61 -6.50 -10.10
N GLU A 71 -4.51 -6.98 -10.94
CA GLU A 71 -4.12 -7.61 -12.19
C GLU A 71 -4.62 -6.80 -13.39
N PRO A 72 -3.71 -6.09 -14.06
CA PRO A 72 -4.03 -5.26 -15.22
C PRO A 72 -4.41 -6.11 -16.44
N THR A 73 -5.24 -5.54 -17.32
CA THR A 73 -5.67 -6.24 -18.51
C THR A 73 -4.58 -6.22 -19.58
N GLY A 1 28.16 -2.14 3.26
CA GLY A 1 26.81 -2.24 3.76
C GLY A 1 26.21 -0.89 4.08
N PRO A 2 25.91 -0.11 3.03
CA PRO A 2 25.33 1.23 3.18
C PRO A 2 23.88 1.18 3.67
N SER A 3 23.41 2.29 4.23
CA SER A 3 22.06 2.37 4.75
C SER A 3 21.23 3.37 3.94
N THR A 4 20.11 2.90 3.41
CA THR A 4 19.22 3.75 2.61
C THR A 4 17.83 3.85 3.25
N SER A 5 17.37 5.07 3.47
CA SER A 5 16.08 5.30 4.08
C SER A 5 14.97 5.15 3.04
N MET A 6 13.73 5.46 3.45
CA MET A 6 12.58 5.36 2.56
C MET A 6 11.38 6.08 3.15
N GLU A 7 10.21 5.88 2.53
CA GLU A 7 8.98 6.51 2.99
C GLU A 7 7.77 5.62 2.72
N ASN A 8 8.04 4.34 2.48
CA ASN A 8 6.97 3.39 2.19
C ASN A 8 7.34 2.00 2.70
N LEU A 9 7.04 1.74 3.97
CA LEU A 9 7.33 0.44 4.58
C LEU A 9 6.17 -0.53 4.41
N VAL A 10 5.22 -0.17 3.55
CA VAL A 10 4.06 -1.00 3.29
C VAL A 10 4.47 -2.43 2.97
N SER A 11 5.65 -2.59 2.38
CA SER A 11 6.16 -3.91 2.02
C SER A 11 6.55 -4.69 3.26
N LEU A 12 7.21 -4.03 4.20
CA LEU A 12 7.65 -4.67 5.44
C LEU A 12 6.46 -5.21 6.22
N GLN A 13 5.27 -4.68 5.93
CA GLN A 13 4.05 -5.11 6.60
C GLN A 13 3.77 -6.58 6.31
N ASN A 14 4.41 -7.11 5.28
CA ASN A 14 4.22 -8.51 4.90
C ASN A 14 5.29 -8.94 3.90
N LEU A 15 5.98 -10.04 4.22
CA LEU A 15 7.03 -10.56 3.35
C LEU A 15 8.19 -9.58 3.24
N LEU A 16 9.38 -10.11 3.00
CA LEU A 16 10.57 -9.29 2.87
C LEU A 16 11.26 -9.52 1.53
N VAL A 17 10.48 -9.43 0.45
CA VAL A 17 11.02 -9.63 -0.89
C VAL A 17 12.08 -8.60 -1.22
N TYR A 18 12.53 -8.59 -2.46
CA TYR A 18 13.56 -7.65 -2.90
C TYR A 18 13.77 -7.74 -4.42
N VAL A 19 12.67 -7.86 -5.16
CA VAL A 19 12.73 -7.96 -6.61
C VAL A 19 11.99 -6.80 -7.27
N ASN A 20 10.82 -6.48 -6.74
CA ASN A 20 10.01 -5.40 -7.28
C ASN A 20 8.77 -5.16 -6.42
N TRP A 21 7.83 -6.11 -6.47
CA TRP A 21 6.60 -6.01 -5.70
C TRP A 21 6.23 -7.36 -5.09
N SER A 22 6.49 -8.43 -5.84
CA SER A 22 6.18 -9.77 -5.38
C SER A 22 4.82 -9.81 -4.70
N SER A 23 3.77 -9.56 -5.48
CA SER A 23 2.41 -9.56 -4.95
C SER A 23 2.32 -8.75 -3.66
N TYR A 24 2.06 -7.46 -3.79
CA TYR A 24 1.95 -6.58 -2.63
C TYR A 24 1.01 -7.16 -1.59
N PRO A 25 1.18 -6.72 -0.33
CA PRO A 25 0.35 -7.18 0.79
C PRO A 25 -1.09 -6.67 0.69
N LYS A 26 -2.03 -7.47 1.19
CA LYS A 26 -3.43 -7.10 1.17
C LYS A 26 -3.77 -6.13 2.30
N TYR A 27 -4.84 -5.37 2.13
CA TYR A 27 -5.26 -4.40 3.13
C TYR A 27 -5.35 -5.05 4.50
N GLU A 28 -4.51 -4.58 5.43
CA GLU A 28 -4.50 -5.12 6.79
C GLU A 28 -5.00 -4.08 7.78
N PRO A 29 -6.20 -4.30 8.32
CA PRO A 29 -6.81 -3.40 9.30
C PRO A 29 -6.10 -3.42 10.65
N GLY A 30 -5.72 -2.24 11.14
CA GLY A 30 -5.04 -2.15 12.41
C GLY A 30 -3.56 -1.85 12.25
N LYS A 31 -3.19 -1.28 11.11
CA LYS A 31 -1.81 -0.94 10.83
C LYS A 31 -1.71 0.38 10.08
N GLU A 32 -1.07 1.37 10.71
CA GLU A 32 -0.90 2.68 10.10
C GLU A 32 -0.40 2.56 8.67
N TYR A 33 -0.81 3.48 7.81
CA TYR A 33 -0.40 3.47 6.41
C TYR A 33 0.11 4.85 5.99
N ASN A 34 1.41 4.93 5.73
CA ASN A 34 2.03 6.18 5.32
C ASN A 34 1.74 6.48 3.85
N GLN A 35 2.14 7.66 3.39
CA GLN A 35 1.93 8.06 2.01
C GLN A 35 2.74 7.17 1.06
N GLY A 36 2.10 6.73 -0.02
CA GLY A 36 2.77 5.88 -0.99
C GLY A 36 2.52 4.41 -0.73
N ASP A 37 2.11 4.08 0.48
CA ASP A 37 1.83 2.69 0.84
C ASP A 37 0.76 2.10 -0.06
N ILE A 38 1.03 0.92 -0.61
CA ILE A 38 0.09 0.24 -1.48
C ILE A 38 -0.33 -1.11 -0.91
N VAL A 39 -1.62 -1.42 -1.02
CA VAL A 39 -2.14 -2.68 -0.51
C VAL A 39 -3.20 -3.25 -1.44
N GLU A 40 -3.40 -4.56 -1.38
CA GLU A 40 -4.39 -5.22 -2.23
C GLU A 40 -5.70 -5.44 -1.47
N TYR A 41 -6.79 -4.97 -2.06
CA TYR A 41 -8.10 -5.10 -1.45
C TYR A 41 -9.17 -5.40 -2.49
N ASN A 42 -9.96 -6.45 -2.24
CA ASN A 42 -11.02 -6.84 -3.17
C ASN A 42 -10.45 -7.09 -4.57
N GLY A 43 -9.18 -7.47 -4.63
CA GLY A 43 -8.55 -7.74 -5.90
C GLY A 43 -8.14 -6.46 -6.63
N LYS A 44 -7.98 -5.38 -5.87
CA LYS A 44 -7.60 -4.09 -6.45
C LYS A 44 -6.28 -3.61 -5.85
N LEU A 45 -5.84 -2.43 -6.29
CA LEU A 45 -4.59 -1.85 -5.79
C LEU A 45 -4.77 -0.36 -5.51
N TYR A 46 -4.70 -0.01 -4.23
CA TYR A 46 -4.85 1.38 -3.81
C TYR A 46 -3.57 1.89 -3.17
N LYS A 47 -3.38 3.22 -3.23
CA LYS A 47 -2.19 3.84 -2.66
C LYS A 47 -2.57 5.05 -1.80
N ALA A 48 -2.24 4.99 -0.52
CA ALA A 48 -2.53 6.08 0.39
C ALA A 48 -1.82 7.37 -0.02
N LYS A 49 -2.60 8.38 -0.39
CA LYS A 49 -2.05 9.66 -0.81
C LYS A 49 -1.18 10.26 0.29
N TYR A 50 -1.69 10.25 1.52
CA TYR A 50 -0.96 10.80 2.66
C TYR A 50 -1.22 9.98 3.91
N TRP A 51 -0.55 10.34 4.99
CA TRP A 51 -0.70 9.65 6.27
C TRP A 51 -2.18 9.50 6.64
N THR A 52 -2.68 8.28 6.57
CA THR A 52 -4.08 8.01 6.90
C THR A 52 -4.30 6.54 7.23
N THR A 53 -5.27 6.26 8.09
CA THR A 53 -5.57 4.89 8.49
C THR A 53 -7.06 4.59 8.33
N SER A 54 -7.40 3.78 7.34
CA SER A 54 -8.79 3.42 7.08
C SER A 54 -8.90 2.49 5.87
N PRO A 55 -9.99 1.71 5.83
CA PRO A 55 -10.24 0.76 4.75
C PRO A 55 -10.59 1.47 3.44
N PRO A 56 -10.20 0.85 2.31
CA PRO A 56 -10.47 1.41 0.97
C PRO A 56 -11.95 1.37 0.61
N SER A 57 -12.45 2.47 0.07
CA SER A 57 -13.86 2.57 -0.32
C SER A 57 -14.16 3.95 -0.89
N ASP A 58 -14.16 4.96 -0.03
CA ASP A 58 -14.44 6.33 -0.45
C ASP A 58 -13.50 7.31 0.24
N ASP A 59 -12.69 8.01 -0.54
CA ASP A 59 -11.75 8.98 -0.01
C ASP A 59 -12.17 10.40 -0.37
N PRO A 60 -13.10 10.96 0.42
CA PRO A 60 -13.62 12.32 0.20
C PRO A 60 -12.57 13.39 0.51
N TYR A 61 -11.48 12.98 1.15
CA TYR A 61 -10.41 13.90 1.51
C TYR A 61 -9.14 13.59 0.73
N GLY A 62 -9.18 12.51 -0.06
CA GLY A 62 -8.02 12.12 -0.84
C GLY A 62 -6.99 11.37 -0.03
N SER A 63 -7.44 10.36 0.71
CA SER A 63 -6.54 9.57 1.54
C SER A 63 -6.06 8.32 0.80
N TRP A 64 -6.69 8.05 -0.34
CA TRP A 64 -6.32 6.90 -1.15
C TRP A 64 -6.31 7.24 -2.64
N GLU A 65 -5.62 6.43 -3.43
CA GLU A 65 -5.54 6.66 -4.86
C GLU A 65 -5.44 5.34 -5.63
N TYR A 66 -6.46 5.06 -6.44
CA TYR A 66 -6.49 3.83 -7.21
C TYR A 66 -5.49 3.88 -8.36
N LEU A 67 -4.45 3.05 -8.28
CA LEU A 67 -3.43 3.00 -9.31
C LEU A 67 -3.68 1.86 -10.28
N GLY A 68 -4.25 0.76 -9.77
CA GLY A 68 -4.55 -0.38 -10.62
C GLY A 68 -5.25 -1.49 -9.86
N GLU A 69 -5.19 -2.70 -10.40
CA GLU A 69 -5.84 -3.85 -9.77
C GLU A 69 -4.86 -5.01 -9.62
N ALA A 70 -5.18 -5.94 -8.72
CA ALA A 70 -4.34 -7.10 -8.50
C ALA A 70 -4.35 -8.03 -9.70
N GLU A 71 -5.55 -8.37 -10.17
CA GLU A 71 -5.70 -9.26 -11.31
C GLU A 71 -6.19 -8.49 -12.54
N PRO A 72 -5.26 -8.26 -13.49
CA PRO A 72 -5.58 -7.55 -14.73
C PRO A 72 -6.49 -8.34 -15.66
N THR A 73 -7.48 -7.67 -16.23
CA THR A 73 -8.42 -8.32 -17.13
C THR A 73 -8.35 -7.71 -18.53
N GLY A 1 25.14 1.57 6.13
CA GLY A 1 24.01 2.10 5.39
C GLY A 1 22.74 2.13 6.21
N PRO A 2 22.72 2.97 7.25
CA PRO A 2 21.56 3.10 8.14
C PRO A 2 20.37 3.77 7.45
N SER A 3 19.17 3.42 7.89
CA SER A 3 17.95 3.99 7.31
C SER A 3 17.31 5.00 8.27
N THR A 4 16.56 5.94 7.70
CA THR A 4 15.90 6.96 8.50
C THR A 4 14.43 7.10 8.11
N SER A 5 14.17 7.18 6.80
CA SER A 5 12.82 7.31 6.29
C SER A 5 12.62 6.50 5.01
N MET A 6 11.39 6.47 4.51
CA MET A 6 11.09 5.73 3.30
C MET A 6 9.74 6.16 2.73
N GLU A 7 9.55 5.95 1.43
CA GLU A 7 8.31 6.32 0.76
C GLU A 7 7.44 5.08 0.51
N ASN A 8 7.59 4.08 1.36
CA ASN A 8 6.82 2.85 1.22
C ASN A 8 7.20 1.85 2.30
N LEU A 9 6.32 1.68 3.29
CA LEU A 9 6.57 0.75 4.39
C LEU A 9 6.15 -0.66 4.01
N VAL A 10 5.37 -0.78 2.94
CA VAL A 10 4.91 -2.08 2.48
C VAL A 10 6.07 -3.05 2.30
N SER A 11 7.24 -2.49 1.98
CA SER A 11 8.43 -3.31 1.78
C SER A 11 8.90 -3.91 3.10
N LEU A 12 8.85 -3.13 4.16
CA LEU A 12 9.27 -3.57 5.48
C LEU A 12 8.07 -3.81 6.39
N GLN A 13 6.93 -4.11 5.79
CA GLN A 13 5.70 -4.36 6.54
C GLN A 13 5.62 -5.82 6.97
N ASN A 14 5.96 -6.73 6.05
CA ASN A 14 5.92 -8.16 6.33
C ASN A 14 6.97 -8.89 5.52
N LEU A 15 6.98 -8.66 4.22
CA LEU A 15 7.93 -9.31 3.32
C LEU A 15 8.96 -8.31 2.81
N LEU A 16 10.22 -8.55 3.16
CA LEU A 16 11.31 -7.67 2.74
C LEU A 16 11.78 -8.02 1.33
N VAL A 17 10.84 -8.00 0.38
CA VAL A 17 11.16 -8.32 -1.00
C VAL A 17 10.20 -7.63 -1.96
N TYR A 18 10.65 -7.39 -3.19
CA TYR A 18 9.83 -6.74 -4.19
C TYR A 18 9.29 -7.75 -5.19
N VAL A 19 9.17 -9.01 -4.77
CA VAL A 19 8.66 -10.07 -5.62
C VAL A 19 7.27 -9.72 -6.16
N ASN A 20 6.56 -8.86 -5.44
CA ASN A 20 5.22 -8.44 -5.86
C ASN A 20 5.22 -7.98 -7.31
N TRP A 21 4.06 -8.05 -7.95
CA TRP A 21 3.92 -7.63 -9.33
C TRP A 21 2.45 -7.67 -9.78
N SER A 22 1.73 -8.67 -9.28
CA SER A 22 0.31 -8.82 -9.62
C SER A 22 -0.49 -9.31 -8.42
N SER A 23 -0.01 -10.40 -7.81
CA SER A 23 -0.69 -10.97 -6.65
C SER A 23 -0.23 -10.31 -5.36
N TYR A 24 -0.23 -8.98 -5.36
CA TYR A 24 0.21 -8.22 -4.20
C TYR A 24 -0.52 -8.70 -2.94
N PRO A 25 0.04 -8.37 -1.76
CA PRO A 25 -0.53 -8.75 -0.47
C PRO A 25 -1.82 -8.00 -0.17
N LYS A 26 -2.67 -8.61 0.65
CA LYS A 26 -3.95 -7.99 1.03
C LYS A 26 -3.75 -6.92 2.08
N TYR A 27 -4.49 -5.83 1.96
CA TYR A 27 -4.38 -4.73 2.91
C TYR A 27 -4.52 -5.22 4.35
N GLU A 28 -3.51 -4.95 5.16
CA GLU A 28 -3.51 -5.37 6.55
C GLU A 28 -4.01 -4.26 7.46
N PRO A 29 -5.23 -4.43 7.98
CA PRO A 29 -5.86 -3.44 8.88
C PRO A 29 -5.17 -3.38 10.23
N GLY A 30 -4.79 -2.17 10.65
CA GLY A 30 -4.13 -2.00 11.94
C GLY A 30 -2.66 -1.68 11.78
N LYS A 31 -2.28 -1.15 10.62
CA LYS A 31 -0.89 -0.80 10.36
C LYS A 31 -0.81 0.50 9.56
N GLU A 32 -0.14 1.50 10.14
CA GLU A 32 0.02 2.78 9.47
C GLU A 32 0.50 2.60 8.03
N TYR A 33 0.18 3.57 7.18
CA TYR A 33 0.59 3.52 5.78
C TYR A 33 1.07 4.88 5.30
N ASN A 34 2.36 4.96 4.96
CA ASN A 34 2.94 6.20 4.49
C ASN A 34 2.66 6.40 3.00
N GLN A 35 3.08 7.55 2.47
CA GLN A 35 2.87 7.87 1.06
C GLN A 35 3.69 6.95 0.17
N GLY A 36 3.03 6.36 -0.83
CA GLY A 36 3.71 5.47 -1.74
C GLY A 36 3.40 4.00 -1.47
N ASP A 37 2.97 3.71 -0.24
CA ASP A 37 2.64 2.35 0.15
C ASP A 37 1.55 1.78 -0.77
N ILE A 38 1.78 0.58 -1.27
CA ILE A 38 0.81 -0.08 -2.15
C ILE A 38 0.35 -1.40 -1.56
N VAL A 39 -0.97 -1.61 -1.56
CA VAL A 39 -1.56 -2.83 -1.03
C VAL A 39 -2.78 -3.25 -1.83
N GLU A 40 -2.98 -4.56 -1.96
CA GLU A 40 -4.11 -5.09 -2.71
C GLU A 40 -5.33 -5.26 -1.80
N TYR A 41 -6.52 -5.05 -2.36
CA TYR A 41 -7.75 -5.18 -1.60
C TYR A 41 -8.92 -5.50 -2.53
N ASN A 42 -9.62 -6.59 -2.22
CA ASN A 42 -10.76 -7.03 -3.02
C ASN A 42 -10.36 -7.19 -4.48
N GLY A 43 -9.08 -7.48 -4.72
CA GLY A 43 -8.61 -7.66 -6.07
C GLY A 43 -8.27 -6.35 -6.76
N LYS A 44 -7.99 -5.33 -5.95
CA LYS A 44 -7.65 -4.01 -6.47
C LYS A 44 -6.24 -3.60 -6.04
N LEU A 45 -5.85 -2.39 -6.42
CA LEU A 45 -4.53 -1.87 -6.07
C LEU A 45 -4.59 -0.38 -5.75
N TYR A 46 -4.36 -0.04 -4.49
CA TYR A 46 -4.39 1.36 -4.07
C TYR A 46 -3.02 1.81 -3.56
N LYS A 47 -2.76 3.11 -3.63
CA LYS A 47 -1.49 3.67 -3.18
C LYS A 47 -1.72 4.88 -2.27
N ALA A 48 -1.34 4.73 -1.01
CA ALA A 48 -1.50 5.81 -0.04
C ALA A 48 -0.83 7.09 -0.54
N LYS A 49 -1.62 8.15 -0.66
CA LYS A 49 -1.11 9.44 -1.11
C LYS A 49 -0.24 10.10 -0.05
N TYR A 50 -0.76 10.13 1.19
CA TYR A 50 -0.02 10.73 2.29
C TYR A 50 -0.23 9.94 3.58
N TRP A 51 0.52 10.29 4.61
CA TRP A 51 0.42 9.60 5.89
C TRP A 51 -1.02 9.49 6.35
N THR A 52 -1.54 8.28 6.40
CA THR A 52 -2.92 8.04 6.82
C THR A 52 -3.12 6.59 7.24
N THR A 53 -4.10 6.37 8.13
CA THR A 53 -4.39 5.03 8.61
C THR A 53 -5.89 4.72 8.49
N SER A 54 -6.23 3.86 7.55
CA SER A 54 -7.62 3.49 7.33
C SER A 54 -7.76 2.53 6.15
N PRO A 55 -8.79 1.67 6.20
CA PRO A 55 -9.04 0.68 5.13
C PRO A 55 -9.52 1.34 3.84
N PRO A 56 -9.29 0.65 2.71
CA PRO A 56 -9.69 1.15 1.39
C PRO A 56 -11.20 1.15 1.20
N SER A 57 -11.73 2.25 0.69
CA SER A 57 -13.17 2.37 0.45
C SER A 57 -13.51 3.76 -0.07
N ASP A 58 -13.37 4.77 0.80
CA ASP A 58 -13.67 6.15 0.44
C ASP A 58 -12.64 7.09 1.03
N ASP A 59 -11.90 7.78 0.16
CA ASP A 59 -10.89 8.72 0.61
C ASP A 59 -11.30 10.16 0.30
N PRO A 60 -12.14 10.73 1.18
CA PRO A 60 -12.63 12.11 1.02
C PRO A 60 -11.53 13.14 1.23
N TYR A 61 -10.40 12.70 1.76
CA TYR A 61 -9.27 13.60 2.01
C TYR A 61 -8.09 13.25 1.11
N GLY A 62 -8.24 12.18 0.33
CA GLY A 62 -7.18 11.76 -0.56
C GLY A 62 -6.09 10.98 0.14
N SER A 63 -6.50 9.97 0.91
CA SER A 63 -5.55 9.14 1.65
C SER A 63 -5.09 7.96 0.80
N TRP A 64 -5.80 7.70 -0.29
CA TRP A 64 -5.46 6.60 -1.18
C TRP A 64 -5.55 7.04 -2.64
N GLU A 65 -4.82 6.35 -3.51
CA GLU A 65 -4.82 6.66 -4.93
C GLU A 65 -4.88 5.39 -5.76
N TYR A 66 -6.06 5.10 -6.32
CA TYR A 66 -6.24 3.91 -7.14
C TYR A 66 -5.39 3.97 -8.40
N LEU A 67 -4.40 3.09 -8.48
CA LEU A 67 -3.50 3.05 -9.63
C LEU A 67 -3.91 1.93 -10.58
N GLY A 68 -4.44 0.85 -10.03
CA GLY A 68 -4.87 -0.28 -10.84
C GLY A 68 -5.57 -1.35 -10.04
N GLU A 69 -5.61 -2.57 -10.58
CA GLU A 69 -6.26 -3.68 -9.90
C GLU A 69 -5.33 -4.90 -9.85
N ALA A 70 -5.61 -5.80 -8.91
CA ALA A 70 -4.81 -7.00 -8.75
C ALA A 70 -4.96 -7.92 -9.96
N GLU A 71 -6.18 -8.01 -10.48
CA GLU A 71 -6.46 -8.86 -11.63
C GLU A 71 -6.75 -8.02 -12.87
N PRO A 72 -5.78 -7.96 -13.80
CA PRO A 72 -5.91 -7.19 -15.04
C PRO A 72 -6.92 -7.82 -16.00
N THR A 73 -7.67 -6.96 -16.70
CA THR A 73 -8.68 -7.42 -17.64
C THR A 73 -8.32 -7.00 -19.07
N GLY A 1 25.73 10.05 10.83
CA GLY A 1 24.64 9.51 11.63
C GLY A 1 23.70 8.63 10.82
N PRO A 2 22.54 8.32 11.41
CA PRO A 2 21.53 7.49 10.75
C PRO A 2 20.86 8.18 9.58
N SER A 3 20.43 7.39 8.59
CA SER A 3 19.79 7.94 7.40
C SER A 3 18.50 7.17 7.09
N THR A 4 17.43 7.92 6.83
CA THR A 4 16.14 7.31 6.52
C THR A 4 16.07 6.90 5.05
N SER A 5 15.91 5.59 4.81
CA SER A 5 15.84 5.07 3.46
C SER A 5 14.46 4.50 3.17
N MET A 6 14.16 4.28 1.89
CA MET A 6 12.87 3.75 1.49
C MET A 6 11.74 4.71 1.84
N GLU A 7 10.60 4.56 1.18
CA GLU A 7 9.45 5.42 1.43
C GLU A 7 8.15 4.63 1.29
N ASN A 8 8.26 3.30 1.28
CA ASN A 8 7.09 2.44 1.15
C ASN A 8 7.31 1.12 1.89
N LEU A 9 7.00 1.13 3.19
CA LEU A 9 7.16 -0.07 4.01
C LEU A 9 6.20 -1.17 3.55
N VAL A 10 5.23 -0.80 2.73
CA VAL A 10 4.26 -1.76 2.22
C VAL A 10 4.94 -2.98 1.63
N SER A 11 6.15 -2.77 1.10
CA SER A 11 6.91 -3.85 0.50
C SER A 11 7.50 -4.77 1.56
N LEU A 12 8.01 -4.17 2.64
CA LEU A 12 8.61 -4.93 3.73
C LEU A 12 7.56 -5.27 4.79
N GLN A 13 6.29 -5.02 4.46
CA GLN A 13 5.21 -5.30 5.38
C GLN A 13 4.96 -6.81 5.49
N ASN A 14 5.60 -7.57 4.63
CA ASN A 14 5.46 -9.02 4.63
C ASN A 14 6.81 -9.71 4.50
N LEU A 15 7.37 -9.68 3.29
CA LEU A 15 8.67 -10.30 3.04
C LEU A 15 9.07 -10.13 1.58
N LEU A 16 10.22 -9.49 1.36
CA LEU A 16 10.72 -9.25 0.01
C LEU A 16 12.13 -9.84 -0.15
N VAL A 17 12.25 -11.13 0.12
CA VAL A 17 13.53 -11.82 -0.01
C VAL A 17 13.90 -12.05 -1.47
N TYR A 18 12.88 -12.32 -2.29
CA TYR A 18 13.09 -12.56 -3.71
C TYR A 18 13.49 -11.27 -4.43
N VAL A 19 12.53 -10.37 -4.59
CA VAL A 19 12.78 -9.09 -5.25
C VAL A 19 11.94 -7.98 -4.64
N ASN A 20 11.89 -6.84 -5.33
CA ASN A 20 11.12 -5.70 -4.85
C ASN A 20 9.71 -5.70 -5.45
N TRP A 21 9.13 -6.89 -5.56
CA TRP A 21 7.79 -7.02 -6.13
C TRP A 21 7.36 -8.49 -6.15
N SER A 22 6.14 -8.75 -5.71
CA SER A 22 5.61 -10.11 -5.69
C SER A 22 4.20 -10.14 -5.12
N SER A 23 3.23 -9.71 -5.92
CA SER A 23 1.84 -9.68 -5.49
C SER A 23 1.70 -8.94 -4.16
N TYR A 24 1.51 -7.63 -4.23
CA TYR A 24 1.36 -6.82 -3.02
C TYR A 24 0.33 -7.43 -2.08
N PRO A 25 0.49 -7.15 -0.78
CA PRO A 25 -0.41 -7.66 0.26
C PRO A 25 -1.80 -7.01 0.19
N LYS A 26 -2.75 -7.58 0.93
CA LYS A 26 -4.10 -7.06 0.96
C LYS A 26 -4.30 -6.08 2.12
N TYR A 27 -5.34 -5.27 2.04
CA TYR A 27 -5.64 -4.30 3.08
C TYR A 27 -5.64 -4.95 4.46
N GLU A 28 -4.75 -4.47 5.33
CA GLU A 28 -4.65 -5.02 6.69
C GLU A 28 -4.89 -3.92 7.72
N PRO A 29 -6.06 -3.98 8.38
CA PRO A 29 -6.44 -3.00 9.41
C PRO A 29 -5.61 -3.16 10.67
N GLY A 30 -5.04 -2.04 11.14
CA GLY A 30 -4.22 -2.07 12.34
C GLY A 30 -2.74 -1.97 12.04
N LYS A 31 -2.40 -1.44 10.86
CA LYS A 31 -1.01 -1.29 10.45
C LYS A 31 -0.80 0.03 9.73
N GLU A 32 0.05 0.88 10.30
CA GLU A 32 0.35 2.17 9.69
C GLU A 32 0.65 2.03 8.21
N TYR A 33 0.19 2.99 7.42
CA TYR A 33 0.42 2.97 5.98
C TYR A 33 1.03 4.28 5.50
N ASN A 34 2.30 4.23 5.11
CA ASN A 34 3.01 5.41 4.64
C ASN A 34 2.62 5.73 3.20
N GLN A 35 2.93 6.95 2.76
CA GLN A 35 2.62 7.38 1.41
C GLN A 35 3.25 6.45 0.38
N GLY A 36 2.47 6.08 -0.62
CA GLY A 36 2.96 5.19 -1.66
C GLY A 36 2.58 3.74 -1.42
N ASP A 37 2.29 3.41 -0.16
CA ASP A 37 1.91 2.05 0.19
C ASP A 37 0.71 1.58 -0.62
N ILE A 38 0.80 0.36 -1.15
CA ILE A 38 -0.27 -0.20 -1.96
C ILE A 38 -0.75 -1.52 -1.39
N VAL A 39 -2.07 -1.69 -1.30
CA VAL A 39 -2.65 -2.91 -0.78
C VAL A 39 -3.86 -3.35 -1.61
N GLU A 40 -4.08 -4.66 -1.68
CA GLU A 40 -5.19 -5.20 -2.44
C GLU A 40 -6.47 -5.23 -1.60
N TYR A 41 -7.58 -4.82 -2.20
CA TYR A 41 -8.86 -4.80 -1.51
C TYR A 41 -9.99 -5.23 -2.43
N ASN A 42 -10.61 -6.35 -2.12
CA ASN A 42 -11.71 -6.87 -2.93
C ASN A 42 -11.31 -6.98 -4.40
N GLY A 43 -10.08 -7.46 -4.63
CA GLY A 43 -9.60 -7.60 -5.99
C GLY A 43 -9.23 -6.27 -6.62
N LYS A 44 -9.00 -5.26 -5.78
CA LYS A 44 -8.64 -3.93 -6.26
C LYS A 44 -7.22 -3.58 -5.82
N LEU A 45 -6.81 -2.35 -6.13
CA LEU A 45 -5.47 -1.88 -5.78
C LEU A 45 -5.48 -0.38 -5.49
N TYR A 46 -5.27 -0.02 -4.22
CA TYR A 46 -5.26 1.38 -3.83
C TYR A 46 -3.88 1.78 -3.33
N LYS A 47 -3.59 3.09 -3.39
CA LYS A 47 -2.30 3.60 -2.95
C LYS A 47 -2.49 4.82 -2.05
N ALA A 48 -2.01 4.72 -0.82
CA ALA A 48 -2.12 5.81 0.14
C ALA A 48 -1.35 7.04 -0.34
N LYS A 49 -2.09 8.12 -0.62
CA LYS A 49 -1.48 9.35 -1.09
C LYS A 49 -0.45 9.87 -0.08
N TYR A 50 -0.84 9.90 1.19
CA TYR A 50 0.05 10.36 2.25
C TYR A 50 -0.14 9.55 3.52
N TRP A 51 0.68 9.83 4.52
CA TRP A 51 0.61 9.13 5.79
C TRP A 51 -0.82 9.12 6.33
N THR A 52 -1.35 7.92 6.58
CA THR A 52 -2.70 7.77 7.09
C THR A 52 -3.02 6.32 7.42
N THR A 53 -3.95 6.10 8.33
CA THR A 53 -4.35 4.76 8.73
C THR A 53 -5.86 4.59 8.67
N SER A 54 -6.33 3.83 7.70
CA SER A 54 -7.76 3.60 7.53
C SER A 54 -8.03 2.69 6.33
N PRO A 55 -9.11 1.91 6.40
CA PRO A 55 -9.50 0.99 5.33
C PRO A 55 -10.00 1.73 4.08
N PRO A 56 -9.88 1.08 2.92
CA PRO A 56 -10.31 1.65 1.64
C PRO A 56 -11.83 1.75 1.54
N SER A 57 -12.30 2.90 1.07
CA SER A 57 -13.74 3.13 0.93
C SER A 57 -14.02 4.53 0.41
N ASP A 58 -13.78 5.53 1.26
CA ASP A 58 -14.00 6.92 0.89
C ASP A 58 -12.89 7.82 1.44
N ASP A 59 -12.12 8.41 0.53
CA ASP A 59 -11.03 9.29 0.91
C ASP A 59 -11.34 10.74 0.57
N PRO A 60 -12.12 11.40 1.44
CA PRO A 60 -12.50 12.80 1.25
C PRO A 60 -11.34 13.76 1.42
N TYR A 61 -10.25 13.26 1.99
CA TYR A 61 -9.05 14.07 2.21
C TYR A 61 -7.90 13.59 1.34
N GLY A 62 -8.23 12.80 0.32
CA GLY A 62 -7.20 12.29 -0.57
C GLY A 62 -6.17 11.44 0.16
N SER A 63 -6.66 10.47 0.93
CA SER A 63 -5.78 9.59 1.68
C SER A 63 -5.45 8.34 0.88
N TRP A 64 -6.21 8.10 -0.18
CA TRP A 64 -6.01 6.94 -1.03
C TRP A 64 -6.14 7.31 -2.51
N GLU A 65 -5.58 6.48 -3.38
CA GLU A 65 -5.62 6.72 -4.81
C GLU A 65 -5.70 5.42 -5.59
N TYR A 66 -6.85 5.15 -6.19
CA TYR A 66 -7.05 3.93 -6.96
C TYR A 66 -6.19 3.93 -8.22
N LEU A 67 -5.20 3.03 -8.26
CA LEU A 67 -4.31 2.93 -9.40
C LEU A 67 -4.79 1.86 -10.37
N GLY A 68 -5.57 0.91 -9.87
CA GLY A 68 -6.08 -0.16 -10.70
C GLY A 68 -6.65 -1.31 -9.90
N GLU A 69 -6.88 -2.44 -10.56
CA GLU A 69 -7.43 -3.61 -9.89
C GLU A 69 -6.43 -4.77 -9.90
N ALA A 70 -6.50 -5.60 -8.87
CA ALA A 70 -5.59 -6.74 -8.76
C ALA A 70 -5.61 -7.58 -10.03
N GLU A 71 -6.79 -7.70 -10.63
CA GLU A 71 -6.95 -8.49 -11.86
C GLU A 71 -7.49 -7.61 -12.99
N PRO A 72 -6.60 -7.27 -13.94
CA PRO A 72 -6.96 -6.43 -15.08
C PRO A 72 -7.87 -7.18 -16.07
N THR A 73 -8.70 -6.41 -16.79
CA THR A 73 -9.62 -6.99 -17.75
C THR A 73 -9.24 -6.59 -19.17
N GLY A 1 22.21 -2.55 8.51
CA GLY A 1 23.59 -2.26 8.20
C GLY A 1 23.73 -1.10 7.22
N PRO A 2 23.42 -1.35 5.95
CA PRO A 2 23.51 -0.34 4.90
C PRO A 2 22.45 0.75 5.05
N SER A 3 22.80 1.98 4.66
CA SER A 3 21.88 3.10 4.76
C SER A 3 20.61 2.84 3.96
N THR A 4 19.50 3.42 4.42
CA THR A 4 18.22 3.24 3.74
C THR A 4 17.30 4.43 4.00
N SER A 5 16.70 4.96 2.95
CA SER A 5 15.79 6.09 3.07
C SER A 5 14.66 6.00 2.04
N MET A 6 13.43 5.95 2.54
CA MET A 6 12.26 5.86 1.68
C MET A 6 11.02 6.41 2.37
N GLU A 7 9.86 6.22 1.75
CA GLU A 7 8.61 6.70 2.31
C GLU A 7 7.47 5.72 2.03
N ASN A 8 7.83 4.52 1.61
CA ASN A 8 6.84 3.49 1.29
C ASN A 8 7.27 2.13 1.83
N LEU A 9 7.01 1.89 3.11
CA LEU A 9 7.36 0.62 3.74
C LEU A 9 6.24 -0.39 3.62
N VAL A 10 5.27 -0.09 2.75
CA VAL A 10 4.13 -0.99 2.55
C VAL A 10 4.60 -2.40 2.24
N SER A 11 5.77 -2.52 1.63
CA SER A 11 6.33 -3.83 1.28
C SER A 11 7.13 -4.39 2.44
N LEU A 12 7.77 -3.51 3.20
CA LEU A 12 8.59 -3.92 4.35
C LEU A 12 7.70 -4.34 5.51
N GLN A 13 6.43 -3.95 5.46
CA GLN A 13 5.48 -4.30 6.52
C GLN A 13 5.50 -5.80 6.80
N ASN A 14 5.82 -6.58 5.78
CA ASN A 14 5.87 -8.03 5.91
C ASN A 14 7.04 -8.61 5.14
N LEU A 15 8.03 -9.12 5.86
CA LEU A 15 9.22 -9.70 5.23
C LEU A 15 9.99 -8.66 4.43
N LEU A 16 11.24 -8.96 4.13
CA LEU A 16 12.09 -8.04 3.37
C LEU A 16 12.62 -8.71 2.11
N VAL A 17 12.19 -9.95 1.88
CA VAL A 17 12.62 -10.70 0.71
C VAL A 17 12.23 -9.98 -0.59
N TYR A 18 12.41 -10.65 -1.71
CA TYR A 18 12.08 -10.08 -3.01
C TYR A 18 12.99 -8.89 -3.33
N VAL A 19 13.45 -8.83 -4.58
CA VAL A 19 14.33 -7.75 -5.01
C VAL A 19 13.78 -6.39 -4.59
N ASN A 20 12.46 -6.24 -4.66
CA ASN A 20 11.81 -4.99 -4.28
C ASN A 20 10.30 -5.08 -4.46
N TRP A 21 9.88 -5.81 -5.48
CA TRP A 21 8.46 -5.98 -5.76
C TRP A 21 8.11 -7.45 -5.92
N SER A 22 6.89 -7.81 -5.53
CA SER A 22 6.43 -9.20 -5.62
C SER A 22 5.01 -9.34 -5.09
N SER A 23 4.03 -8.97 -5.92
CA SER A 23 2.63 -9.06 -5.53
C SER A 23 2.41 -8.37 -4.18
N TYR A 24 2.15 -7.07 -4.23
CA TYR A 24 1.91 -6.30 -3.01
C TYR A 24 0.89 -6.99 -2.11
N PRO A 25 0.99 -6.74 -0.81
CA PRO A 25 0.08 -7.33 0.19
C PRO A 25 -1.33 -6.77 0.08
N LYS A 26 -2.27 -7.40 0.79
CA LYS A 26 -3.66 -6.96 0.78
C LYS A 26 -3.94 -6.01 1.93
N TYR A 27 -5.04 -5.27 1.83
CA TYR A 27 -5.42 -4.32 2.87
C TYR A 27 -5.41 -4.98 4.24
N GLU A 28 -4.59 -4.45 5.14
CA GLU A 28 -4.48 -4.99 6.50
C GLU A 28 -4.82 -3.93 7.54
N PRO A 29 -6.00 -4.07 8.15
CA PRO A 29 -6.47 -3.13 9.18
C PRO A 29 -5.67 -3.22 10.47
N GLY A 30 -5.19 -2.08 10.95
CA GLY A 30 -4.41 -2.06 12.17
C GLY A 30 -2.92 -1.85 11.91
N LYS A 31 -2.61 -1.27 10.75
CA LYS A 31 -1.22 -1.01 10.39
C LYS A 31 -1.09 0.34 9.68
N GLU A 32 -0.35 1.25 10.31
CA GLU A 32 -0.14 2.58 9.73
C GLU A 32 0.26 2.49 8.27
N TYR A 33 -0.34 3.33 7.43
CA TYR A 33 -0.06 3.34 6.01
C TYR A 33 0.46 4.70 5.57
N ASN A 34 1.75 4.79 5.28
CA ASN A 34 2.36 6.04 4.85
C ASN A 34 2.06 6.31 3.38
N GLN A 35 2.20 7.58 2.98
CA GLN A 35 1.94 7.97 1.59
C GLN A 35 2.72 7.07 0.62
N GLY A 36 2.04 6.65 -0.43
CA GLY A 36 2.67 5.80 -1.43
C GLY A 36 2.39 4.33 -1.20
N ASP A 37 2.04 3.98 0.04
CA ASP A 37 1.75 2.60 0.39
C ASP A 37 0.62 2.04 -0.48
N ILE A 38 0.84 0.85 -1.04
CA ILE A 38 -0.15 0.23 -1.89
C ILE A 38 -0.57 -1.13 -1.34
N VAL A 39 -1.87 -1.42 -1.39
CA VAL A 39 -2.39 -2.68 -0.89
C VAL A 39 -3.53 -3.19 -1.77
N GLU A 40 -3.69 -4.50 -1.83
CA GLU A 40 -4.73 -5.12 -2.63
C GLU A 40 -6.02 -5.25 -1.84
N TYR A 41 -7.14 -4.89 -2.46
CA TYR A 41 -8.45 -4.97 -1.82
C TYR A 41 -9.53 -5.38 -2.80
N ASN A 42 -10.17 -6.51 -2.53
CA ASN A 42 -11.23 -7.02 -3.39
C ASN A 42 -10.73 -7.17 -4.82
N GLY A 43 -9.47 -7.57 -4.98
CA GLY A 43 -8.89 -7.74 -6.30
C GLY A 43 -8.55 -6.42 -6.95
N LYS A 44 -8.38 -5.38 -6.13
CA LYS A 44 -8.05 -4.05 -6.64
C LYS A 44 -6.68 -3.61 -6.13
N LEU A 45 -6.30 -2.38 -6.46
CA LEU A 45 -5.02 -1.84 -6.03
C LEU A 45 -5.13 -0.34 -5.77
N TYR A 46 -5.01 0.04 -4.50
CA TYR A 46 -5.09 1.45 -4.12
C TYR A 46 -3.77 1.92 -3.51
N LYS A 47 -3.57 3.24 -3.53
CA LYS A 47 -2.35 3.83 -2.99
C LYS A 47 -2.67 5.02 -2.10
N ALA A 48 -2.27 4.94 -0.84
CA ALA A 48 -2.51 6.02 0.12
C ALA A 48 -1.85 7.31 -0.33
N LYS A 49 -2.66 8.32 -0.62
CA LYS A 49 -2.16 9.61 -1.07
C LYS A 49 -1.22 10.22 -0.03
N TYR A 50 -1.65 10.23 1.23
CA TYR A 50 -0.86 10.78 2.31
C TYR A 50 -1.01 9.94 3.57
N TRP A 51 -0.22 10.27 4.60
CA TRP A 51 -0.27 9.54 5.86
C TRP A 51 -1.70 9.42 6.37
N THR A 52 -2.21 8.20 6.39
CA THR A 52 -3.58 7.94 6.85
C THR A 52 -3.77 6.48 7.22
N THR A 53 -4.71 6.23 8.14
CA THR A 53 -4.98 4.86 8.57
C THR A 53 -6.48 4.57 8.50
N SER A 54 -6.86 3.74 7.53
CA SER A 54 -8.26 3.37 7.35
C SER A 54 -8.43 2.46 6.13
N PRO A 55 -9.46 1.59 6.18
CA PRO A 55 -9.75 0.66 5.08
C PRO A 55 -10.28 1.37 3.84
N PRO A 56 -10.05 0.76 2.67
CA PRO A 56 -10.50 1.31 1.39
C PRO A 56 -12.01 1.25 1.24
N SER A 57 -12.59 2.36 0.79
CA SER A 57 -14.04 2.44 0.59
C SER A 57 -14.45 3.83 0.12
N ASP A 58 -14.47 4.78 1.05
CA ASP A 58 -14.83 6.15 0.73
C ASP A 58 -13.88 7.14 1.39
N ASP A 59 -13.00 7.73 0.57
CA ASP A 59 -12.03 8.70 1.07
C ASP A 59 -12.24 10.06 0.43
N PRO A 60 -13.18 10.83 1.00
CA PRO A 60 -13.51 12.18 0.50
C PRO A 60 -12.39 13.18 0.76
N TYR A 61 -11.41 12.76 1.54
CA TYR A 61 -10.27 13.63 1.87
C TYR A 61 -9.03 13.23 1.06
N GLY A 62 -9.24 12.42 0.04
CA GLY A 62 -8.13 11.99 -0.79
C GLY A 62 -7.09 11.21 -0.02
N SER A 63 -7.54 10.21 0.73
CA SER A 63 -6.64 9.39 1.53
C SER A 63 -6.13 8.20 0.73
N TRP A 64 -6.81 7.88 -0.37
CA TRP A 64 -6.42 6.77 -1.21
C TRP A 64 -6.52 7.15 -2.69
N GLU A 65 -5.83 6.40 -3.54
CA GLU A 65 -5.84 6.66 -4.97
C GLU A 65 -5.76 5.36 -5.76
N TYR A 66 -6.81 5.08 -6.54
CA TYR A 66 -6.87 3.87 -7.34
C TYR A 66 -5.90 3.96 -8.52
N LEU A 67 -4.87 3.12 -8.48
CA LEU A 67 -3.87 3.09 -9.54
C LEU A 67 -4.12 1.92 -10.49
N GLY A 68 -5.02 1.03 -10.10
CA GLY A 68 -5.33 -0.12 -10.93
C GLY A 68 -5.95 -1.25 -10.14
N GLU A 69 -6.11 -2.40 -10.78
CA GLU A 69 -6.69 -3.57 -10.13
C GLU A 69 -5.69 -4.71 -10.06
N ALA A 70 -5.87 -5.60 -9.07
CA ALA A 70 -4.98 -6.74 -8.91
C ALA A 70 -4.92 -7.59 -10.18
N GLU A 71 -6.09 -8.04 -10.63
CA GLU A 71 -6.18 -8.85 -11.83
C GLU A 71 -6.97 -8.14 -12.92
N PRO A 72 -6.26 -7.64 -13.94
CA PRO A 72 -6.87 -6.93 -15.07
C PRO A 72 -7.67 -7.86 -15.96
N THR A 73 -8.86 -7.40 -16.38
CA THR A 73 -9.72 -8.18 -17.24
C THR A 73 -9.15 -8.29 -18.65
N GLY A 1 24.22 -4.75 6.88
CA GLY A 1 24.71 -4.27 5.60
C GLY A 1 24.13 -2.91 5.25
N PRO A 2 24.37 -2.48 4.00
CA PRO A 2 23.88 -1.18 3.50
C PRO A 2 22.37 -1.17 3.33
N SER A 3 21.77 0.01 3.50
CA SER A 3 20.32 0.16 3.35
C SER A 3 19.98 1.27 2.36
N THR A 4 18.82 1.15 1.72
CA THR A 4 18.38 2.14 0.76
C THR A 4 17.40 3.13 1.37
N SER A 5 16.86 4.02 0.55
CA SER A 5 15.91 5.02 1.02
C SER A 5 14.54 4.81 0.38
N MET A 6 13.49 5.15 1.11
CA MET A 6 12.12 5.01 0.61
C MET A 6 11.19 5.98 1.31
N GLU A 7 10.01 6.19 0.72
CA GLU A 7 9.01 7.09 1.30
C GLU A 7 7.87 6.31 1.92
N ASN A 8 8.09 5.02 2.17
CA ASN A 8 7.08 4.16 2.76
C ASN A 8 7.61 2.74 2.96
N LEU A 9 7.40 2.20 4.15
CA LEU A 9 7.85 0.85 4.46
C LEU A 9 6.77 -0.18 4.15
N VAL A 10 5.75 0.25 3.40
CA VAL A 10 4.66 -0.63 3.01
C VAL A 10 5.19 -1.92 2.38
N SER A 11 6.35 -1.83 1.76
CA SER A 11 6.96 -2.99 1.10
C SER A 11 7.44 -4.00 2.14
N LEU A 12 8.00 -3.51 3.23
CA LEU A 12 8.48 -4.38 4.30
C LEU A 12 7.51 -4.39 5.47
N GLN A 13 6.29 -3.94 5.24
CA GLN A 13 5.27 -3.90 6.27
C GLN A 13 4.90 -5.31 6.72
N ASN A 14 4.99 -6.26 5.80
CA ASN A 14 4.66 -7.65 6.10
C ASN A 14 5.40 -8.60 5.16
N LEU A 15 5.46 -8.24 3.89
CA LEU A 15 6.14 -9.06 2.89
C LEU A 15 7.64 -8.74 2.85
N LEU A 16 8.45 -9.77 2.96
CA LEU A 16 9.90 -9.61 2.93
C LEU A 16 10.36 -9.01 1.60
N VAL A 17 9.63 -9.32 0.53
CA VAL A 17 9.95 -8.82 -0.79
C VAL A 17 11.28 -9.38 -1.28
N TYR A 18 11.45 -9.46 -2.59
CA TYR A 18 12.68 -9.97 -3.19
C TYR A 18 13.03 -9.21 -4.45
N VAL A 19 12.29 -9.49 -5.53
CA VAL A 19 12.52 -8.84 -6.81
C VAL A 19 12.40 -7.32 -6.68
N ASN A 20 11.30 -6.87 -6.07
CA ASN A 20 11.06 -5.45 -5.88
C ASN A 20 9.77 -5.22 -5.10
N TRP A 21 8.78 -6.07 -5.33
CA TRP A 21 7.50 -5.96 -4.64
C TRP A 21 6.99 -7.34 -4.21
N SER A 22 7.22 -8.34 -5.07
CA SER A 22 6.77 -9.70 -4.78
C SER A 22 5.35 -9.70 -4.22
N SER A 23 4.39 -9.36 -5.07
CA SER A 23 2.98 -9.32 -4.66
C SER A 23 2.81 -8.47 -3.40
N TYR A 24 2.53 -7.19 -3.59
CA TYR A 24 2.35 -6.28 -2.47
C TYR A 24 1.40 -6.88 -1.43
N PRO A 25 1.56 -6.44 -0.17
CA PRO A 25 0.72 -6.91 0.94
C PRO A 25 -0.72 -6.44 0.84
N LYS A 26 -1.64 -7.21 1.40
CA LYS A 26 -3.05 -6.88 1.38
C LYS A 26 -3.40 -5.90 2.50
N TYR A 27 -4.50 -5.17 2.31
CA TYR A 27 -4.93 -4.20 3.31
C TYR A 27 -4.99 -4.82 4.70
N GLU A 28 -4.23 -4.24 5.63
CA GLU A 28 -4.18 -4.74 7.00
C GLU A 28 -4.68 -3.69 7.97
N PRO A 29 -5.89 -3.90 8.52
CA PRO A 29 -6.50 -2.97 9.48
C PRO A 29 -5.78 -2.98 10.83
N GLY A 30 -5.42 -1.80 11.30
CA GLY A 30 -4.73 -1.69 12.58
C GLY A 30 -3.27 -1.34 12.42
N LYS A 31 -2.91 -0.76 11.27
CA LYS A 31 -1.53 -0.38 11.00
C LYS A 31 -1.47 0.96 10.26
N GLU A 32 -0.84 1.95 10.89
CA GLU A 32 -0.72 3.27 10.28
C GLU A 32 -0.23 3.16 8.84
N TYR A 33 -0.82 3.96 7.96
CA TYR A 33 -0.46 3.95 6.55
C TYR A 33 -0.06 5.35 6.09
N ASN A 34 1.23 5.55 5.87
CA ASN A 34 1.74 6.84 5.42
C ASN A 34 1.48 7.05 3.93
N GLN A 35 1.83 8.22 3.43
CA GLN A 35 1.65 8.54 2.02
C GLN A 35 2.56 7.69 1.14
N GLY A 36 2.00 7.09 0.10
CA GLY A 36 2.78 6.26 -0.80
C GLY A 36 2.57 4.77 -0.54
N ASP A 37 2.08 4.44 0.64
CA ASP A 37 1.83 3.05 1.01
C ASP A 37 0.85 2.40 0.04
N ILE A 38 1.18 1.21 -0.43
CA ILE A 38 0.32 0.48 -1.36
C ILE A 38 -0.06 -0.88 -0.80
N VAL A 39 -1.35 -1.20 -0.87
CA VAL A 39 -1.84 -2.49 -0.37
C VAL A 39 -2.92 -3.05 -1.29
N GLU A 40 -2.99 -4.37 -1.38
CA GLU A 40 -3.98 -5.03 -2.22
C GLU A 40 -5.29 -5.21 -1.48
N TYR A 41 -6.40 -5.14 -2.21
CA TYR A 41 -7.72 -5.29 -1.61
C TYR A 41 -8.70 -5.90 -2.61
N ASN A 42 -9.19 -7.10 -2.30
CA ASN A 42 -10.13 -7.79 -3.17
C ASN A 42 -9.58 -7.91 -4.59
N GLY A 43 -8.25 -7.96 -4.70
CA GLY A 43 -7.62 -8.08 -5.99
C GLY A 43 -7.37 -6.74 -6.65
N LYS A 44 -7.37 -5.68 -5.84
CA LYS A 44 -7.14 -4.34 -6.35
C LYS A 44 -5.82 -3.77 -5.82
N LEU A 45 -5.54 -2.51 -6.16
CA LEU A 45 -4.31 -1.87 -5.72
C LEU A 45 -4.56 -0.38 -5.43
N TYR A 46 -4.47 -0.01 -4.16
CA TYR A 46 -4.69 1.36 -3.75
C TYR A 46 -3.41 1.95 -3.15
N LYS A 47 -3.30 3.28 -3.20
CA LYS A 47 -2.13 3.97 -2.66
C LYS A 47 -2.56 5.15 -1.79
N ALA A 48 -2.19 5.12 -0.52
CA ALA A 48 -2.54 6.19 0.41
C ALA A 48 -1.95 7.52 -0.05
N LYS A 49 -2.82 8.46 -0.38
CA LYS A 49 -2.39 9.78 -0.83
C LYS A 49 -1.59 10.51 0.26
N TYR A 50 -2.13 10.50 1.47
CA TYR A 50 -1.48 11.15 2.60
C TYR A 50 -1.68 10.36 3.88
N TRP A 51 -1.05 10.80 4.96
CA TRP A 51 -1.15 10.14 6.25
C TRP A 51 -2.61 9.90 6.61
N THR A 52 -3.02 8.63 6.66
CA THR A 52 -4.38 8.27 7.00
C THR A 52 -4.48 6.82 7.43
N THR A 53 -5.46 6.52 8.28
CA THR A 53 -5.66 5.16 8.77
C THR A 53 -7.11 4.72 8.60
N SER A 54 -7.34 3.82 7.65
CA SER A 54 -8.69 3.32 7.38
C SER A 54 -8.69 2.37 6.19
N PRO A 55 -9.65 1.43 6.18
CA PRO A 55 -9.77 0.44 5.11
C PRO A 55 -10.25 1.07 3.80
N PRO A 56 -9.90 0.42 2.68
CA PRO A 56 -10.27 0.88 1.35
C PRO A 56 -11.77 0.75 1.08
N SER A 57 -12.37 1.80 0.53
CA SER A 57 -13.79 1.80 0.23
C SER A 57 -14.23 3.15 -0.35
N ASP A 58 -14.23 4.18 0.49
CA ASP A 58 -14.62 5.51 0.06
C ASP A 58 -13.72 6.57 0.70
N ASP A 59 -13.00 7.30 -0.14
CA ASP A 59 -12.09 8.34 0.34
C ASP A 59 -12.62 9.73 -0.03
N PRO A 60 -13.56 10.24 0.77
CA PRO A 60 -14.16 11.55 0.56
C PRO A 60 -13.18 12.69 0.80
N TYR A 61 -12.06 12.37 1.42
CA TYR A 61 -11.04 13.37 1.73
C TYR A 61 -9.77 13.12 0.92
N GLY A 62 -9.77 12.03 0.16
CA GLY A 62 -8.61 11.69 -0.65
C GLY A 62 -7.52 11.01 0.15
N SER A 63 -7.89 9.97 0.90
CA SER A 63 -6.93 9.24 1.71
C SER A 63 -6.31 8.09 0.92
N TRP A 64 -6.94 7.74 -0.20
CA TRP A 64 -6.45 6.66 -1.05
C TRP A 64 -6.50 7.06 -2.52
N GLU A 65 -5.75 6.34 -3.35
CA GLU A 65 -5.72 6.62 -4.78
C GLU A 65 -5.55 5.33 -5.59
N TYR A 66 -6.61 4.93 -6.27
CA TYR A 66 -6.59 3.72 -7.07
C TYR A 66 -5.61 3.85 -8.23
N LEU A 67 -4.53 3.07 -8.18
CA LEU A 67 -3.52 3.10 -9.22
C LEU A 67 -3.68 1.93 -10.18
N GLY A 68 -4.54 0.99 -9.81
CA GLY A 68 -4.78 -0.18 -10.63
C GLY A 68 -5.29 -1.37 -9.84
N GLU A 69 -5.29 -2.54 -10.48
CA GLU A 69 -5.76 -3.75 -9.81
C GLU A 69 -4.64 -4.78 -9.71
N ALA A 70 -4.72 -5.63 -8.69
CA ALA A 70 -3.71 -6.66 -8.47
C ALA A 70 -3.49 -7.49 -9.73
N GLU A 71 -4.59 -7.79 -10.43
CA GLU A 71 -4.51 -8.58 -11.66
C GLU A 71 -4.99 -7.77 -12.85
N PRO A 72 -4.02 -7.33 -13.69
CA PRO A 72 -4.32 -6.53 -14.89
C PRO A 72 -5.02 -7.35 -15.96
N THR A 73 -5.99 -6.73 -16.62
CA THR A 73 -6.74 -7.39 -17.68
C THR A 73 -5.93 -7.49 -18.97
N GLY A 1 26.88 -0.23 10.72
CA GLY A 1 26.77 -0.51 9.30
C GLY A 1 26.00 0.57 8.56
N PRO A 2 25.60 0.27 7.31
CA PRO A 2 24.85 1.20 6.48
C PRO A 2 23.42 1.42 6.98
N SER A 3 22.79 2.48 6.49
CA SER A 3 21.42 2.80 6.89
C SER A 3 20.77 3.76 5.91
N THR A 4 19.74 3.29 5.21
CA THR A 4 19.04 4.10 4.23
C THR A 4 17.66 4.50 4.75
N SER A 5 17.22 5.71 4.39
CA SER A 5 15.92 6.21 4.80
C SER A 5 14.81 5.64 3.93
N MET A 6 13.57 5.97 4.29
CA MET A 6 12.42 5.50 3.53
C MET A 6 11.13 6.14 4.04
N GLU A 7 10.18 6.34 3.14
CA GLU A 7 8.90 6.95 3.51
C GLU A 7 7.75 5.97 3.28
N ASN A 8 7.94 5.03 2.36
CA ASN A 8 6.92 4.04 2.06
C ASN A 8 7.46 2.62 2.28
N LEU A 9 7.19 2.07 3.47
CA LEU A 9 7.64 0.73 3.81
C LEU A 9 6.56 -0.30 3.50
N VAL A 10 5.55 0.11 2.74
CA VAL A 10 4.45 -0.77 2.38
C VAL A 10 4.98 -2.08 1.78
N SER A 11 6.14 -2.01 1.15
CA SER A 11 6.75 -3.18 0.53
C SER A 11 7.35 -4.10 1.58
N LEU A 12 8.01 -3.51 2.58
CA LEU A 12 8.62 -4.27 3.66
C LEU A 12 7.69 -4.37 4.86
N GLN A 13 6.41 -4.11 4.63
CA GLN A 13 5.42 -4.16 5.70
C GLN A 13 5.14 -5.61 6.12
N ASN A 14 5.35 -6.54 5.18
CA ASN A 14 5.12 -7.95 5.45
C ASN A 14 5.44 -8.80 4.22
N LEU A 15 6.68 -8.71 3.76
CA LEU A 15 7.11 -9.47 2.59
C LEU A 15 8.58 -9.20 2.28
N LEU A 16 9.43 -10.19 2.57
CA LEU A 16 10.85 -10.06 2.32
C LEU A 16 11.35 -11.19 1.42
N VAL A 17 10.74 -11.31 0.24
CA VAL A 17 11.11 -12.34 -0.72
C VAL A 17 12.37 -11.95 -1.48
N TYR A 18 12.63 -10.64 -1.55
CA TYR A 18 13.80 -10.13 -2.26
C TYR A 18 13.73 -10.47 -3.75
N VAL A 19 12.93 -9.71 -4.48
CA VAL A 19 12.78 -9.93 -5.92
C VAL A 19 11.80 -8.93 -6.53
N ASN A 20 12.20 -8.35 -7.66
CA ASN A 20 11.36 -7.37 -8.35
C ASN A 20 9.94 -7.91 -8.54
N TRP A 21 8.99 -7.32 -7.83
CA TRP A 21 7.60 -7.74 -7.93
C TRP A 21 7.42 -9.17 -7.43
N SER A 22 6.31 -9.44 -6.76
CA SER A 22 6.02 -10.76 -6.24
C SER A 22 4.70 -10.78 -5.49
N SER A 23 3.60 -10.64 -6.22
CA SER A 23 2.27 -10.63 -5.63
C SER A 23 2.19 -9.62 -4.49
N TYR A 24 1.81 -8.39 -4.83
CA TYR A 24 1.70 -7.33 -3.83
C TYR A 24 0.89 -7.79 -2.63
N PRO A 25 1.18 -7.19 -1.46
CA PRO A 25 0.48 -7.53 -0.21
C PRO A 25 -0.98 -7.06 -0.22
N LYS A 26 -1.74 -7.54 0.75
CA LYS A 26 -3.15 -7.16 0.86
C LYS A 26 -3.36 -6.16 1.99
N TYR A 27 -4.47 -5.43 1.92
CA TYR A 27 -4.79 -4.43 2.94
C TYR A 27 -4.64 -5.02 4.34
N GLU A 28 -3.75 -4.44 5.13
CA GLU A 28 -3.51 -4.90 6.49
C GLU A 28 -4.05 -3.89 7.51
N PRO A 29 -5.27 -4.15 8.00
CA PRO A 29 -5.92 -3.28 8.97
C PRO A 29 -5.25 -3.35 10.35
N GLY A 30 -4.95 -2.19 10.91
CA GLY A 30 -4.31 -2.14 12.21
C GLY A 30 -2.85 -1.70 12.12
N LYS A 31 -2.51 -1.02 11.05
CA LYS A 31 -1.15 -0.53 10.85
C LYS A 31 -1.13 0.77 10.05
N GLU A 32 -0.45 1.78 10.59
CA GLU A 32 -0.36 3.07 9.93
C GLU A 32 0.08 2.92 8.49
N TYR A 33 -0.46 3.76 7.61
CA TYR A 33 -0.12 3.72 6.19
C TYR A 33 0.32 5.09 5.69
N ASN A 34 1.61 5.21 5.39
CA ASN A 34 2.16 6.47 4.90
C ASN A 34 1.81 6.68 3.43
N GLN A 35 2.08 7.89 2.94
CA GLN A 35 1.79 8.22 1.55
C GLN A 35 2.59 7.33 0.60
N GLY A 36 1.96 6.92 -0.50
CA GLY A 36 2.63 6.07 -1.46
C GLY A 36 2.38 4.60 -1.22
N ASP A 37 2.05 4.26 0.02
CA ASP A 37 1.78 2.87 0.40
C ASP A 37 0.69 2.28 -0.49
N ILE A 38 0.96 1.10 -1.04
CA ILE A 38 0.00 0.41 -1.89
C ILE A 38 -0.33 -0.97 -1.37
N VAL A 39 -1.61 -1.33 -1.40
CA VAL A 39 -2.06 -2.63 -0.93
C VAL A 39 -3.16 -3.20 -1.82
N GLU A 40 -3.38 -4.50 -1.72
CA GLU A 40 -4.40 -5.16 -2.52
C GLU A 40 -5.62 -5.50 -1.67
N TYR A 41 -6.72 -4.78 -1.88
CA TYR A 41 -7.95 -5.01 -1.14
C TYR A 41 -9.11 -5.32 -2.07
N ASN A 42 -9.77 -6.45 -1.82
CA ASN A 42 -10.90 -6.87 -2.65
C ASN A 42 -10.49 -6.98 -4.11
N GLY A 43 -9.23 -7.33 -4.35
CA GLY A 43 -8.74 -7.47 -5.70
C GLY A 43 -8.46 -6.13 -6.36
N LYS A 44 -8.38 -5.09 -5.55
CA LYS A 44 -8.11 -3.75 -6.06
C LYS A 44 -6.82 -3.19 -5.47
N LEU A 45 -6.09 -2.42 -6.26
CA LEU A 45 -4.85 -1.81 -5.81
C LEU A 45 -5.02 -0.32 -5.53
N TYR A 46 -4.94 0.05 -4.26
CA TYR A 46 -5.09 1.44 -3.85
C TYR A 46 -3.78 2.01 -3.34
N LYS A 47 -3.64 3.33 -3.41
CA LYS A 47 -2.44 4.00 -2.94
C LYS A 47 -2.78 5.18 -2.05
N ALA A 48 -2.33 5.14 -0.80
CA ALA A 48 -2.58 6.21 0.15
C ALA A 48 -1.96 7.52 -0.32
N LYS A 49 -2.81 8.50 -0.60
CA LYS A 49 -2.34 9.80 -1.06
C LYS A 49 -1.43 10.45 -0.02
N TYR A 50 -1.88 10.47 1.23
CA TYR A 50 -1.10 11.05 2.32
C TYR A 50 -1.25 10.23 3.59
N TRP A 51 -0.47 10.60 4.61
CA TRP A 51 -0.51 9.90 5.89
C TRP A 51 -1.95 9.75 6.38
N THR A 52 -2.43 8.51 6.44
CA THR A 52 -3.79 8.24 6.90
C THR A 52 -3.94 6.78 7.31
N THR A 53 -4.87 6.52 8.23
CA THR A 53 -5.11 5.17 8.71
C THR A 53 -6.60 4.82 8.63
N SER A 54 -6.95 3.95 7.68
CA SER A 54 -8.33 3.54 7.50
C SER A 54 -8.46 2.60 6.30
N PRO A 55 -9.47 1.73 6.34
CA PRO A 55 -9.74 0.76 5.27
C PRO A 55 -10.23 1.43 3.99
N PRO A 56 -9.93 0.79 2.84
CA PRO A 56 -10.33 1.31 1.54
C PRO A 56 -11.84 1.22 1.31
N SER A 57 -12.44 2.30 0.81
CA SER A 57 -13.86 2.33 0.55
C SER A 57 -14.29 3.69 0.00
N ASP A 58 -14.22 4.72 0.86
CA ASP A 58 -14.59 6.07 0.45
C ASP A 58 -13.62 7.09 1.04
N ASP A 59 -12.91 7.79 0.16
CA ASP A 59 -11.94 8.80 0.59
C ASP A 59 -12.44 10.20 0.25
N PRO A 60 -13.31 10.75 1.11
CA PRO A 60 -13.87 12.09 0.92
C PRO A 60 -12.84 13.19 1.11
N TYR A 61 -11.68 12.82 1.66
CA TYR A 61 -10.61 13.77 1.90
C TYR A 61 -9.40 13.48 1.01
N GLY A 62 -9.49 12.39 0.26
CA GLY A 62 -8.40 12.02 -0.63
C GLY A 62 -7.29 11.30 0.11
N SER A 63 -7.65 10.29 0.88
CA SER A 63 -6.66 9.53 1.65
C SER A 63 -6.19 8.31 0.86
N TRP A 64 -6.90 7.99 -0.22
CA TRP A 64 -6.56 6.86 -1.06
C TRP A 64 -6.70 7.21 -2.53
N GLU A 65 -6.02 6.45 -3.38
CA GLU A 65 -6.08 6.68 -4.82
C GLU A 65 -6.00 5.37 -5.59
N TYR A 66 -7.09 5.02 -6.27
CA TYR A 66 -7.15 3.78 -7.04
C TYR A 66 -6.27 3.87 -8.29
N LEU A 67 -5.21 3.10 -8.31
CA LEU A 67 -4.28 3.09 -9.44
C LEU A 67 -4.61 1.94 -10.40
N GLY A 68 -5.36 0.96 -9.91
CA GLY A 68 -5.73 -0.17 -10.73
C GLY A 68 -6.22 -1.35 -9.91
N GLU A 69 -6.40 -2.49 -10.57
CA GLU A 69 -6.86 -3.70 -9.89
C GLU A 69 -5.74 -4.73 -9.78
N ALA A 70 -5.85 -5.61 -8.78
CA ALA A 70 -4.85 -6.65 -8.57
C ALA A 70 -4.57 -7.42 -9.86
N GLU A 71 -5.63 -7.87 -10.51
CA GLU A 71 -5.51 -8.61 -11.75
C GLU A 71 -6.09 -7.84 -12.93
N PRO A 72 -5.22 -7.29 -13.77
CA PRO A 72 -5.63 -6.51 -14.95
C PRO A 72 -6.27 -7.38 -16.03
N THR A 73 -7.34 -6.88 -16.63
CA THR A 73 -8.04 -7.61 -17.68
C THR A 73 -7.41 -7.35 -19.04
N GLY A 1 25.70 2.11 11.43
CA GLY A 1 25.80 1.88 10.01
C GLY A 1 25.28 3.05 9.19
N PRO A 2 25.35 2.93 7.86
CA PRO A 2 24.89 3.97 6.94
C PRO A 2 23.37 4.11 6.93
N SER A 3 22.87 5.18 6.32
CA SER A 3 21.44 5.41 6.25
C SER A 3 20.92 5.19 4.83
N THR A 4 19.61 5.25 4.67
CA THR A 4 18.98 5.06 3.37
C THR A 4 17.95 6.13 3.08
N SER A 5 17.62 6.32 1.81
CA SER A 5 16.65 7.33 1.41
C SER A 5 15.30 6.68 1.07
N MET A 6 14.30 6.96 1.88
CA MET A 6 12.97 6.41 1.68
C MET A 6 11.95 7.07 2.59
N GLU A 7 10.73 7.25 2.09
CA GLU A 7 9.67 7.88 2.86
C GLU A 7 8.46 6.96 2.98
N ASN A 8 8.52 5.82 2.29
CA ASN A 8 7.44 4.85 2.32
C ASN A 8 7.98 3.44 2.52
N LEU A 9 7.80 2.90 3.72
CA LEU A 9 8.28 1.56 4.04
C LEU A 9 7.19 0.53 3.78
N VAL A 10 6.14 0.95 3.08
CA VAL A 10 5.02 0.05 2.75
C VAL A 10 5.52 -1.24 2.13
N SER A 11 6.65 -1.17 1.43
CA SER A 11 7.23 -2.34 0.79
C SER A 11 7.83 -3.29 1.82
N LEU A 12 8.52 -2.72 2.81
CA LEU A 12 9.14 -3.51 3.87
C LEU A 12 8.26 -3.56 5.10
N GLN A 13 6.97 -3.33 4.91
CA GLN A 13 6.01 -3.36 6.01
C GLN A 13 5.66 -4.80 6.40
N ASN A 14 5.11 -5.53 5.45
CA ASN A 14 4.73 -6.92 5.68
C ASN A 14 4.13 -7.55 4.43
N LEU A 15 4.93 -8.37 3.75
CA LEU A 15 4.48 -9.04 2.53
C LEU A 15 4.50 -10.56 2.71
N LEU A 16 3.42 -11.21 2.28
CA LEU A 16 3.33 -12.66 2.38
C LEU A 16 3.06 -13.29 1.02
N VAL A 17 3.41 -12.56 -0.03
CA VAL A 17 3.22 -13.04 -1.40
C VAL A 17 4.51 -13.61 -1.96
N TYR A 18 4.42 -14.21 -3.14
CA TYR A 18 5.58 -14.81 -3.80
C TYR A 18 5.34 -14.99 -5.29
N VAL A 19 6.23 -14.44 -6.10
CA VAL A 19 6.11 -14.55 -7.55
C VAL A 19 4.89 -13.78 -8.06
N ASN A 20 5.07 -13.08 -9.17
CA ASN A 20 3.98 -12.31 -9.77
C ASN A 20 3.56 -11.16 -8.85
N TRP A 21 4.47 -10.20 -8.67
CA TRP A 21 4.20 -9.05 -7.82
C TRP A 21 5.38 -8.09 -7.82
N SER A 22 5.19 -6.92 -7.21
CA SER A 22 6.24 -5.91 -7.13
C SER A 22 6.18 -5.15 -5.81
N SER A 23 6.59 -5.82 -4.73
CA SER A 23 6.57 -5.21 -3.41
C SER A 23 5.20 -4.62 -3.10
N TYR A 24 4.15 -5.28 -3.57
CA TYR A 24 2.79 -4.82 -3.34
C TYR A 24 2.03 -5.79 -2.44
N PRO A 25 2.33 -5.74 -1.13
CA PRO A 25 1.69 -6.60 -0.14
C PRO A 25 0.22 -6.24 0.08
N LYS A 26 -0.58 -7.23 0.46
CA LYS A 26 -1.99 -7.01 0.71
C LYS A 26 -2.20 -6.06 1.89
N TYR A 27 -3.30 -5.32 1.85
CA TYR A 27 -3.62 -4.37 2.92
C TYR A 27 -3.51 -5.03 4.29
N GLU A 28 -2.75 -4.41 5.18
CA GLU A 28 -2.56 -4.93 6.52
C GLU A 28 -3.21 -4.01 7.56
N PRO A 29 -4.35 -4.44 8.11
CA PRO A 29 -5.10 -3.68 9.11
C PRO A 29 -4.37 -3.63 10.45
N GLY A 30 -4.19 -2.42 10.98
CA GLY A 30 -3.51 -2.27 12.25
C GLY A 30 -2.11 -1.72 12.09
N LYS A 31 -1.86 -1.06 10.97
CA LYS A 31 -0.54 -0.48 10.71
C LYS A 31 -0.67 0.84 9.95
N GLU A 32 -0.20 1.92 10.58
CA GLU A 32 -0.26 3.24 9.96
C GLU A 32 0.25 3.20 8.53
N TYR A 33 -0.30 4.07 7.69
CA TYR A 33 0.11 4.13 6.28
C TYR A 33 0.40 5.57 5.86
N ASN A 34 1.68 5.86 5.62
CA ASN A 34 2.09 7.20 5.21
C ASN A 34 1.78 7.43 3.74
N GLN A 35 1.70 8.70 3.36
CA GLN A 35 1.40 9.06 1.98
C GLN A 35 2.35 8.35 1.01
N GLY A 36 1.79 7.81 -0.06
CA GLY A 36 2.60 7.10 -1.05
C GLY A 36 2.56 5.60 -0.85
N ASP A 37 2.20 5.16 0.35
CA ASP A 37 2.13 3.75 0.66
C ASP A 37 1.13 3.04 -0.25
N ILE A 38 1.56 1.93 -0.84
CA ILE A 38 0.69 1.16 -1.74
C ILE A 38 0.51 -0.27 -1.23
N VAL A 39 -0.72 -0.76 -1.32
CA VAL A 39 -1.04 -2.12 -0.87
C VAL A 39 -2.10 -2.75 -1.75
N GLU A 40 -2.04 -4.08 -1.89
CA GLU A 40 -3.00 -4.81 -2.71
C GLU A 40 -4.26 -5.13 -1.91
N TYR A 41 -5.39 -5.23 -2.61
CA TYR A 41 -6.66 -5.54 -1.96
C TYR A 41 -7.58 -6.29 -2.92
N ASN A 42 -7.81 -7.57 -2.63
CA ASN A 42 -8.68 -8.40 -3.46
C ASN A 42 -8.20 -8.39 -4.92
N GLY A 43 -6.90 -8.17 -5.11
CA GLY A 43 -6.35 -8.14 -6.45
C GLY A 43 -6.32 -6.75 -7.03
N LYS A 44 -6.45 -5.74 -6.18
CA LYS A 44 -6.44 -4.35 -6.62
C LYS A 44 -5.18 -3.64 -6.15
N LEU A 45 -5.09 -2.35 -6.43
CA LEU A 45 -3.93 -1.56 -6.03
C LEU A 45 -4.34 -0.15 -5.63
N TYR A 46 -4.09 0.20 -4.37
CA TYR A 46 -4.44 1.52 -3.87
C TYR A 46 -3.20 2.25 -3.34
N LYS A 47 -3.26 3.58 -3.35
CA LYS A 47 -2.14 4.40 -2.88
C LYS A 47 -2.63 5.47 -1.92
N ALA A 48 -2.19 5.41 -0.67
CA ALA A 48 -2.58 6.38 0.34
C ALA A 48 -2.16 7.79 -0.07
N LYS A 49 -3.16 8.65 -0.28
CA LYS A 49 -2.89 10.03 -0.67
C LYS A 49 -2.10 10.77 0.41
N TYR A 50 -2.56 10.67 1.65
CA TYR A 50 -1.91 11.32 2.77
C TYR A 50 -1.93 10.43 4.01
N TRP A 51 -1.23 10.86 5.06
CA TRP A 51 -1.17 10.11 6.30
C TRP A 51 -2.57 9.73 6.78
N THR A 52 -2.85 8.43 6.80
CA THR A 52 -4.15 7.93 7.22
C THR A 52 -4.09 6.46 7.59
N THR A 53 -4.99 6.03 8.47
CA THR A 53 -5.03 4.64 8.91
C THR A 53 -6.44 4.06 8.77
N SER A 54 -6.62 3.18 7.78
CA SER A 54 -7.91 2.56 7.54
C SER A 54 -7.86 1.68 6.30
N PRO A 55 -8.69 0.62 6.29
CA PRO A 55 -8.76 -0.32 5.16
C PRO A 55 -9.39 0.31 3.93
N PRO A 56 -9.07 -0.26 2.75
CA PRO A 56 -9.58 0.23 1.47
C PRO A 56 -11.08 -0.05 1.31
N SER A 57 -11.81 0.96 0.84
CA SER A 57 -13.25 0.82 0.65
C SER A 57 -13.85 2.13 0.13
N ASP A 58 -13.93 3.12 1.02
CA ASP A 58 -14.48 4.41 0.66
C ASP A 58 -13.67 5.54 1.28
N ASP A 59 -13.07 6.37 0.45
CA ASP A 59 -12.27 7.50 0.92
C ASP A 59 -12.96 8.82 0.62
N PRO A 60 -13.90 9.21 1.50
CA PRO A 60 -14.65 10.45 1.36
C PRO A 60 -13.79 11.68 1.61
N TYR A 61 -12.60 11.46 2.14
CA TYR A 61 -11.67 12.55 2.43
C TYR A 61 -10.44 12.48 1.53
N GLY A 62 -10.37 11.43 0.72
CA GLY A 62 -9.24 11.26 -0.17
C GLY A 62 -8.03 10.68 0.53
N SER A 63 -8.23 9.60 1.26
CA SER A 63 -7.14 8.95 1.99
C SER A 63 -6.48 7.87 1.13
N TRP A 64 -7.13 7.51 0.03
CA TRP A 64 -6.61 6.50 -0.88
C TRP A 64 -6.80 6.92 -2.33
N GLU A 65 -6.00 6.34 -3.22
CA GLU A 65 -6.08 6.65 -4.64
C GLU A 65 -5.88 5.39 -5.49
N TYR A 66 -6.97 4.91 -6.08
CA TYR A 66 -6.92 3.72 -6.92
C TYR A 66 -6.06 3.95 -8.16
N LEU A 67 -4.91 3.28 -8.21
CA LEU A 67 -4.01 3.42 -9.35
C LEU A 67 -4.27 2.34 -10.40
N GLY A 68 -4.76 1.19 -9.94
CA GLY A 68 -5.06 0.09 -10.85
C GLY A 68 -5.26 -1.22 -10.13
N GLU A 69 -5.09 -2.32 -10.85
CA GLU A 69 -5.28 -3.65 -10.27
C GLU A 69 -3.93 -4.34 -10.07
N ALA A 70 -3.88 -5.28 -9.14
CA ALA A 70 -2.65 -6.02 -8.85
C ALA A 70 -2.04 -6.58 -10.13
N GLU A 71 -2.89 -7.00 -11.05
CA GLU A 71 -2.43 -7.57 -12.32
C GLU A 71 -2.92 -6.72 -13.50
N PRO A 72 -1.99 -5.95 -14.09
CA PRO A 72 -2.30 -5.09 -15.24
C PRO A 72 -2.59 -5.89 -16.51
N THR A 73 -3.57 -5.43 -17.28
CA THR A 73 -3.94 -6.10 -18.52
C THR A 73 -2.83 -6.01 -19.55
N GLY A 1 26.56 6.14 2.93
CA GLY A 1 26.22 5.66 4.25
C GLY A 1 24.82 5.08 4.32
N PRO A 2 24.43 4.58 5.51
CA PRO A 2 23.11 4.00 5.73
C PRO A 2 22.00 5.03 5.69
N SER A 3 20.81 4.61 5.24
CA SER A 3 19.67 5.51 5.16
C SER A 3 18.92 5.56 6.48
N THR A 4 17.91 6.43 6.56
CA THR A 4 17.12 6.58 7.78
C THR A 4 15.74 7.17 7.45
N SER A 5 15.74 8.22 6.65
CA SER A 5 14.49 8.88 6.27
C SER A 5 13.75 8.08 5.21
N MET A 6 12.56 7.60 5.56
CA MET A 6 11.74 6.81 4.63
C MET A 6 10.35 6.58 5.20
N GLU A 7 9.34 6.99 4.46
CA GLU A 7 7.96 6.83 4.89
C GLU A 7 7.29 5.69 4.13
N ASN A 8 7.50 5.65 2.81
CA ASN A 8 6.91 4.63 1.97
C ASN A 8 7.63 3.30 2.16
N LEU A 9 7.41 2.66 3.31
CA LEU A 9 8.04 1.38 3.61
C LEU A 9 7.13 0.22 3.24
N VAL A 10 6.09 0.52 2.48
CA VAL A 10 5.14 -0.50 2.04
C VAL A 10 5.85 -1.68 1.39
N SER A 11 7.01 -1.41 0.80
CA SER A 11 7.79 -2.44 0.13
C SER A 11 8.23 -3.51 1.14
N LEU A 12 8.59 -3.07 2.34
CA LEU A 12 9.03 -3.98 3.39
C LEU A 12 7.96 -4.14 4.46
N GLN A 13 6.71 -3.93 4.08
CA GLN A 13 5.60 -4.05 5.01
C GLN A 13 5.18 -5.50 5.20
N ASN A 14 5.52 -6.33 4.21
CA ASN A 14 5.19 -7.75 4.28
C ASN A 14 6.44 -8.61 4.09
N LEU A 15 6.93 -8.68 2.86
CA LEU A 15 8.12 -9.46 2.54
C LEU A 15 8.46 -9.36 1.06
N LEU A 16 9.73 -9.04 0.78
CA LEU A 16 10.19 -8.91 -0.60
C LEU A 16 10.09 -10.24 -1.33
N VAL A 17 10.52 -11.31 -0.68
CA VAL A 17 10.47 -12.64 -1.27
C VAL A 17 11.38 -12.73 -2.49
N TYR A 18 11.81 -13.95 -2.80
CA TYR A 18 12.69 -14.17 -3.95
C TYR A 18 11.98 -13.81 -5.25
N VAL A 19 10.69 -14.15 -5.33
CA VAL A 19 9.91 -13.87 -6.52
C VAL A 19 9.78 -12.36 -6.76
N ASN A 20 9.95 -11.59 -5.69
CA ASN A 20 9.85 -10.13 -5.78
C ASN A 20 8.45 -9.71 -6.19
N TRP A 21 7.45 -10.38 -5.64
CA TRP A 21 6.05 -10.07 -5.95
C TRP A 21 5.11 -10.90 -5.09
N SER A 22 4.93 -12.16 -5.46
CA SER A 22 4.03 -13.06 -4.72
C SER A 22 2.73 -12.35 -4.36
N SER A 23 2.24 -11.53 -5.28
CA SER A 23 1.00 -10.79 -5.06
C SER A 23 1.17 -9.77 -3.94
N TYR A 24 0.92 -8.51 -4.27
CA TYR A 24 1.05 -7.42 -3.29
C TYR A 24 0.29 -7.75 -2.01
N PRO A 25 0.71 -7.14 -0.90
CA PRO A 25 0.08 -7.35 0.41
C PRO A 25 -1.31 -6.74 0.49
N LYS A 26 -2.27 -7.52 1.01
CA LYS A 26 -3.64 -7.05 1.14
C LYS A 26 -3.75 -5.98 2.22
N TYR A 27 -4.75 -5.12 2.10
CA TYR A 27 -4.96 -4.05 3.07
C TYR A 27 -5.00 -4.61 4.49
N GLU A 28 -4.19 -4.04 5.37
CA GLU A 28 -4.14 -4.48 6.76
C GLU A 28 -4.67 -3.39 7.69
N PRO A 29 -5.88 -3.60 8.21
CA PRO A 29 -6.53 -2.66 9.13
C PRO A 29 -5.85 -2.63 10.50
N GLY A 30 -5.51 -1.42 10.95
CA GLY A 30 -4.86 -1.27 12.23
C GLY A 30 -3.36 -1.04 12.11
N LYS A 31 -2.94 -0.55 10.94
CA LYS A 31 -1.52 -0.28 10.69
C LYS A 31 -1.34 1.02 9.93
N GLU A 32 -0.66 1.97 10.55
CA GLU A 32 -0.41 3.26 9.92
C GLU A 32 0.10 3.09 8.50
N TYR A 33 -0.31 4.00 7.61
CA TYR A 33 0.10 3.94 6.22
C TYR A 33 0.64 5.29 5.75
N ASN A 34 1.94 5.33 5.49
CA ASN A 34 2.59 6.56 5.05
C ASN A 34 2.29 6.83 3.57
N GLN A 35 2.34 8.09 3.18
CA GLN A 35 2.07 8.48 1.80
C GLN A 35 2.92 7.65 0.83
N GLY A 36 2.29 7.18 -0.24
CA GLY A 36 3.00 6.38 -1.23
C GLY A 36 2.79 4.89 -1.02
N ASP A 37 2.41 4.51 0.19
CA ASP A 37 2.16 3.11 0.50
C ASP A 37 1.06 2.53 -0.38
N ILE A 38 1.34 1.37 -0.96
CA ILE A 38 0.36 0.71 -1.83
C ILE A 38 -0.03 -0.66 -1.29
N VAL A 39 -1.32 -0.91 -1.20
CA VAL A 39 -1.83 -2.18 -0.70
C VAL A 39 -2.93 -2.74 -1.61
N GLU A 40 -3.03 -4.05 -1.67
CA GLU A 40 -4.04 -4.71 -2.50
C GLU A 40 -5.36 -4.84 -1.74
N TYR A 41 -6.46 -4.77 -2.48
CA TYR A 41 -7.79 -4.89 -1.88
C TYR A 41 -8.79 -5.47 -2.87
N ASN A 42 -9.24 -6.69 -2.58
CA ASN A 42 -10.20 -7.37 -3.45
C ASN A 42 -9.69 -7.42 -4.89
N GLY A 43 -8.37 -7.53 -5.04
CA GLY A 43 -7.79 -7.59 -6.36
C GLY A 43 -7.56 -6.21 -6.96
N LYS A 44 -7.51 -5.20 -6.10
CA LYS A 44 -7.30 -3.83 -6.55
C LYS A 44 -5.96 -3.30 -6.04
N LEU A 45 -5.68 -2.03 -6.35
CA LEU A 45 -4.44 -1.41 -5.92
C LEU A 45 -4.65 0.07 -5.60
N TYR A 46 -4.53 0.41 -4.32
CA TYR A 46 -4.71 1.79 -3.87
C TYR A 46 -3.43 2.35 -3.28
N LYS A 47 -3.30 3.67 -3.29
CA LYS A 47 -2.11 4.33 -2.75
C LYS A 47 -2.51 5.46 -1.80
N ALA A 48 -2.08 5.35 -0.54
CA ALA A 48 -2.39 6.36 0.46
C ALA A 48 -1.78 7.71 0.09
N LYS A 49 -2.63 8.70 -0.16
CA LYS A 49 -2.17 10.03 -0.52
C LYS A 49 -1.28 10.62 0.55
N TYR A 50 -1.71 10.48 1.81
CA TYR A 50 -0.94 11.00 2.93
C TYR A 50 -1.05 10.07 4.14
N TRP A 51 -0.37 10.43 5.23
CA TRP A 51 -0.41 9.64 6.45
C TRP A 51 -1.83 9.45 6.94
N THR A 52 -2.34 8.23 6.85
CA THR A 52 -3.69 7.93 7.29
C THR A 52 -3.88 6.43 7.50
N THR A 53 -4.70 6.08 8.48
CA THR A 53 -4.97 4.67 8.79
C THR A 53 -6.45 4.36 8.68
N SER A 54 -6.82 3.61 7.64
CA SER A 54 -8.22 3.24 7.42
C SER A 54 -8.35 2.35 6.19
N PRO A 55 -9.39 1.50 6.19
CA PRO A 55 -9.66 0.58 5.08
C PRO A 55 -10.13 1.30 3.83
N PRO A 56 -9.81 0.74 2.65
CA PRO A 56 -10.19 1.31 1.37
C PRO A 56 -11.68 1.21 1.11
N SER A 57 -12.28 2.31 0.64
CA SER A 57 -13.71 2.35 0.35
C SER A 57 -14.11 3.73 -0.16
N ASP A 58 -14.07 4.72 0.72
CA ASP A 58 -14.44 6.08 0.36
C ASP A 58 -13.50 7.09 1.01
N ASP A 59 -12.77 7.83 0.19
CA ASP A 59 -11.84 8.83 0.69
C ASP A 59 -12.33 10.24 0.39
N PRO A 60 -13.23 10.74 1.24
CA PRO A 60 -13.82 12.08 1.08
C PRO A 60 -12.80 13.19 1.36
N TYR A 61 -11.65 12.81 1.92
CA TYR A 61 -10.60 13.76 2.23
C TYR A 61 -9.37 13.53 1.36
N GLY A 62 -9.41 12.45 0.56
CA GLY A 62 -8.30 12.14 -0.31
C GLY A 62 -7.18 11.42 0.42
N SER A 63 -7.53 10.36 1.16
CA SER A 63 -6.55 9.59 1.91
C SER A 63 -6.05 8.40 1.09
N TRP A 64 -6.73 8.14 -0.02
CA TRP A 64 -6.34 7.03 -0.90
C TRP A 64 -6.45 7.43 -2.36
N GLU A 65 -5.72 6.73 -3.21
CA GLU A 65 -5.73 7.01 -4.65
C GLU A 65 -5.62 5.72 -5.46
N TYR A 66 -6.70 5.36 -6.14
CA TYR A 66 -6.73 4.15 -6.95
C TYR A 66 -5.85 4.31 -8.18
N LEU A 67 -4.75 3.55 -8.23
CA LEU A 67 -3.83 3.61 -9.35
C LEU A 67 -4.16 2.53 -10.38
N GLY A 68 -4.82 1.47 -9.92
CA GLY A 68 -5.19 0.39 -10.82
C GLY A 68 -5.61 -0.87 -10.07
N GLU A 69 -5.67 -1.99 -10.78
CA GLU A 69 -6.07 -3.25 -10.18
C GLU A 69 -4.85 -4.14 -9.93
N ALA A 70 -4.98 -5.08 -9.01
CA ALA A 70 -3.89 -5.99 -8.67
C ALA A 70 -3.33 -6.65 -9.93
N GLU A 71 -4.20 -7.29 -10.70
CA GLU A 71 -3.79 -7.96 -11.93
C GLU A 71 -4.58 -7.43 -13.12
N PRO A 72 -3.92 -6.62 -13.96
CA PRO A 72 -4.54 -6.04 -15.16
C PRO A 72 -4.81 -7.08 -16.24
N THR A 73 -5.94 -6.94 -16.91
CA THR A 73 -6.32 -7.87 -17.97
C THR A 73 -5.53 -7.60 -19.24
N GLY A 1 25.48 5.52 14.38
CA GLY A 1 24.03 5.60 14.31
C GLY A 1 23.51 5.70 12.89
N PRO A 2 23.54 4.57 12.18
CA PRO A 2 23.07 4.51 10.79
C PRO A 2 21.56 4.65 10.68
N SER A 3 21.11 5.40 9.67
CA SER A 3 19.69 5.63 9.45
C SER A 3 19.41 6.00 8.01
N THR A 4 18.19 5.72 7.56
CA THR A 4 17.80 6.01 6.18
C THR A 4 16.34 6.47 6.11
N SER A 5 16.12 7.61 5.45
CA SER A 5 14.77 8.15 5.32
C SER A 5 13.96 7.37 4.30
N MET A 6 12.73 7.02 4.67
CA MET A 6 11.85 6.26 3.78
C MET A 6 10.41 6.34 4.25
N GLU A 7 9.48 6.38 3.30
CA GLU A 7 8.06 6.47 3.63
C GLU A 7 7.29 5.34 2.94
N ASN A 8 7.42 5.26 1.62
CA ASN A 8 6.73 4.23 0.85
C ASN A 8 7.41 2.87 1.02
N LEU A 9 7.26 2.30 2.22
CA LEU A 9 7.85 1.00 2.51
C LEU A 9 6.84 -0.13 2.28
N VAL A 10 5.74 0.21 1.62
CA VAL A 10 4.70 -0.78 1.33
C VAL A 10 5.29 -2.02 0.65
N SER A 11 6.39 -1.82 -0.07
CA SER A 11 7.04 -2.92 -0.78
C SER A 11 7.77 -3.83 0.20
N LEU A 12 8.47 -3.23 1.15
CA LEU A 12 9.20 -3.98 2.16
C LEU A 12 8.47 -4.00 3.49
N GLN A 13 7.14 -3.91 3.43
CA GLN A 13 6.32 -3.91 4.63
C GLN A 13 6.29 -5.30 5.27
N ASN A 14 6.47 -6.32 4.45
CA ASN A 14 6.46 -7.70 4.94
C ASN A 14 6.69 -8.68 3.80
N LEU A 15 7.84 -8.54 3.14
CA LEU A 15 8.19 -9.42 2.03
C LEU A 15 9.71 -9.52 1.86
N LEU A 16 10.28 -10.59 2.38
CA LEU A 16 11.73 -10.80 2.28
C LEU A 16 12.04 -12.13 1.60
N VAL A 17 11.53 -12.29 0.38
CA VAL A 17 11.75 -13.52 -0.37
C VAL A 17 12.53 -13.22 -1.66
N TYR A 18 12.67 -14.25 -2.49
CA TYR A 18 13.40 -14.10 -3.76
C TYR A 18 12.45 -14.13 -4.94
N VAL A 19 12.00 -12.95 -5.37
CA VAL A 19 11.09 -12.83 -6.50
C VAL A 19 10.78 -11.37 -6.81
N ASN A 20 10.75 -10.54 -5.77
CA ASN A 20 10.48 -9.11 -5.94
C ASN A 20 9.06 -8.89 -6.45
N TRP A 21 8.10 -9.62 -5.86
CA TRP A 21 6.71 -9.51 -6.26
C TRP A 21 5.81 -10.34 -5.35
N SER A 22 5.78 -11.65 -5.60
CA SER A 22 4.97 -12.56 -4.80
C SER A 22 3.58 -11.97 -4.57
N SER A 23 3.04 -11.30 -5.58
CA SER A 23 1.72 -10.69 -5.48
C SER A 23 1.72 -9.55 -4.48
N TYR A 24 1.31 -8.37 -4.93
CA TYR A 24 1.28 -7.19 -4.07
C TYR A 24 0.55 -7.50 -2.76
N PRO A 25 0.94 -6.79 -1.69
CA PRO A 25 0.33 -6.96 -0.36
C PRO A 25 -1.10 -6.43 -0.31
N LYS A 26 -1.98 -7.22 0.31
CA LYS A 26 -3.38 -6.83 0.44
C LYS A 26 -3.59 -5.91 1.64
N TYR A 27 -4.67 -5.13 1.61
CA TYR A 27 -4.97 -4.21 2.69
C TYR A 27 -4.87 -4.91 4.04
N GLU A 28 -3.99 -4.39 4.90
CA GLU A 28 -3.80 -4.95 6.23
C GLU A 28 -4.10 -3.92 7.31
N PRO A 29 -5.24 -4.12 8.00
CA PRO A 29 -5.68 -3.21 9.08
C PRO A 29 -4.79 -3.32 10.31
N GLY A 30 -4.31 -2.17 10.79
CA GLY A 30 -3.46 -2.15 11.96
C GLY A 30 -2.00 -1.91 11.61
N LYS A 31 -1.76 -1.31 10.45
CA LYS A 31 -0.41 -1.02 10.00
C LYS A 31 -0.33 0.34 9.32
N GLU A 32 0.45 1.24 9.90
CA GLU A 32 0.60 2.59 9.35
C GLU A 32 0.88 2.53 7.86
N TYR A 33 0.24 3.43 7.11
CA TYR A 33 0.42 3.48 5.66
C TYR A 33 0.87 4.86 5.22
N ASN A 34 2.13 4.98 4.82
CA ASN A 34 2.69 6.25 4.37
C ASN A 34 2.23 6.57 2.95
N GLN A 35 2.43 7.81 2.53
CA GLN A 35 2.06 8.24 1.19
C GLN A 35 2.75 7.41 0.12
N GLY A 36 2.00 7.00 -0.89
CA GLY A 36 2.57 6.20 -1.96
C GLY A 36 2.33 4.72 -1.76
N ASP A 37 2.12 4.31 -0.52
CA ASP A 37 1.88 2.91 -0.20
C ASP A 37 0.67 2.37 -0.98
N ILE A 38 0.83 1.18 -1.55
CA ILE A 38 -0.23 0.56 -2.33
C ILE A 38 -0.54 -0.84 -1.82
N VAL A 39 -1.83 -1.15 -1.70
CA VAL A 39 -2.26 -2.46 -1.22
C VAL A 39 -3.45 -2.97 -2.03
N GLU A 40 -3.57 -4.29 -2.12
CA GLU A 40 -4.67 -4.91 -2.87
C GLU A 40 -5.89 -5.10 -1.98
N TYR A 41 -7.05 -4.73 -2.51
CA TYR A 41 -8.30 -4.86 -1.76
C TYR A 41 -9.41 -5.41 -2.65
N ASN A 42 -9.86 -6.62 -2.35
CA ASN A 42 -10.92 -7.27 -3.12
C ASN A 42 -10.58 -7.28 -4.60
N GLY A 43 -9.31 -7.56 -4.92
CA GLY A 43 -8.88 -7.60 -6.29
C GLY A 43 -8.67 -6.22 -6.89
N LYS A 44 -8.57 -5.22 -6.01
CA LYS A 44 -8.36 -3.84 -6.45
C LYS A 44 -6.96 -3.35 -6.09
N LEU A 45 -6.69 -2.08 -6.38
CA LEU A 45 -5.40 -1.49 -6.08
C LEU A 45 -5.54 -0.02 -5.72
N TYR A 46 -5.28 0.31 -4.46
CA TYR A 46 -5.38 1.68 -3.99
C TYR A 46 -4.02 2.21 -3.52
N LYS A 47 -3.85 3.52 -3.55
CA LYS A 47 -2.61 4.15 -3.13
C LYS A 47 -2.87 5.30 -2.17
N ALA A 48 -2.31 5.20 -0.97
CA ALA A 48 -2.49 6.23 0.05
C ALA A 48 -1.88 7.56 -0.42
N LYS A 49 -2.74 8.56 -0.60
CA LYS A 49 -2.28 9.87 -1.04
C LYS A 49 -1.28 10.47 -0.05
N TYR A 50 -1.63 10.43 1.22
CA TYR A 50 -0.76 10.95 2.27
C TYR A 50 -0.81 10.08 3.52
N TRP A 51 0.03 10.40 4.49
CA TRP A 51 0.09 9.65 5.73
C TRP A 51 -1.31 9.50 6.34
N THR A 52 -1.80 8.26 6.37
CA THR A 52 -3.12 7.98 6.92
C THR A 52 -3.27 6.50 7.28
N THR A 53 -4.15 6.22 8.23
CA THR A 53 -4.38 4.84 8.66
C THR A 53 -5.88 4.50 8.65
N SER A 54 -6.29 3.69 7.69
CA SER A 54 -7.68 3.29 7.57
C SER A 54 -7.89 2.41 6.34
N PRO A 55 -8.89 1.52 6.43
CA PRO A 55 -9.22 0.60 5.33
C PRO A 55 -9.82 1.33 4.12
N PRO A 56 -9.67 0.72 2.93
CA PRO A 56 -10.20 1.29 1.69
C PRO A 56 -11.72 1.25 1.63
N SER A 57 -12.32 2.36 1.21
CA SER A 57 -13.77 2.44 1.11
C SER A 57 -14.20 3.83 0.61
N ASP A 58 -14.06 4.82 1.48
CA ASP A 58 -14.43 6.19 1.13
C ASP A 58 -13.40 7.18 1.69
N ASP A 59 -12.76 7.92 0.79
CA ASP A 59 -11.76 8.91 1.19
C ASP A 59 -12.27 10.32 0.94
N PRO A 60 -13.07 10.83 1.88
CA PRO A 60 -13.64 12.18 1.79
C PRO A 60 -12.58 13.28 1.95
N TYR A 61 -11.40 12.87 2.40
CA TYR A 61 -10.30 13.82 2.61
C TYR A 61 -9.17 13.55 1.64
N GLY A 62 -9.30 12.48 0.85
CA GLY A 62 -8.28 12.13 -0.11
C GLY A 62 -7.13 11.37 0.51
N SER A 63 -7.46 10.33 1.26
CA SER A 63 -6.45 9.51 1.93
C SER A 63 -6.02 8.34 1.05
N TRP A 64 -6.80 8.09 0.00
CA TRP A 64 -6.52 7.00 -0.93
C TRP A 64 -6.75 7.43 -2.37
N GLU A 65 -6.15 6.70 -3.30
CA GLU A 65 -6.30 7.01 -4.73
C GLU A 65 -6.29 5.74 -5.56
N TYR A 66 -7.46 5.37 -6.09
CA TYR A 66 -7.59 4.18 -6.90
C TYR A 66 -6.79 4.31 -8.20
N LEU A 67 -5.73 3.50 -8.32
CA LEU A 67 -4.88 3.54 -9.50
C LEU A 67 -5.31 2.46 -10.50
N GLY A 68 -6.00 1.43 -10.00
CA GLY A 68 -6.44 0.35 -10.86
C GLY A 68 -6.86 -0.87 -10.07
N GLU A 69 -6.99 -2.01 -10.76
CA GLU A 69 -7.38 -3.25 -10.12
C GLU A 69 -6.27 -4.29 -10.22
N ALA A 70 -6.21 -5.18 -9.22
CA ALA A 70 -5.20 -6.22 -9.20
C ALA A 70 -5.18 -6.99 -10.51
N GLU A 71 -6.26 -7.71 -10.79
CA GLU A 71 -6.37 -8.50 -12.02
C GLU A 71 -6.00 -7.65 -13.24
N PRO A 72 -4.84 -7.94 -13.83
CA PRO A 72 -4.35 -7.22 -15.00
C PRO A 72 -5.17 -7.54 -16.25
N THR A 73 -5.63 -6.49 -16.92
CA THR A 73 -6.42 -6.65 -18.14
C THR A 73 -5.63 -6.25 -19.38
N GLY A 1 22.80 -2.41 6.08
CA GLY A 1 22.39 -1.39 7.01
C GLY A 1 20.92 -1.06 6.90
N PRO A 2 20.43 -0.22 7.83
CA PRO A 2 19.02 0.19 7.85
C PRO A 2 18.66 1.10 6.68
N SER A 3 17.39 1.08 6.29
CA SER A 3 16.92 1.91 5.18
C SER A 3 16.88 3.37 5.57
N THR A 4 16.88 4.26 4.58
CA THR A 4 16.85 5.69 4.83
C THR A 4 15.71 6.35 4.05
N SER A 5 15.69 6.14 2.74
CA SER A 5 14.67 6.72 1.89
C SER A 5 13.73 5.64 1.35
N MET A 6 12.44 5.85 1.52
CA MET A 6 11.44 4.89 1.05
C MET A 6 10.03 5.45 1.22
N GLU A 7 9.09 4.92 0.43
CA GLU A 7 7.70 5.38 0.49
C GLU A 7 6.75 4.19 0.55
N ASN A 8 7.05 3.15 -0.23
CA ASN A 8 6.22 1.96 -0.27
C ASN A 8 6.93 0.78 0.40
N LEU A 9 6.64 0.58 1.68
CA LEU A 9 7.25 -0.50 2.44
C LEU A 9 6.35 -1.74 2.44
N VAL A 10 5.24 -1.65 1.72
CA VAL A 10 4.29 -2.76 1.63
C VAL A 10 5.00 -4.06 1.24
N SER A 11 6.08 -3.92 0.47
CA SER A 11 6.84 -5.08 0.02
C SER A 11 7.45 -5.82 1.21
N LEU A 12 8.06 -5.07 2.11
CA LEU A 12 8.68 -5.66 3.30
C LEU A 12 7.86 -5.36 4.55
N GLN A 13 6.56 -5.17 4.37
CA GLN A 13 5.66 -4.88 5.48
C GLN A 13 5.34 -6.16 6.25
N ASN A 14 5.49 -7.30 5.59
CA ASN A 14 5.21 -8.59 6.21
C ASN A 14 6.28 -9.61 5.85
N LEU A 15 7.47 -9.13 5.52
CA LEU A 15 8.57 -10.00 5.15
C LEU A 15 9.89 -9.22 5.08
N LEU A 16 10.94 -9.79 5.64
CA LEU A 16 12.26 -9.16 5.64
C LEU A 16 12.84 -9.11 4.23
N VAL A 17 12.21 -9.85 3.32
CA VAL A 17 12.66 -9.88 1.93
C VAL A 17 12.85 -8.47 1.38
N TYR A 18 13.81 -8.32 0.47
CA TYR A 18 14.09 -7.02 -0.14
C TYR A 18 14.18 -7.15 -1.66
N VAL A 19 13.15 -6.64 -2.34
CA VAL A 19 13.11 -6.68 -3.80
C VAL A 19 11.84 -6.04 -4.33
N ASN A 20 12.00 -5.19 -5.35
CA ASN A 20 10.87 -4.50 -5.95
C ASN A 20 9.77 -5.48 -6.32
N TRP A 21 8.55 -5.19 -5.90
CA TRP A 21 7.40 -6.05 -6.20
C TRP A 21 7.58 -7.42 -5.55
N SER A 22 6.46 -7.99 -5.10
CA SER A 22 6.49 -9.30 -4.47
C SER A 22 5.09 -9.73 -4.04
N SER A 23 4.27 -10.10 -5.03
CA SER A 23 2.90 -10.52 -4.76
C SER A 23 2.16 -9.49 -3.92
N TYR A 24 1.55 -8.51 -4.58
CA TYR A 24 0.81 -7.46 -3.90
C TYR A 24 -0.16 -8.04 -2.89
N PRO A 25 0.15 -7.88 -1.60
CA PRO A 25 -0.69 -8.38 -0.50
C PRO A 25 -2.00 -7.63 -0.38
N LYS A 26 -2.91 -8.15 0.43
CA LYS A 26 -4.21 -7.52 0.63
C LYS A 26 -4.15 -6.49 1.75
N TYR A 27 -5.09 -5.56 1.75
CA TYR A 27 -5.14 -4.51 2.77
C TYR A 27 -5.07 -5.12 4.18
N GLU A 28 -4.14 -4.62 4.98
CA GLU A 28 -3.97 -5.10 6.35
C GLU A 28 -4.32 -4.03 7.36
N PRO A 29 -5.50 -4.18 7.99
CA PRO A 29 -5.99 -3.23 8.99
C PRO A 29 -5.17 -3.27 10.28
N GLY A 30 -4.71 -2.11 10.73
CA GLY A 30 -3.93 -2.03 11.95
C GLY A 30 -2.44 -1.89 11.67
N LYS A 31 -2.11 -1.39 10.49
CA LYS A 31 -0.72 -1.20 10.11
C LYS A 31 -0.53 0.14 9.39
N GLU A 32 0.30 1.00 9.98
CA GLU A 32 0.56 2.32 9.41
C GLU A 32 0.88 2.21 7.92
N TYR A 33 0.34 3.12 7.13
CA TYR A 33 0.57 3.12 5.69
C TYR A 33 1.10 4.47 5.22
N ASN A 34 2.38 4.51 4.89
CA ASN A 34 3.02 5.74 4.42
C ASN A 34 2.73 5.98 2.95
N GLN A 35 2.91 7.22 2.50
CA GLN A 35 2.67 7.58 1.11
C GLN A 35 3.40 6.64 0.17
N GLY A 36 2.70 6.18 -0.87
CA GLY A 36 3.30 5.28 -1.83
C GLY A 36 2.90 3.83 -1.59
N ASP A 37 2.54 3.52 -0.36
CA ASP A 37 2.14 2.16 0.00
C ASP A 37 0.94 1.71 -0.83
N ILE A 38 1.03 0.49 -1.36
CA ILE A 38 -0.05 -0.06 -2.17
C ILE A 38 -0.49 -1.43 -1.66
N VAL A 39 -1.79 -1.66 -1.66
CA VAL A 39 -2.34 -2.92 -1.19
C VAL A 39 -3.58 -3.32 -1.99
N GLU A 40 -3.81 -4.63 -2.10
CA GLU A 40 -4.96 -5.13 -2.85
C GLU A 40 -6.20 -5.19 -1.97
N TYR A 41 -7.36 -4.89 -2.56
CA TYR A 41 -8.61 -4.91 -1.82
C TYR A 41 -9.75 -5.42 -2.71
N ASN A 42 -10.25 -6.61 -2.39
CA ASN A 42 -11.35 -7.20 -3.15
C ASN A 42 -11.00 -7.27 -4.64
N GLY A 43 -9.71 -7.44 -4.93
CA GLY A 43 -9.26 -7.52 -6.31
C GLY A 43 -8.95 -6.16 -6.90
N LYS A 44 -8.79 -5.17 -6.04
CA LYS A 44 -8.48 -3.81 -6.48
C LYS A 44 -7.06 -3.43 -6.12
N LEU A 45 -6.69 -2.19 -6.42
CA LEU A 45 -5.35 -1.70 -6.12
C LEU A 45 -5.38 -0.22 -5.75
N TYR A 46 -5.09 0.07 -4.48
CA TYR A 46 -5.09 1.45 -3.99
C TYR A 46 -3.69 1.85 -3.53
N LYS A 47 -3.42 3.16 -3.58
CA LYS A 47 -2.12 3.68 -3.18
C LYS A 47 -2.29 4.87 -2.22
N ALA A 48 -1.77 4.73 -1.01
CA ALA A 48 -1.86 5.79 -0.01
C ALA A 48 -1.17 7.05 -0.50
N LYS A 49 -1.95 8.12 -0.67
CA LYS A 49 -1.42 9.39 -1.14
C LYS A 49 -0.45 9.97 -0.12
N TYR A 50 -0.86 10.00 1.15
CA TYR A 50 -0.03 10.53 2.22
C TYR A 50 -0.16 9.70 3.48
N TRP A 51 0.64 10.01 4.49
CA TRP A 51 0.61 9.29 5.76
C TRP A 51 -0.81 9.21 6.29
N THR A 52 -1.35 7.99 6.36
CA THR A 52 -2.71 7.79 6.86
C THR A 52 -2.93 6.33 7.26
N THR A 53 -3.84 6.12 8.21
CA THR A 53 -4.13 4.77 8.69
C THR A 53 -5.64 4.50 8.66
N SER A 54 -6.06 3.67 7.71
CA SER A 54 -7.47 3.32 7.58
C SER A 54 -7.70 2.44 6.36
N PRO A 55 -8.74 1.59 6.42
CA PRO A 55 -9.09 0.68 5.34
C PRO A 55 -9.64 1.41 4.12
N PRO A 56 -9.51 0.79 2.93
CA PRO A 56 -9.98 1.37 1.68
C PRO A 56 -11.51 1.40 1.60
N SER A 57 -12.04 2.54 1.17
CA SER A 57 -13.48 2.71 1.04
C SER A 57 -13.83 4.12 0.57
N ASP A 58 -13.61 5.09 1.44
CA ASP A 58 -13.91 6.49 1.12
C ASP A 58 -12.82 7.40 1.67
N ASP A 59 -12.12 8.08 0.76
CA ASP A 59 -11.06 9.00 1.16
C ASP A 59 -11.46 10.45 0.91
N PRO A 60 -12.22 11.02 1.85
CA PRO A 60 -12.70 12.41 1.75
C PRO A 60 -11.57 13.42 1.91
N TYR A 61 -10.42 12.94 2.36
CA TYR A 61 -9.25 13.81 2.57
C TYR A 61 -8.14 13.45 1.59
N GLY A 62 -8.35 12.40 0.82
CA GLY A 62 -7.35 11.97 -0.14
C GLY A 62 -6.26 11.13 0.48
N SER A 63 -6.67 10.12 1.25
CA SER A 63 -5.71 9.24 1.91
C SER A 63 -5.32 8.07 1.01
N TRP A 64 -6.12 7.84 -0.02
CA TRP A 64 -5.86 6.75 -0.96
C TRP A 64 -6.05 7.23 -2.40
N GLU A 65 -5.46 6.49 -3.35
CA GLU A 65 -5.56 6.84 -4.75
C GLU A 65 -5.67 5.59 -5.61
N TYR A 66 -6.87 5.30 -6.10
CA TYR A 66 -7.11 4.13 -6.94
C TYR A 66 -6.29 4.20 -8.22
N LEU A 67 -5.31 3.32 -8.35
CA LEU A 67 -4.47 3.28 -9.53
C LEU A 67 -4.94 2.22 -10.52
N GLY A 68 -5.77 1.30 -10.04
CA GLY A 68 -6.30 0.25 -10.89
C GLY A 68 -6.80 -0.94 -10.11
N GLU A 69 -6.97 -2.07 -10.78
CA GLU A 69 -7.46 -3.29 -10.15
C GLU A 69 -6.41 -4.40 -10.24
N ALA A 70 -6.41 -5.28 -9.23
CA ALA A 70 -5.47 -6.39 -9.20
C ALA A 70 -5.49 -7.17 -10.51
N GLU A 71 -6.69 -7.44 -11.01
CA GLU A 71 -6.85 -8.19 -12.26
C GLU A 71 -7.67 -7.38 -13.27
N PRO A 72 -6.99 -6.83 -14.29
CA PRO A 72 -7.64 -6.04 -15.33
C PRO A 72 -8.50 -6.88 -16.25
N THR A 73 -9.63 -6.32 -16.69
CA THR A 73 -10.54 -7.02 -17.58
C THR A 73 -10.40 -6.53 -19.02
N GLY A 1 26.40 -4.76 1.65
CA GLY A 1 25.07 -4.33 2.03
C GLY A 1 24.67 -3.03 1.37
N PRO A 2 24.37 -3.08 0.06
CA PRO A 2 23.97 -1.91 -0.72
C PRO A 2 22.59 -1.40 -0.32
N SER A 3 22.32 -0.12 -0.59
CA SER A 3 21.04 0.48 -0.26
C SER A 3 20.42 1.14 -1.48
N THR A 4 19.10 1.30 -1.46
CA THR A 4 18.38 1.91 -2.57
C THR A 4 17.30 2.86 -2.07
N SER A 5 17.08 3.94 -2.81
CA SER A 5 16.07 4.93 -2.43
C SER A 5 14.69 4.30 -2.35
N MET A 6 13.78 4.97 -1.64
CA MET A 6 12.42 4.46 -1.48
C MET A 6 11.51 5.54 -0.90
N GLU A 7 10.25 5.54 -1.31
CA GLU A 7 9.28 6.51 -0.82
C GLU A 7 8.07 5.81 -0.22
N ASN A 8 8.03 4.48 -0.34
CA ASN A 8 6.92 3.70 0.20
C ASN A 8 7.44 2.52 1.00
N LEU A 9 7.34 2.61 2.33
CA LEU A 9 7.79 1.55 3.21
C LEU A 9 6.68 0.54 3.46
N VAL A 10 5.62 0.61 2.66
CA VAL A 10 4.49 -0.30 2.79
C VAL A 10 4.96 -1.75 2.87
N SER A 11 6.07 -2.04 2.21
CA SER A 11 6.62 -3.38 2.19
C SER A 11 7.56 -3.61 3.38
N LEU A 12 8.28 -2.56 3.76
CA LEU A 12 9.21 -2.64 4.88
C LEU A 12 8.59 -2.06 6.14
N GLN A 13 7.27 -2.21 6.26
CA GLN A 13 6.55 -1.70 7.43
C GLN A 13 7.20 -2.18 8.72
N ASN A 14 6.99 -3.45 9.04
CA ASN A 14 7.56 -4.04 10.26
C ASN A 14 7.35 -5.54 10.29
N LEU A 15 6.19 -5.98 9.80
CA LEU A 15 5.87 -7.41 9.77
C LEU A 15 6.91 -8.18 8.97
N LEU A 16 6.68 -9.48 8.80
CA LEU A 16 7.59 -10.33 8.04
C LEU A 16 7.35 -10.19 6.54
N VAL A 17 7.44 -8.97 6.05
CA VAL A 17 7.24 -8.70 4.63
C VAL A 17 8.37 -7.84 4.06
N TYR A 18 8.81 -8.19 2.86
CA TYR A 18 9.90 -7.46 2.21
C TYR A 18 9.86 -7.65 0.70
N VAL A 19 8.69 -7.43 0.10
CA VAL A 19 8.52 -7.58 -1.34
C VAL A 19 7.44 -6.65 -1.86
N ASN A 20 7.82 -5.81 -2.82
CA ASN A 20 6.87 -4.86 -3.42
C ASN A 20 7.12 -4.71 -4.91
N TRP A 21 6.19 -5.18 -5.71
CA TRP A 21 6.30 -5.10 -7.16
C TRP A 21 4.94 -5.26 -7.83
N SER A 22 4.96 -5.55 -9.13
CA SER A 22 3.72 -5.72 -9.89
C SER A 22 2.63 -6.34 -9.02
N SER A 23 2.95 -7.49 -8.41
CA SER A 23 1.99 -8.18 -7.55
C SER A 23 2.14 -7.73 -6.10
N TYR A 24 1.90 -6.46 -5.85
CA TYR A 24 2.02 -5.90 -4.50
C TYR A 24 1.25 -6.75 -3.50
N PRO A 25 1.64 -6.64 -2.22
CA PRO A 25 1.00 -7.40 -1.14
C PRO A 25 -0.42 -6.92 -0.85
N LYS A 26 -1.29 -7.85 -0.47
CA LYS A 26 -2.68 -7.52 -0.17
C LYS A 26 -2.77 -6.62 1.06
N TYR A 27 -3.80 -5.78 1.09
CA TYR A 27 -3.99 -4.87 2.21
C TYR A 27 -3.94 -5.61 3.55
N GLU A 28 -3.16 -5.08 4.48
CA GLU A 28 -3.02 -5.70 5.79
C GLU A 28 -3.56 -4.77 6.88
N PRO A 29 -4.72 -5.14 7.44
CA PRO A 29 -5.38 -4.36 8.49
C PRO A 29 -4.62 -4.42 9.81
N GLY A 30 -4.33 -3.26 10.39
CA GLY A 30 -3.62 -3.21 11.66
C GLY A 30 -2.16 -2.81 11.48
N LYS A 31 -1.86 -2.15 10.37
CA LYS A 31 -0.50 -1.71 10.07
C LYS A 31 -0.50 -0.28 9.53
N GLU A 32 0.14 0.62 10.27
CA GLU A 32 0.22 2.02 9.86
C GLU A 32 0.64 2.13 8.39
N TYR A 33 -0.06 2.98 7.65
CA TYR A 33 0.23 3.18 6.23
C TYR A 33 0.57 4.64 5.95
N ASN A 34 1.86 4.90 5.70
CA ASN A 34 2.32 6.25 5.41
C ASN A 34 1.99 6.65 3.98
N GLN A 35 1.95 7.95 3.72
CA GLN A 35 1.64 8.47 2.39
C GLN A 35 2.55 7.81 1.34
N GLY A 36 1.95 7.38 0.23
CA GLY A 36 2.70 6.76 -0.83
C GLY A 36 2.60 5.24 -0.79
N ASP A 37 2.27 4.70 0.38
CA ASP A 37 2.14 3.26 0.54
C ASP A 37 1.13 2.69 -0.44
N ILE A 38 1.44 1.52 -0.99
CA ILE A 38 0.54 0.88 -1.95
C ILE A 38 0.28 -0.58 -1.56
N VAL A 39 -0.96 -1.01 -1.69
CA VAL A 39 -1.34 -2.38 -1.36
C VAL A 39 -2.44 -2.89 -2.29
N GLU A 40 -2.44 -4.20 -2.54
CA GLU A 40 -3.42 -4.81 -3.41
C GLU A 40 -4.70 -5.14 -2.64
N TYR A 41 -5.83 -5.13 -3.34
CA TYR A 41 -7.12 -5.42 -2.71
C TYR A 41 -8.07 -6.05 -3.72
N ASN A 42 -8.36 -7.33 -3.54
CA ASN A 42 -9.25 -8.06 -4.43
C ASN A 42 -8.78 -7.96 -5.87
N GLY A 43 -7.47 -7.79 -6.06
CA GLY A 43 -6.92 -7.68 -7.38
C GLY A 43 -6.81 -6.25 -7.87
N LYS A 44 -6.90 -5.31 -6.94
CA LYS A 44 -6.82 -3.88 -7.27
C LYS A 44 -5.52 -3.28 -6.74
N LEU A 45 -5.37 -1.97 -6.93
CA LEU A 45 -4.18 -1.27 -6.47
C LEU A 45 -4.53 0.12 -5.96
N TYR A 46 -4.27 0.36 -4.68
CA TYR A 46 -4.57 1.65 -4.07
C TYR A 46 -3.30 2.27 -3.47
N LYS A 47 -3.30 3.58 -3.34
CA LYS A 47 -2.15 4.30 -2.79
C LYS A 47 -2.60 5.32 -1.75
N ALA A 48 -2.13 5.15 -0.51
CA ALA A 48 -2.49 6.06 0.57
C ALA A 48 -2.01 7.48 0.27
N LYS A 49 -2.96 8.40 0.12
CA LYS A 49 -2.64 9.79 -0.16
C LYS A 49 -1.80 10.40 0.96
N TYR A 50 -2.26 10.22 2.19
CA TYR A 50 -1.54 10.75 3.35
C TYR A 50 -1.58 9.76 4.51
N TRP A 51 -0.87 10.09 5.59
CA TRP A 51 -0.83 9.23 6.77
C TRP A 51 -2.23 8.86 7.22
N THR A 52 -2.57 7.58 7.10
CA THR A 52 -3.88 7.10 7.51
C THR A 52 -3.88 5.58 7.71
N THR A 53 -4.77 5.11 8.56
CA THR A 53 -4.86 3.68 8.86
C THR A 53 -6.30 3.18 8.71
N SER A 54 -6.55 2.42 7.66
CA SER A 54 -7.88 1.88 7.41
C SER A 54 -7.91 1.10 6.10
N PRO A 55 -8.82 0.11 6.01
CA PRO A 55 -8.96 -0.74 4.82
C PRO A 55 -9.56 0.02 3.65
N PRO A 56 -9.27 -0.44 2.43
CA PRO A 56 -9.77 0.19 1.20
C PRO A 56 -11.27 -0.02 1.02
N SER A 57 -11.97 1.06 0.66
CA SER A 57 -13.42 1.00 0.46
C SER A 57 -13.96 2.37 0.07
N ASP A 58 -13.97 3.28 1.04
CA ASP A 58 -14.48 4.63 0.82
C ASP A 58 -13.61 5.67 1.52
N ASP A 59 -12.97 6.54 0.75
CA ASP A 59 -12.11 7.57 1.31
C ASP A 59 -12.74 8.95 1.14
N PRO A 60 -13.66 9.30 2.05
CA PRO A 60 -14.36 10.59 2.02
C PRO A 60 -13.43 11.75 2.37
N TYR A 61 -12.24 11.43 2.86
CA TYR A 61 -11.26 12.45 3.24
C TYR A 61 -10.04 12.40 2.31
N GLY A 62 -10.03 11.42 1.42
CA GLY A 62 -8.91 11.27 0.50
C GLY A 62 -7.73 10.59 1.13
N SER A 63 -7.97 9.46 1.78
CA SER A 63 -6.90 8.71 2.43
C SER A 63 -6.31 7.67 1.49
N TRP A 64 -6.97 7.44 0.37
CA TRP A 64 -6.51 6.49 -0.63
C TRP A 64 -6.69 7.02 -2.04
N GLU A 65 -5.94 6.46 -2.99
CA GLU A 65 -6.02 6.89 -4.37
C GLU A 65 -5.84 5.71 -5.32
N TYR A 66 -6.92 5.32 -6.00
CA TYR A 66 -6.88 4.20 -6.93
C TYR A 66 -5.99 4.52 -8.13
N LEU A 67 -4.87 3.83 -8.22
CA LEU A 67 -3.93 4.03 -9.32
C LEU A 67 -4.18 3.03 -10.45
N GLY A 68 -4.81 1.91 -10.10
CA GLY A 68 -5.10 0.88 -11.09
C GLY A 68 -5.44 -0.45 -10.45
N GLU A 69 -5.30 -1.52 -11.22
CA GLU A 69 -5.59 -2.87 -10.73
C GLU A 69 -4.36 -3.76 -10.80
N ALA A 70 -4.27 -4.71 -9.87
CA ALA A 70 -3.14 -5.62 -9.83
C ALA A 70 -2.91 -6.28 -11.19
N GLU A 71 -4.00 -6.49 -11.93
CA GLU A 71 -3.92 -7.11 -13.25
C GLU A 71 -4.51 -6.20 -14.31
N PRO A 72 -3.63 -5.58 -15.12
CA PRO A 72 -4.04 -4.67 -16.20
C PRO A 72 -4.72 -5.40 -17.34
N THR A 73 -5.83 -4.83 -17.83
CA THR A 73 -6.57 -5.44 -18.93
C THR A 73 -6.13 -4.87 -20.27
N GLY A 1 22.33 -3.24 5.13
CA GLY A 1 22.90 -1.98 4.74
C GLY A 1 22.26 -0.80 5.43
N PRO A 2 22.86 0.39 5.26
CA PRO A 2 22.34 1.63 5.88
C PRO A 2 21.03 2.08 5.26
N SER A 3 20.28 2.89 6.00
CA SER A 3 19.00 3.40 5.53
C SER A 3 18.97 4.92 5.54
N THR A 4 18.11 5.50 4.71
CA THR A 4 17.99 6.95 4.63
C THR A 4 16.53 7.39 4.77
N SER A 5 15.70 6.94 3.84
CA SER A 5 14.28 7.28 3.86
C SER A 5 13.43 6.09 3.43
N MET A 6 12.12 6.33 3.30
CA MET A 6 11.19 5.28 2.89
C MET A 6 9.87 5.88 2.42
N GLU A 7 9.36 5.34 1.31
CA GLU A 7 8.10 5.83 0.74
C GLU A 7 7.12 4.68 0.52
N ASN A 8 7.28 3.61 1.31
CA ASN A 8 6.42 2.44 1.20
C ASN A 8 6.83 1.37 2.21
N LEU A 9 6.02 1.23 3.26
CA LEU A 9 6.30 0.23 4.29
C LEU A 9 5.73 -1.13 3.90
N VAL A 10 4.82 -1.14 2.94
CA VAL A 10 4.21 -2.38 2.47
C VAL A 10 5.27 -3.42 2.15
N SER A 11 6.42 -2.96 1.67
CA SER A 11 7.52 -3.86 1.32
C SER A 11 8.05 -4.59 2.56
N LEU A 12 8.24 -3.84 3.64
CA LEU A 12 8.73 -4.40 4.89
C LEU A 12 7.62 -4.49 5.93
N GLN A 13 6.39 -4.70 5.46
CA GLN A 13 5.24 -4.80 6.36
C GLN A 13 5.09 -6.23 6.88
N ASN A 14 5.59 -7.19 6.12
CA ASN A 14 5.51 -8.60 6.50
C ASN A 14 6.84 -9.31 6.27
N LEU A 15 7.33 -9.25 5.04
CA LEU A 15 8.59 -9.89 4.69
C LEU A 15 9.61 -8.85 4.20
N LEU A 16 10.84 -9.29 3.99
CA LEU A 16 11.90 -8.40 3.53
C LEU A 16 12.50 -8.91 2.22
N VAL A 17 11.66 -9.09 1.22
CA VAL A 17 12.10 -9.57 -0.08
C VAL A 17 12.59 -8.42 -0.95
N TYR A 18 13.36 -8.75 -1.99
CA TYR A 18 13.88 -7.74 -2.90
C TYR A 18 13.13 -7.75 -4.23
N VAL A 19 12.01 -7.06 -4.27
CA VAL A 19 11.19 -6.99 -5.48
C VAL A 19 9.97 -6.11 -5.27
N ASN A 20 9.76 -5.17 -6.18
CA ASN A 20 8.62 -4.26 -6.10
C ASN A 20 7.33 -4.96 -6.53
N TRP A 21 6.90 -5.93 -5.73
CA TRP A 21 5.68 -6.68 -6.03
C TRP A 21 5.41 -7.72 -4.95
N SER A 22 6.16 -8.81 -4.99
CA SER A 22 6.00 -9.90 -4.02
C SER A 22 4.52 -10.17 -3.76
N SER A 23 3.72 -10.12 -4.81
CA SER A 23 2.28 -10.36 -4.69
C SER A 23 1.63 -9.29 -3.82
N TYR A 24 0.92 -8.37 -4.46
CA TYR A 24 0.24 -7.29 -3.75
C TYR A 24 -0.60 -7.83 -2.60
N PRO A 25 -0.14 -7.59 -1.37
CA PRO A 25 -0.83 -8.05 -0.16
C PRO A 25 -2.14 -7.30 0.07
N LYS A 26 -3.15 -8.03 0.52
CA LYS A 26 -4.46 -7.44 0.79
C LYS A 26 -4.37 -6.41 1.92
N TYR A 27 -5.26 -5.42 1.87
CA TYR A 27 -5.27 -4.37 2.89
C TYR A 27 -5.32 -4.98 4.29
N GLU A 28 -4.45 -4.50 5.16
CA GLU A 28 -4.38 -4.99 6.53
C GLU A 28 -4.74 -3.88 7.53
N PRO A 29 -5.93 -3.98 8.12
CA PRO A 29 -6.42 -3.00 9.10
C PRO A 29 -5.65 -3.06 10.41
N GLY A 30 -5.15 -1.91 10.86
CA GLY A 30 -4.40 -1.86 12.10
C GLY A 30 -2.91 -1.75 11.87
N LYS A 31 -2.52 -1.27 10.70
CA LYS A 31 -1.12 -1.12 10.36
C LYS A 31 -0.86 0.21 9.67
N GLU A 32 -0.06 1.07 10.31
CA GLU A 32 0.26 2.37 9.76
C GLU A 32 0.68 2.27 8.29
N TYR A 33 0.10 3.11 7.45
CA TYR A 33 0.40 3.10 6.02
C TYR A 33 0.98 4.45 5.58
N ASN A 34 2.27 4.47 5.31
CA ASN A 34 2.94 5.70 4.88
C ASN A 34 2.65 5.98 3.41
N GLN A 35 2.91 7.22 2.98
CA GLN A 35 2.69 7.62 1.60
C GLN A 35 3.39 6.67 0.64
N GLY A 36 2.69 6.28 -0.43
CA GLY A 36 3.26 5.38 -1.42
C GLY A 36 2.86 3.94 -1.18
N ASP A 37 2.52 3.62 0.07
CA ASP A 37 2.11 2.26 0.42
C ASP A 37 0.98 1.78 -0.48
N ILE A 38 1.13 0.57 -1.02
CA ILE A 38 0.12 0.00 -1.90
C ILE A 38 -0.38 -1.35 -1.37
N VAL A 39 -1.69 -1.56 -1.42
CA VAL A 39 -2.28 -2.80 -0.95
C VAL A 39 -3.47 -3.20 -1.81
N GLU A 40 -3.71 -4.51 -1.90
CA GLU A 40 -4.82 -5.02 -2.70
C GLU A 40 -6.11 -5.03 -1.89
N TYR A 41 -7.23 -4.90 -2.60
CA TYR A 41 -8.54 -4.89 -1.95
C TYR A 41 -9.61 -5.45 -2.88
N ASN A 42 -10.13 -6.63 -2.53
CA ASN A 42 -11.16 -7.27 -3.34
C ASN A 42 -10.72 -7.40 -4.79
N GLY A 43 -9.41 -7.46 -5.00
CA GLY A 43 -8.88 -7.59 -6.35
C GLY A 43 -8.56 -6.25 -6.97
N LYS A 44 -8.40 -5.22 -6.13
CA LYS A 44 -8.10 -3.89 -6.61
C LYS A 44 -6.69 -3.47 -6.17
N LEU A 45 -6.32 -2.24 -6.53
CA LEU A 45 -4.99 -1.72 -6.18
C LEU A 45 -5.07 -0.24 -5.81
N TYR A 46 -4.78 0.06 -4.56
CA TYR A 46 -4.82 1.43 -4.07
C TYR A 46 -3.46 1.85 -3.50
N LYS A 47 -3.21 3.15 -3.50
CA LYS A 47 -1.96 3.69 -2.98
C LYS A 47 -2.20 4.90 -2.09
N ALA A 48 -1.75 4.81 -0.84
CA ALA A 48 -1.91 5.90 0.11
C ALA A 48 -1.17 7.15 -0.34
N LYS A 49 -1.91 8.21 -0.63
CA LYS A 49 -1.32 9.47 -1.07
C LYS A 49 -0.34 10.00 -0.03
N TYR A 50 -0.78 10.05 1.22
CA TYR A 50 0.05 10.55 2.30
C TYR A 50 -0.16 9.72 3.57
N TRP A 51 0.61 10.03 4.61
CA TRP A 51 0.52 9.32 5.87
C TRP A 51 -0.93 9.26 6.35
N THR A 52 -1.42 8.04 6.58
CA THR A 52 -2.79 7.84 7.04
C THR A 52 -3.06 6.37 7.33
N THR A 53 -4.01 6.11 8.22
CA THR A 53 -4.37 4.75 8.59
C THR A 53 -5.87 4.54 8.50
N SER A 54 -6.29 3.76 7.49
CA SER A 54 -7.71 3.48 7.29
C SER A 54 -7.92 2.58 6.07
N PRO A 55 -8.99 1.76 6.11
CA PRO A 55 -9.32 0.85 5.02
C PRO A 55 -9.79 1.58 3.77
N PRO A 56 -9.62 0.93 2.60
CA PRO A 56 -10.03 1.51 1.32
C PRO A 56 -11.54 1.58 1.17
N SER A 57 -12.04 2.72 0.70
CA SER A 57 -13.48 2.91 0.51
C SER A 57 -13.77 4.32 0.02
N ASP A 58 -13.57 5.31 0.88
CA ASP A 58 -13.81 6.70 0.54
C ASP A 58 -12.73 7.60 1.11
N ASP A 59 -11.97 8.26 0.23
CA ASP A 59 -10.91 9.15 0.65
C ASP A 59 -11.26 10.61 0.36
N PRO A 60 -12.06 11.21 1.25
CA PRO A 60 -12.49 12.60 1.10
C PRO A 60 -11.34 13.59 1.30
N TYR A 61 -10.25 13.11 1.89
CA TYR A 61 -9.09 13.95 2.14
C TYR A 61 -7.90 13.50 1.30
N GLY A 62 -8.19 12.72 0.26
CA GLY A 62 -7.13 12.24 -0.62
C GLY A 62 -6.11 11.40 0.12
N SER A 63 -6.59 10.42 0.88
CA SER A 63 -5.71 9.53 1.63
C SER A 63 -5.32 8.31 0.81
N TRP A 64 -6.04 8.09 -0.28
CA TRP A 64 -5.77 6.96 -1.16
C TRP A 64 -5.86 7.37 -2.62
N GLU A 65 -5.27 6.55 -3.49
CA GLU A 65 -5.28 6.84 -4.93
C GLU A 65 -5.36 5.54 -5.74
N TYR A 66 -6.49 5.32 -6.39
CA TYR A 66 -6.68 4.12 -7.21
C TYR A 66 -5.76 4.14 -8.42
N LEU A 67 -4.80 3.23 -8.44
CA LEU A 67 -3.85 3.14 -9.54
C LEU A 67 -4.28 2.07 -10.54
N GLY A 68 -5.16 1.16 -10.09
CA GLY A 68 -5.63 0.10 -10.95
C GLY A 68 -6.22 -1.05 -10.17
N GLU A 69 -6.33 -2.21 -10.82
CA GLU A 69 -6.89 -3.40 -10.18
C GLU A 69 -5.86 -4.54 -10.16
N ALA A 70 -5.95 -5.38 -9.15
CA ALA A 70 -5.04 -6.52 -9.01
C ALA A 70 -4.97 -7.33 -10.30
N GLU A 71 -6.15 -7.70 -10.82
CA GLU A 71 -6.22 -8.48 -12.05
C GLU A 71 -7.06 -7.77 -13.10
N PRO A 72 -6.38 -7.20 -14.11
CA PRO A 72 -7.04 -6.48 -15.19
C PRO A 72 -7.83 -7.40 -16.11
N THR A 73 -8.87 -6.85 -16.74
CA THR A 73 -9.70 -7.63 -17.65
C THR A 73 -9.67 -7.07 -19.06
N GLY A 1 29.50 8.77 0.79
CA GLY A 1 28.82 8.07 -0.29
C GLY A 1 27.40 8.55 -0.50
N PRO A 2 26.69 7.91 -1.43
CA PRO A 2 25.30 8.27 -1.76
C PRO A 2 24.33 7.92 -0.63
N SER A 3 23.26 8.69 -0.52
CA SER A 3 22.26 8.47 0.51
C SER A 3 20.88 8.23 -0.11
N THR A 4 20.20 7.19 0.38
CA THR A 4 18.88 6.85 -0.12
C THR A 4 17.85 6.82 1.01
N SER A 5 16.95 7.80 1.01
CA SER A 5 15.91 7.89 2.03
C SER A 5 14.64 7.18 1.58
N MET A 6 13.92 6.61 2.53
CA MET A 6 12.67 5.91 2.23
C MET A 6 11.58 6.29 3.23
N GLU A 7 10.34 6.28 2.76
CA GLU A 7 9.21 6.63 3.60
C GLU A 7 8.02 5.71 3.33
N ASN A 8 8.27 4.64 2.58
CA ASN A 8 7.22 3.68 2.24
C ASN A 8 7.73 2.25 2.36
N LEU A 9 7.66 1.70 3.57
CA LEU A 9 8.12 0.34 3.82
C LEU A 9 6.98 -0.66 3.61
N VAL A 10 5.90 -0.21 2.98
CA VAL A 10 4.75 -1.06 2.71
C VAL A 10 5.18 -2.36 2.05
N SER A 11 6.25 -2.30 1.27
CA SER A 11 6.76 -3.47 0.57
C SER A 11 7.07 -4.60 1.55
N LEU A 12 7.66 -4.23 2.69
CA LEU A 12 8.01 -5.21 3.72
C LEU A 12 7.07 -5.10 4.91
N GLN A 13 5.87 -4.56 4.68
CA GLN A 13 4.89 -4.40 5.75
C GLN A 13 4.57 -5.74 6.40
N ASN A 14 4.81 -6.83 5.67
CA ASN A 14 4.55 -8.17 6.18
C ASN A 14 4.97 -9.23 5.17
N LEU A 15 6.16 -9.06 4.61
CA LEU A 15 6.69 -10.01 3.63
C LEU A 15 8.21 -10.00 3.62
N LEU A 16 8.80 -11.15 3.92
CA LEU A 16 10.25 -11.28 3.95
C LEU A 16 10.72 -12.38 3.00
N VAL A 17 10.34 -12.26 1.73
CA VAL A 17 10.72 -13.24 0.73
C VAL A 17 11.97 -12.80 -0.03
N TYR A 18 12.55 -13.71 -0.80
CA TYR A 18 13.76 -13.42 -1.57
C TYR A 18 13.40 -12.91 -2.96
N VAL A 19 12.27 -13.40 -3.48
CA VAL A 19 11.82 -12.99 -4.81
C VAL A 19 11.63 -11.48 -4.90
N ASN A 20 11.46 -10.84 -3.74
CA ASN A 20 11.27 -9.41 -3.68
C ASN A 20 9.97 -8.99 -4.39
N TRP A 21 8.93 -9.80 -4.20
CA TRP A 21 7.63 -9.52 -4.80
C TRP A 21 6.56 -10.45 -4.26
N SER A 22 6.55 -11.69 -4.75
CA SER A 22 5.58 -12.67 -4.31
C SER A 22 4.17 -12.06 -4.24
N SER A 23 3.86 -11.21 -5.22
CA SER A 23 2.56 -10.56 -5.27
C SER A 23 2.39 -9.59 -4.10
N TYR A 24 2.09 -8.34 -4.42
CA TYR A 24 1.91 -7.31 -3.40
C TYR A 24 0.93 -7.78 -2.33
N PRO A 25 1.09 -7.23 -1.11
CA PRO A 25 0.24 -7.58 0.03
C PRO A 25 -1.18 -7.05 -0.14
N LYS A 26 -2.11 -7.58 0.66
CA LYS A 26 -3.50 -7.16 0.61
C LYS A 26 -3.84 -6.26 1.79
N TYR A 27 -4.88 -5.45 1.64
CA TYR A 27 -5.31 -4.54 2.69
C TYR A 27 -5.44 -5.28 4.02
N GLU A 28 -4.61 -4.88 4.98
CA GLU A 28 -4.63 -5.51 6.30
C GLU A 28 -5.31 -4.60 7.32
N PRO A 29 -6.58 -4.92 7.65
CA PRO A 29 -7.37 -4.14 8.61
C PRO A 29 -6.85 -4.29 10.04
N GLY A 30 -6.61 -3.17 10.69
CA GLY A 30 -6.12 -3.20 12.06
C GLY A 30 -4.67 -2.76 12.17
N LYS A 31 -4.20 -2.00 11.17
CA LYS A 31 -2.83 -1.53 11.15
C LYS A 31 -2.73 -0.19 10.43
N GLU A 32 -2.18 0.81 11.11
CA GLU A 32 -2.02 2.14 10.53
C GLU A 32 -1.39 2.05 9.15
N TYR A 33 -1.47 3.15 8.40
CA TYR A 33 -0.91 3.20 7.05
C TYR A 33 -0.32 4.57 6.76
N ASN A 34 1.00 4.60 6.53
CA ASN A 34 1.69 5.85 6.25
C ASN A 34 1.48 6.26 4.79
N GLN A 35 1.84 7.51 4.48
CA GLN A 35 1.70 8.02 3.12
C GLN A 35 2.60 7.26 2.14
N GLY A 36 2.05 6.91 0.99
CA GLY A 36 2.82 6.18 -0.01
C GLY A 36 2.58 4.69 0.06
N ASP A 37 2.10 4.21 1.20
CA ASP A 37 1.83 2.80 1.39
C ASP A 37 0.80 2.30 0.38
N ILE A 38 1.11 1.18 -0.28
CA ILE A 38 0.21 0.61 -1.28
C ILE A 38 -0.19 -0.81 -0.89
N VAL A 39 -1.48 -1.09 -0.99
CA VAL A 39 -2.00 -2.42 -0.66
C VAL A 39 -3.00 -2.90 -1.70
N GLU A 40 -3.25 -4.21 -1.72
CA GLU A 40 -4.19 -4.79 -2.67
C GLU A 40 -5.54 -5.07 -2.01
N TYR A 41 -6.60 -4.55 -2.61
CA TYR A 41 -7.95 -4.75 -2.07
C TYR A 41 -8.95 -5.00 -3.20
N ASN A 42 -9.71 -6.08 -3.07
CA ASN A 42 -10.70 -6.43 -4.08
C ASN A 42 -10.07 -6.53 -5.47
N GLY A 43 -8.81 -6.95 -5.51
CA GLY A 43 -8.11 -7.08 -6.77
C GLY A 43 -7.70 -5.74 -7.35
N LYS A 44 -7.59 -4.74 -6.48
CA LYS A 44 -7.19 -3.40 -6.91
C LYS A 44 -5.91 -2.96 -6.22
N LEU A 45 -5.48 -1.74 -6.50
CA LEU A 45 -4.25 -1.20 -5.90
C LEU A 45 -4.44 0.27 -5.54
N TYR A 46 -4.44 0.56 -4.24
CA TYR A 46 -4.59 1.92 -3.75
C TYR A 46 -3.36 2.36 -2.98
N LYS A 47 -3.16 3.68 -2.90
CA LYS A 47 -2.02 4.24 -2.18
C LYS A 47 -2.46 5.36 -1.25
N ALA A 48 -2.19 5.17 0.05
CA ALA A 48 -2.56 6.17 1.04
C ALA A 48 -1.87 7.50 0.78
N LYS A 49 -2.66 8.52 0.48
CA LYS A 49 -2.12 9.85 0.21
C LYS A 49 -1.35 10.38 1.41
N TYR A 50 -1.94 10.26 2.59
CA TYR A 50 -1.31 10.73 3.82
C TYR A 50 -1.63 9.80 4.98
N TRP A 51 -0.98 10.04 6.12
CA TRP A 51 -1.19 9.23 7.31
C TRP A 51 -2.68 9.11 7.63
N THR A 52 -3.21 7.90 7.51
CA THR A 52 -4.62 7.65 7.79
C THR A 52 -4.88 6.17 8.03
N THR A 53 -5.95 5.88 8.77
CA THR A 53 -6.31 4.50 9.09
C THR A 53 -7.77 4.23 8.76
N SER A 54 -8.00 3.46 7.71
CA SER A 54 -9.36 3.12 7.28
C SER A 54 -9.34 2.27 6.02
N PRO A 55 -10.37 1.42 5.87
CA PRO A 55 -10.50 0.53 4.71
C PRO A 55 -10.80 1.29 3.42
N PRO A 56 -10.35 0.74 2.29
CA PRO A 56 -10.57 1.35 0.97
C PRO A 56 -12.03 1.29 0.54
N SER A 57 -12.54 2.41 0.05
CA SER A 57 -13.93 2.50 -0.39
C SER A 57 -14.28 3.91 -0.83
N ASP A 58 -14.49 4.78 0.15
CA ASP A 58 -14.83 6.18 -0.13
C ASP A 58 -14.02 7.13 0.75
N ASP A 59 -13.01 7.76 0.15
CA ASP A 59 -12.16 8.68 0.88
C ASP A 59 -12.29 10.10 0.32
N PRO A 60 -13.34 10.82 0.78
CA PRO A 60 -13.61 12.19 0.33
C PRO A 60 -12.57 13.17 0.85
N TYR A 61 -11.70 12.71 1.75
CA TYR A 61 -10.67 13.55 2.32
C TYR A 61 -9.31 13.26 1.69
N GLY A 62 -9.34 12.55 0.57
CA GLY A 62 -8.11 12.21 -0.13
C GLY A 62 -7.17 11.37 0.74
N SER A 63 -7.70 10.30 1.30
CA SER A 63 -6.91 9.42 2.16
C SER A 63 -6.27 8.30 1.34
N TRP A 64 -6.86 8.01 0.19
CA TRP A 64 -6.36 6.96 -0.69
C TRP A 64 -6.28 7.44 -2.14
N GLU A 65 -5.45 6.79 -2.93
CA GLU A 65 -5.29 7.15 -4.34
C GLU A 65 -5.13 5.91 -5.21
N TYR A 66 -6.08 5.72 -6.12
CA TYR A 66 -6.04 4.56 -7.01
C TYR A 66 -4.94 4.71 -8.06
N LEU A 67 -3.92 3.87 -7.96
CA LEU A 67 -2.81 3.91 -8.91
C LEU A 67 -2.92 2.80 -9.94
N GLY A 68 -3.85 1.88 -9.70
CA GLY A 68 -4.04 0.77 -10.62
C GLY A 68 -4.75 -0.40 -9.97
N GLU A 69 -4.74 -1.55 -10.65
CA GLU A 69 -5.39 -2.75 -10.13
C GLU A 69 -4.40 -3.91 -10.05
N ALA A 70 -4.73 -4.89 -9.22
CA ALA A 70 -3.87 -6.06 -9.05
C ALA A 70 -3.78 -6.87 -10.33
N GLU A 71 -4.85 -6.84 -11.12
CA GLU A 71 -4.90 -7.58 -12.37
C GLU A 71 -5.06 -6.63 -13.56
N PRO A 72 -3.98 -6.43 -14.32
CA PRO A 72 -3.97 -5.54 -15.48
C PRO A 72 -4.78 -6.11 -16.63
N THR A 73 -5.54 -5.24 -17.30
CA THR A 73 -6.37 -5.65 -18.43
C THR A 73 -5.55 -5.77 -19.70
N GLY A 1 25.26 -6.50 5.30
CA GLY A 1 24.07 -5.75 5.67
C GLY A 1 24.21 -4.26 5.40
N PRO A 2 24.23 -3.89 4.11
CA PRO A 2 24.36 -2.49 3.69
C PRO A 2 23.12 -1.66 4.02
N SER A 3 23.27 -0.34 4.01
CA SER A 3 22.17 0.56 4.31
C SER A 3 21.28 0.77 3.10
N THR A 4 20.13 1.40 3.31
CA THR A 4 19.19 1.66 2.22
C THR A 4 18.11 2.64 2.66
N SER A 5 17.66 3.46 1.72
CA SER A 5 16.62 4.46 2.01
C SER A 5 15.40 4.23 1.14
N MET A 6 14.29 4.87 1.49
CA MET A 6 13.05 4.74 0.73
C MET A 6 12.25 6.04 0.78
N GLU A 7 11.03 5.99 0.24
CA GLU A 7 10.17 7.16 0.22
C GLU A 7 8.80 6.85 0.84
N ASN A 8 8.63 5.61 1.27
CA ASN A 8 7.38 5.18 1.88
C ASN A 8 7.61 4.00 2.83
N LEU A 9 7.27 4.20 4.09
CA LEU A 9 7.44 3.16 5.10
C LEU A 9 6.67 1.90 4.71
N VAL A 10 5.69 2.05 3.83
CA VAL A 10 4.89 0.93 3.37
C VAL A 10 5.78 -0.23 2.90
N SER A 11 6.96 0.12 2.41
CA SER A 11 7.89 -0.89 1.92
C SER A 11 8.20 -1.92 2.99
N LEU A 12 8.40 -1.45 4.22
CA LEU A 12 8.69 -2.32 5.34
C LEU A 12 7.44 -3.07 5.80
N GLN A 13 6.29 -2.42 5.66
CA GLN A 13 5.02 -3.02 6.07
C GLN A 13 4.67 -4.19 5.16
N ASN A 14 5.15 -5.38 5.52
CA ASN A 14 4.89 -6.58 4.74
C ASN A 14 5.51 -6.49 3.36
N LEU A 15 6.58 -7.24 3.14
CA LEU A 15 7.27 -7.23 1.86
C LEU A 15 7.76 -8.64 1.49
N LEU A 16 6.83 -9.57 1.37
CA LEU A 16 7.16 -10.94 1.02
C LEU A 16 7.33 -11.11 -0.49
N VAL A 17 8.22 -10.31 -1.06
CA VAL A 17 8.48 -10.36 -2.49
C VAL A 17 9.49 -11.45 -2.83
N TYR A 18 9.59 -11.78 -4.11
CA TYR A 18 10.52 -12.81 -4.56
C TYR A 18 11.46 -12.27 -5.64
N VAL A 19 10.91 -12.05 -6.83
CA VAL A 19 11.70 -11.53 -7.94
C VAL A 19 11.57 -10.01 -8.05
N ASN A 20 10.39 -9.50 -7.71
CA ASN A 20 10.14 -8.06 -7.77
C ASN A 20 9.11 -7.65 -6.71
N TRP A 21 7.87 -8.09 -6.89
CA TRP A 21 6.80 -7.76 -5.96
C TRP A 21 6.09 -9.03 -5.49
N SER A 22 5.96 -10.00 -6.38
CA SER A 22 5.30 -11.25 -6.06
C SER A 22 4.02 -11.01 -5.26
N SER A 23 3.01 -10.46 -5.92
CA SER A 23 1.75 -10.17 -5.26
C SER A 23 1.94 -9.21 -4.08
N TYR A 24 1.63 -7.94 -4.30
CA TYR A 24 1.77 -6.93 -3.26
C TYR A 24 1.14 -7.40 -1.95
N PRO A 25 1.57 -6.80 -0.83
CA PRO A 25 1.06 -7.13 0.50
C PRO A 25 -0.39 -6.67 0.70
N LYS A 26 -1.21 -7.56 1.23
CA LYS A 26 -2.62 -7.24 1.46
C LYS A 26 -2.75 -6.20 2.58
N TYR A 27 -3.65 -5.24 2.37
CA TYR A 27 -3.88 -4.19 3.36
C TYR A 27 -4.06 -4.77 4.75
N GLU A 28 -3.18 -4.39 5.66
CA GLU A 28 -3.24 -4.87 7.03
C GLU A 28 -4.01 -3.91 7.93
N PRO A 29 -5.18 -4.34 8.40
CA PRO A 29 -6.04 -3.52 9.26
C PRO A 29 -5.45 -3.33 10.66
N GLY A 30 -5.37 -2.07 11.09
CA GLY A 30 -4.82 -1.78 12.39
C GLY A 30 -3.39 -1.30 12.33
N LYS A 31 -2.99 -0.77 11.16
CA LYS A 31 -1.63 -0.28 10.97
C LYS A 31 -1.64 1.07 10.25
N GLU A 32 -1.13 2.10 10.92
CA GLU A 32 -1.08 3.43 10.35
C GLU A 32 -0.55 3.39 8.92
N TYR A 33 -1.06 4.30 8.09
CA TYR A 33 -0.64 4.37 6.69
C TYR A 33 -0.33 5.80 6.29
N ASN A 34 0.96 6.08 6.05
CA ASN A 34 1.39 7.41 5.65
C ASN A 34 1.08 7.67 4.19
N GLN A 35 1.24 8.92 3.77
CA GLN A 35 0.98 9.30 2.38
C GLN A 35 1.94 8.60 1.43
N GLY A 36 1.42 8.08 0.33
CA GLY A 36 2.25 7.40 -0.64
C GLY A 36 2.27 5.90 -0.43
N ASP A 37 1.90 5.47 0.77
CA ASP A 37 1.88 4.04 1.11
C ASP A 37 0.97 3.28 0.15
N ILE A 38 1.48 2.18 -0.40
CA ILE A 38 0.71 1.37 -1.33
C ILE A 38 0.45 -0.02 -0.75
N VAL A 39 -0.79 -0.47 -0.84
CA VAL A 39 -1.17 -1.79 -0.32
C VAL A 39 -2.19 -2.45 -1.24
N GLU A 40 -2.07 -3.77 -1.39
CA GLU A 40 -2.98 -4.53 -2.24
C GLU A 40 -4.23 -4.93 -1.46
N TYR A 41 -5.35 -5.03 -2.17
CA TYR A 41 -6.62 -5.41 -1.54
C TYR A 41 -7.57 -6.01 -2.57
N ASN A 42 -7.99 -7.25 -2.31
CA ASN A 42 -8.91 -7.95 -3.22
C ASN A 42 -8.33 -8.01 -4.63
N GLY A 43 -7.01 -7.96 -4.73
CA GLY A 43 -6.37 -8.01 -6.03
C GLY A 43 -6.26 -6.65 -6.67
N LYS A 44 -6.31 -5.60 -5.86
CA LYS A 44 -6.22 -4.23 -6.36
C LYS A 44 -4.99 -3.53 -5.80
N LEU A 45 -4.84 -2.26 -6.14
CA LEU A 45 -3.71 -1.46 -5.66
C LEU A 45 -4.12 -0.03 -5.38
N TYR A 46 -4.06 0.37 -4.12
CA TYR A 46 -4.44 1.72 -3.71
C TYR A 46 -3.26 2.43 -3.05
N LYS A 47 -3.30 3.76 -3.06
CA LYS A 47 -2.24 4.56 -2.46
C LYS A 47 -2.82 5.66 -1.58
N ALA A 48 -2.50 5.60 -0.28
CA ALA A 48 -3.00 6.59 0.66
C ALA A 48 -2.54 7.99 0.29
N LYS A 49 -3.50 8.86 -0.04
CA LYS A 49 -3.19 10.23 -0.43
C LYS A 49 -2.47 10.96 0.70
N TYR A 50 -2.99 10.82 1.92
CA TYR A 50 -2.40 11.48 3.08
C TYR A 50 -2.54 10.59 4.33
N TRP A 51 -1.92 11.04 5.42
CA TRP A 51 -1.98 10.31 6.67
C TRP A 51 -3.41 9.94 7.04
N THR A 52 -3.73 8.65 6.97
CA THR A 52 -5.06 8.17 7.28
C THR A 52 -5.05 6.68 7.63
N THR A 53 -6.02 6.25 8.43
CA THR A 53 -6.12 4.86 8.83
C THR A 53 -7.52 4.32 8.59
N SER A 54 -7.66 3.45 7.59
CA SER A 54 -8.95 2.86 7.26
C SER A 54 -8.83 1.93 6.06
N PRO A 55 -9.71 0.91 6.00
CA PRO A 55 -9.72 -0.07 4.91
C PRO A 55 -10.19 0.54 3.59
N PRO A 56 -9.73 -0.04 2.48
CA PRO A 56 -10.10 0.42 1.13
C PRO A 56 -11.56 0.15 0.80
N SER A 57 -12.22 1.17 0.25
CA SER A 57 -13.63 1.04 -0.12
C SER A 57 -14.15 2.34 -0.71
N ASP A 58 -14.32 3.36 0.14
CA ASP A 58 -14.81 4.66 -0.30
C ASP A 58 -14.07 5.78 0.42
N ASP A 59 -13.40 6.62 -0.35
CA ASP A 59 -12.65 7.74 0.21
C ASP A 59 -13.31 9.06 -0.14
N PRO A 60 -14.34 9.43 0.64
CA PRO A 60 -15.08 10.68 0.43
C PRO A 60 -14.25 11.92 0.76
N TYR A 61 -13.11 11.70 1.42
CA TYR A 61 -12.23 12.80 1.81
C TYR A 61 -10.91 12.72 1.04
N GLY A 62 -10.75 11.67 0.26
CA GLY A 62 -9.53 11.49 -0.51
C GLY A 62 -8.40 10.91 0.31
N SER A 63 -8.68 9.83 1.01
CA SER A 63 -7.68 9.17 1.85
C SER A 63 -6.94 8.09 1.07
N TRP A 64 -7.49 7.73 -0.09
CA TRP A 64 -6.87 6.71 -0.93
C TRP A 64 -6.91 7.12 -2.40
N GLU A 65 -6.05 6.51 -3.20
CA GLU A 65 -5.98 6.82 -4.63
C GLU A 65 -5.67 5.56 -5.45
N TYR A 66 -6.69 5.05 -6.13
CA TYR A 66 -6.53 3.84 -6.94
C TYR A 66 -5.57 4.09 -8.10
N LEU A 67 -4.41 3.45 -8.05
CA LEU A 67 -3.41 3.60 -9.09
C LEU A 67 -3.47 2.44 -10.08
N GLY A 68 -3.83 1.27 -9.59
CA GLY A 68 -3.93 0.10 -10.45
C GLY A 68 -4.45 -1.12 -9.71
N GLU A 69 -4.17 -2.31 -10.25
CA GLU A 69 -4.61 -3.55 -9.64
C GLU A 69 -3.44 -4.52 -9.47
N ALA A 70 -3.61 -5.50 -8.59
CA ALA A 70 -2.57 -6.49 -8.34
C ALA A 70 -2.40 -7.42 -9.54
N GLU A 71 -3.50 -7.62 -10.27
CA GLU A 71 -3.47 -8.49 -11.45
C GLU A 71 -3.79 -7.71 -12.72
N PRO A 72 -2.74 -7.44 -13.53
CA PRO A 72 -2.89 -6.70 -14.78
C PRO A 72 -3.65 -7.49 -15.84
N THR A 73 -4.58 -6.83 -16.51
CA THR A 73 -5.38 -7.47 -17.55
C THR A 73 -5.65 -6.51 -18.71
N GLY A 1 25.53 -3.43 -0.69
CA GLY A 1 24.95 -3.76 -1.98
C GLY A 1 23.51 -3.27 -2.10
N PRO A 2 22.60 -3.97 -1.41
CA PRO A 2 21.17 -3.64 -1.42
C PRO A 2 20.87 -2.32 -0.70
N SER A 3 19.68 -1.79 -0.93
CA SER A 3 19.28 -0.53 -0.30
C SER A 3 18.16 -0.77 0.71
N THR A 4 18.45 -0.48 1.98
CA THR A 4 17.47 -0.66 3.05
C THR A 4 16.47 0.48 3.08
N SER A 5 16.92 1.66 2.69
CA SER A 5 16.05 2.85 2.67
C SER A 5 14.90 2.65 1.69
N MET A 6 13.83 3.41 1.89
CA MET A 6 12.66 3.33 1.03
C MET A 6 11.92 4.66 0.99
N GLU A 7 10.76 4.67 0.34
CA GLU A 7 9.95 5.88 0.22
C GLU A 7 8.52 5.64 0.70
N ASN A 8 8.26 4.41 1.13
CA ASN A 8 6.93 4.04 1.62
C ASN A 8 7.01 2.87 2.60
N LEU A 9 6.58 3.10 3.83
CA LEU A 9 6.60 2.07 4.87
C LEU A 9 5.89 0.81 4.39
N VAL A 10 4.93 0.99 3.48
CA VAL A 10 4.17 -0.13 2.94
C VAL A 10 5.10 -1.24 2.45
N SER A 11 6.30 -0.85 2.01
CA SER A 11 7.27 -1.81 1.52
C SER A 11 7.75 -2.75 2.64
N LEU A 12 8.03 -2.17 3.80
CA LEU A 12 8.48 -2.94 4.94
C LEU A 12 7.37 -3.83 5.48
N GLN A 13 6.13 -3.43 5.22
CA GLN A 13 4.97 -4.20 5.68
C GLN A 13 4.96 -5.60 5.06
N ASN A 14 5.72 -5.76 3.97
CA ASN A 14 5.80 -7.05 3.29
C ASN A 14 7.17 -7.67 3.47
N LEU A 15 8.17 -6.83 3.75
CA LEU A 15 9.54 -7.29 3.94
C LEU A 15 10.09 -7.91 2.66
N LEU A 16 11.41 -8.03 2.58
CA LEU A 16 12.07 -8.60 1.42
C LEU A 16 12.92 -9.80 1.80
N VAL A 17 12.32 -10.78 2.46
CA VAL A 17 13.03 -11.97 2.89
C VAL A 17 13.77 -12.62 1.72
N TYR A 18 13.20 -12.49 0.52
CA TYR A 18 13.81 -13.06 -0.67
C TYR A 18 13.80 -12.05 -1.82
N VAL A 19 12.69 -11.33 -1.96
CA VAL A 19 12.56 -10.34 -3.01
C VAL A 19 11.61 -9.21 -2.59
N ASN A 20 12.07 -7.98 -2.72
CA ASN A 20 11.27 -6.81 -2.35
C ASN A 20 9.87 -6.91 -2.96
N TRP A 21 9.79 -7.51 -4.14
CA TRP A 21 8.51 -7.66 -4.83
C TRP A 21 7.61 -8.64 -4.09
N SER A 22 7.84 -9.93 -4.30
CA SER A 22 7.04 -10.97 -3.65
C SER A 22 5.56 -10.59 -3.65
N SER A 23 5.11 -9.99 -4.74
CA SER A 23 3.71 -9.58 -4.87
C SER A 23 3.38 -8.48 -3.87
N TYR A 24 2.87 -7.36 -4.37
CA TYR A 24 2.52 -6.23 -3.52
C TYR A 24 1.65 -6.69 -2.35
N PRO A 25 1.81 -6.01 -1.20
CA PRO A 25 1.05 -6.32 0.01
C PRO A 25 -0.41 -5.94 -0.11
N LYS A 26 -1.29 -6.81 0.39
CA LYS A 26 -2.72 -6.56 0.35
C LYS A 26 -3.17 -5.73 1.54
N TYR A 27 -4.32 -5.08 1.40
CA TYR A 27 -4.86 -4.24 2.47
C TYR A 27 -4.86 -4.99 3.79
N GLU A 28 -4.15 -4.44 4.78
CA GLU A 28 -4.06 -5.05 6.10
C GLU A 28 -4.57 -4.10 7.17
N PRO A 29 -5.76 -4.39 7.72
CA PRO A 29 -6.37 -3.57 8.77
C PRO A 29 -5.62 -3.67 10.10
N GLY A 30 -5.29 -2.52 10.67
CA GLY A 30 -4.57 -2.49 11.94
C GLY A 30 -3.11 -2.14 11.77
N LYS A 31 -2.79 -1.48 10.67
CA LYS A 31 -1.41 -1.08 10.40
C LYS A 31 -1.36 0.33 9.78
N GLU A 32 -0.71 1.25 10.47
CA GLU A 32 -0.59 2.62 10.00
C GLU A 32 -0.15 2.65 8.53
N TYR A 33 -0.73 3.57 7.77
CA TYR A 33 -0.39 3.71 6.36
C TYR A 33 0.02 5.14 6.02
N ASN A 34 1.31 5.32 5.75
CA ASN A 34 1.84 6.64 5.42
C ASN A 34 1.51 7.00 3.98
N GLN A 35 1.52 8.30 3.69
CA GLN A 35 1.22 8.79 2.35
C GLN A 35 2.09 8.08 1.32
N GLY A 36 1.47 7.66 0.21
CA GLY A 36 2.20 6.98 -0.84
C GLY A 36 2.10 5.47 -0.73
N ASP A 37 1.75 4.99 0.47
CA ASP A 37 1.62 3.56 0.70
C ASP A 37 0.59 2.95 -0.25
N ILE A 38 0.96 1.83 -0.88
CA ILE A 38 0.07 1.15 -1.80
C ILE A 38 -0.20 -0.29 -1.35
N VAL A 39 -1.47 -0.69 -1.41
CA VAL A 39 -1.85 -2.04 -1.01
C VAL A 39 -2.88 -2.62 -1.98
N GLU A 40 -2.89 -3.94 -2.09
CA GLU A 40 -3.83 -4.62 -2.98
C GLU A 40 -5.11 -4.98 -2.24
N TYR A 41 -6.25 -4.61 -2.84
CA TYR A 41 -7.55 -4.88 -2.24
C TYR A 41 -8.51 -5.45 -3.28
N ASN A 42 -8.90 -6.71 -3.09
CA ASN A 42 -9.82 -7.37 -4.00
C ASN A 42 -9.32 -7.27 -5.45
N GLY A 43 -8.02 -7.48 -5.64
CA GLY A 43 -7.44 -7.40 -6.97
C GLY A 43 -7.31 -5.98 -7.46
N LYS A 44 -7.36 -5.03 -6.53
CA LYS A 44 -7.25 -3.62 -6.88
C LYS A 44 -5.94 -3.03 -6.34
N LEU A 45 -5.75 -1.73 -6.54
CA LEU A 45 -4.55 -1.05 -6.07
C LEU A 45 -4.85 0.38 -5.66
N TYR A 46 -4.77 0.66 -4.36
CA TYR A 46 -5.04 1.99 -3.85
C TYR A 46 -3.79 2.60 -3.24
N LYS A 47 -3.74 3.93 -3.19
CA LYS A 47 -2.60 4.64 -2.63
C LYS A 47 -3.05 5.71 -1.65
N ALA A 48 -2.66 5.57 -0.39
CA ALA A 48 -3.03 6.52 0.64
C ALA A 48 -2.49 7.91 0.32
N LYS A 49 -3.39 8.86 0.09
CA LYS A 49 -3.00 10.23 -0.23
C LYS A 49 -2.15 10.83 0.89
N TYR A 50 -2.61 10.66 2.13
CA TYR A 50 -1.89 11.19 3.28
C TYR A 50 -1.99 10.23 4.46
N TRP A 51 -1.28 10.56 5.54
CA TRP A 51 -1.29 9.73 6.74
C TRP A 51 -2.72 9.42 7.18
N THR A 52 -3.11 8.16 7.06
CA THR A 52 -4.45 7.75 7.45
C THR A 52 -4.51 6.23 7.67
N THR A 53 -5.43 5.81 8.52
CA THR A 53 -5.60 4.39 8.83
C THR A 53 -7.05 3.96 8.67
N SER A 54 -7.33 3.19 7.62
CA SER A 54 -8.68 2.70 7.37
C SER A 54 -8.72 1.87 6.09
N PRO A 55 -9.68 0.94 6.02
CA PRO A 55 -9.85 0.06 4.86
C PRO A 55 -10.37 0.82 3.63
N PRO A 56 -10.02 0.31 2.44
CA PRO A 56 -10.44 0.92 1.17
C PRO A 56 -11.93 0.76 0.92
N SER A 57 -12.57 1.85 0.49
CA SER A 57 -14.01 1.83 0.22
C SER A 57 -14.49 3.20 -0.25
N ASP A 58 -14.52 4.16 0.68
CA ASP A 58 -14.96 5.51 0.37
C ASP A 58 -14.10 6.54 1.09
N ASP A 59 -13.40 7.37 0.31
CA ASP A 59 -12.55 8.40 0.89
C ASP A 59 -13.13 9.79 0.65
N PRO A 60 -14.08 10.19 1.52
CA PRO A 60 -14.73 11.49 1.42
C PRO A 60 -13.80 12.65 1.77
N TYR A 61 -12.64 12.31 2.33
CA TYR A 61 -11.66 13.31 2.71
C TYR A 61 -10.40 13.19 1.86
N GLY A 62 -10.37 12.18 1.00
CA GLY A 62 -9.21 11.97 0.14
C GLY A 62 -8.08 11.28 0.85
N SER A 63 -8.39 10.17 1.51
CA SER A 63 -7.37 9.41 2.25
C SER A 63 -6.78 8.31 1.37
N TRP A 64 -7.42 8.05 0.23
CA TRP A 64 -6.95 7.04 -0.70
C TRP A 64 -7.04 7.52 -2.14
N GLU A 65 -6.31 6.87 -3.02
CA GLU A 65 -6.30 7.24 -4.43
C GLU A 65 -6.11 6.01 -5.32
N TYR A 66 -7.17 5.59 -5.99
CA TYR A 66 -7.11 4.43 -6.87
C TYR A 66 -6.23 4.70 -8.08
N LEU A 67 -5.10 4.01 -8.15
CA LEU A 67 -4.17 4.17 -9.26
C LEU A 67 -4.41 3.12 -10.33
N GLY A 68 -5.00 2.00 -9.94
CA GLY A 68 -5.29 0.95 -10.89
C GLY A 68 -5.66 -0.35 -10.21
N GLU A 69 -5.64 -1.45 -10.97
CA GLU A 69 -6.00 -2.76 -10.43
C GLU A 69 -4.79 -3.70 -10.48
N ALA A 70 -4.73 -4.61 -9.51
CA ALA A 70 -3.63 -5.57 -9.44
C ALA A 70 -3.43 -6.28 -10.77
N GLU A 71 -4.54 -6.56 -11.47
CA GLU A 71 -4.48 -7.23 -12.76
C GLU A 71 -5.23 -6.43 -13.83
N PRO A 72 -4.82 -6.61 -15.09
CA PRO A 72 -5.44 -5.92 -16.22
C PRO A 72 -6.87 -6.41 -16.49
N THR A 73 -7.67 -5.56 -17.13
CA THR A 73 -9.05 -5.90 -17.45
C THR A 73 -9.25 -5.98 -18.96
N GLY A 1 25.52 -2.51 9.35
CA GLY A 1 25.85 -2.26 7.96
C GLY A 1 25.15 -1.03 7.41
N PRO A 2 25.37 -0.74 6.12
CA PRO A 2 24.78 0.42 5.45
C PRO A 2 23.27 0.26 5.25
N SER A 3 22.56 1.37 5.32
CA SER A 3 21.10 1.36 5.16
C SER A 3 20.69 2.11 3.90
N THR A 4 19.55 1.74 3.34
CA THR A 4 19.04 2.37 2.13
C THR A 4 17.99 3.43 2.46
N SER A 5 17.67 4.25 1.47
CA SER A 5 16.68 5.31 1.65
C SER A 5 15.31 4.89 1.11
N MET A 6 14.29 5.02 1.94
CA MET A 6 12.93 4.65 1.55
C MET A 6 11.91 5.36 2.42
N GLU A 7 10.75 5.66 1.83
CA GLU A 7 9.68 6.35 2.55
C GLU A 7 8.40 5.52 2.54
N ASN A 8 8.42 4.42 1.79
CA ASN A 8 7.26 3.55 1.69
C ASN A 8 7.63 2.11 2.05
N LEU A 9 7.34 1.72 3.28
CA LEU A 9 7.65 0.38 3.75
C LEU A 9 6.46 -0.56 3.52
N VAL A 10 5.50 -0.11 2.73
CA VAL A 10 4.31 -0.90 2.44
C VAL A 10 4.70 -2.29 1.95
N SER A 11 5.85 -2.39 1.30
CA SER A 11 6.33 -3.66 0.77
C SER A 11 7.03 -4.47 1.87
N LEU A 12 7.72 -3.77 2.75
CA LEU A 12 8.45 -4.41 3.84
C LEU A 12 7.69 -4.26 5.17
N GLN A 13 6.37 -4.22 5.07
CA GLN A 13 5.52 -4.08 6.25
C GLN A 13 5.32 -5.43 6.94
N ASN A 14 5.00 -6.45 6.15
CA ASN A 14 4.78 -7.79 6.67
C ASN A 14 6.09 -8.56 6.77
N LEU A 15 7.06 -8.17 5.96
CA LEU A 15 8.37 -8.83 5.95
C LEU A 15 9.49 -7.80 5.89
N LEU A 16 10.72 -8.28 5.82
CA LEU A 16 11.89 -7.41 5.76
C LEU A 16 12.42 -7.32 4.33
N VAL A 17 12.13 -8.33 3.53
CA VAL A 17 12.58 -8.36 2.15
C VAL A 17 11.63 -7.59 1.24
N TYR A 18 11.96 -7.52 -0.04
CA TYR A 18 11.14 -6.81 -1.01
C TYR A 18 10.54 -7.78 -2.02
N VAL A 19 10.16 -8.96 -1.56
CA VAL A 19 9.57 -9.98 -2.42
C VAL A 19 8.31 -9.45 -3.11
N ASN A 20 7.71 -8.43 -2.51
CA ASN A 20 6.50 -7.83 -3.06
C ASN A 20 6.67 -7.51 -4.55
N TRP A 21 5.56 -7.43 -5.27
CA TRP A 21 5.60 -7.13 -6.69
C TRP A 21 4.19 -6.92 -7.24
N SER A 22 4.06 -6.97 -8.56
CA SER A 22 2.76 -6.79 -9.21
C SER A 22 1.63 -7.27 -8.30
N SER A 23 1.73 -8.52 -7.87
CA SER A 23 0.72 -9.12 -7.01
C SER A 23 0.89 -8.65 -5.57
N TYR A 24 0.82 -7.34 -5.37
CA TYR A 24 0.96 -6.75 -4.03
C TYR A 24 0.09 -7.48 -3.02
N PRO A 25 0.47 -7.40 -1.73
CA PRO A 25 -0.27 -8.05 -0.64
C PRO A 25 -1.62 -7.39 -0.39
N LYS A 26 -2.53 -8.15 0.22
CA LYS A 26 -3.86 -7.63 0.52
C LYS A 26 -3.81 -6.61 1.65
N TYR A 27 -4.76 -5.68 1.65
CA TYR A 27 -4.82 -4.64 2.68
C TYR A 27 -4.75 -5.25 4.07
N GLU A 28 -3.87 -4.72 4.90
CA GLU A 28 -3.71 -5.22 6.26
C GLU A 28 -4.12 -4.15 7.28
N PRO A 29 -5.30 -4.36 7.89
CA PRO A 29 -5.84 -3.43 8.89
C PRO A 29 -5.04 -3.46 10.20
N GLY A 30 -4.64 -2.28 10.65
CA GLY A 30 -3.88 -2.18 11.89
C GLY A 30 -2.43 -1.83 11.64
N LYS A 31 -2.15 -1.22 10.49
CA LYS A 31 -0.79 -0.82 10.13
C LYS A 31 -0.79 0.53 9.44
N GLU A 32 -0.16 1.52 10.06
CA GLU A 32 -0.08 2.85 9.50
C GLU A 32 0.37 2.80 8.04
N TYR A 33 -0.31 3.58 7.19
CA TYR A 33 0.02 3.63 5.77
C TYR A 33 0.39 5.03 5.34
N ASN A 34 1.67 5.24 5.08
CA ASN A 34 2.17 6.55 4.65
C ASN A 34 1.87 6.79 3.18
N GLN A 35 2.15 8.00 2.72
CA GLN A 35 1.91 8.36 1.33
C GLN A 35 2.76 7.51 0.39
N GLY A 36 2.14 7.01 -0.68
CA GLY A 36 2.85 6.18 -1.63
C GLY A 36 2.60 4.71 -1.42
N ASP A 37 2.27 4.33 -0.18
CA ASP A 37 2.00 2.94 0.15
C ASP A 37 0.89 2.37 -0.73
N ILE A 38 1.14 1.18 -1.28
CA ILE A 38 0.17 0.53 -2.14
C ILE A 38 -0.19 -0.87 -1.63
N VAL A 39 -1.47 -1.21 -1.68
CA VAL A 39 -1.94 -2.51 -1.22
C VAL A 39 -3.10 -3.01 -2.06
N GLU A 40 -3.21 -4.33 -2.19
CA GLU A 40 -4.29 -4.93 -2.98
C GLU A 40 -5.54 -5.10 -2.14
N TYR A 41 -6.70 -5.02 -2.78
CA TYR A 41 -7.98 -5.16 -2.09
C TYR A 41 -9.04 -5.70 -3.04
N ASN A 42 -9.54 -6.91 -2.75
CA ASN A 42 -10.57 -7.53 -3.57
C ASN A 42 -10.12 -7.62 -5.02
N GLY A 43 -8.81 -7.66 -5.23
CA GLY A 43 -8.28 -7.76 -6.58
C GLY A 43 -8.05 -6.38 -7.20
N LYS A 44 -7.95 -5.37 -6.35
CA LYS A 44 -7.73 -4.00 -6.82
C LYS A 44 -6.37 -3.49 -6.38
N LEU A 45 -6.08 -2.23 -6.69
CA LEU A 45 -4.81 -1.62 -6.33
C LEU A 45 -4.99 -0.14 -5.96
N TYR A 46 -4.77 0.18 -4.70
CA TYR A 46 -4.92 1.56 -4.23
C TYR A 46 -3.59 2.07 -3.67
N LYS A 47 -3.45 3.40 -3.66
CA LYS A 47 -2.25 4.03 -3.15
C LYS A 47 -2.58 5.19 -2.21
N ALA A 48 -2.11 5.10 -0.98
CA ALA A 48 -2.36 6.14 0.01
C ALA A 48 -1.79 7.47 -0.44
N LYS A 49 -2.65 8.45 -0.66
CA LYS A 49 -2.24 9.78 -1.09
C LYS A 49 -1.37 10.44 -0.03
N TYR A 50 -1.84 10.42 1.21
CA TYR A 50 -1.11 11.03 2.32
C TYR A 50 -1.23 10.18 3.58
N TRP A 51 -0.50 10.57 4.62
CA TRP A 51 -0.52 9.85 5.89
C TRP A 51 -1.96 9.59 6.34
N THR A 52 -2.35 8.33 6.35
CA THR A 52 -3.69 7.95 6.77
C THR A 52 -3.77 6.47 7.15
N THR A 53 -4.62 6.16 8.12
CA THR A 53 -4.77 4.78 8.58
C THR A 53 -6.23 4.35 8.52
N SER A 54 -6.56 3.49 7.56
CA SER A 54 -7.92 3.00 7.40
C SER A 54 -8.04 2.11 6.16
N PRO A 55 -9.00 1.18 6.20
CA PRO A 55 -9.24 0.26 5.09
C PRO A 55 -9.82 0.95 3.87
N PRO A 56 -9.60 0.36 2.68
CA PRO A 56 -10.10 0.91 1.41
C PRO A 56 -11.62 0.79 1.30
N SER A 57 -12.25 1.89 0.88
CA SER A 57 -13.71 1.91 0.72
C SER A 57 -14.18 3.30 0.33
N ASP A 58 -14.20 4.21 1.30
CA ASP A 58 -14.63 5.58 1.06
C ASP A 58 -13.64 6.58 1.65
N ASP A 59 -12.90 7.26 0.79
CA ASP A 59 -11.91 8.24 1.24
C ASP A 59 -12.36 9.65 0.88
N PRO A 60 -13.23 10.23 1.72
CA PRO A 60 -13.75 11.59 1.51
C PRO A 60 -12.69 12.65 1.72
N TYR A 61 -11.55 12.25 2.26
CA TYR A 61 -10.45 13.17 2.51
C TYR A 61 -9.26 12.87 1.61
N GLY A 62 -9.50 12.07 0.58
CA GLY A 62 -8.44 11.71 -0.35
C GLY A 62 -7.30 10.99 0.32
N SER A 63 -7.62 9.94 1.08
CA SER A 63 -6.61 9.16 1.80
C SER A 63 -6.06 8.05 0.90
N TRP A 64 -6.79 7.74 -0.16
CA TRP A 64 -6.38 6.69 -1.08
C TRP A 64 -6.55 7.14 -2.54
N GLU A 65 -5.87 6.47 -3.45
CA GLU A 65 -5.95 6.80 -4.87
C GLU A 65 -5.87 5.54 -5.73
N TYR A 66 -6.97 5.24 -6.42
CA TYR A 66 -7.02 4.07 -7.28
C TYR A 66 -6.09 4.23 -8.49
N LEU A 67 -5.04 3.41 -8.52
CA LEU A 67 -4.08 3.46 -9.61
C LEU A 67 -4.30 2.32 -10.59
N GLY A 68 -5.17 1.38 -10.21
CA GLY A 68 -5.46 0.25 -11.06
C GLY A 68 -5.99 -0.94 -10.29
N GLU A 69 -6.00 -2.11 -10.93
CA GLU A 69 -6.49 -3.33 -10.30
C GLU A 69 -5.41 -4.41 -10.31
N ALA A 70 -5.51 -5.33 -9.36
CA ALA A 70 -4.54 -6.43 -9.26
C ALA A 70 -4.50 -7.24 -10.56
N GLU A 71 -5.67 -7.45 -11.15
CA GLU A 71 -5.77 -8.22 -12.38
C GLU A 71 -6.38 -7.37 -13.50
N PRO A 72 -5.53 -6.92 -14.44
CA PRO A 72 -5.97 -6.11 -15.57
C PRO A 72 -6.83 -6.89 -16.56
N THR A 73 -7.62 -6.17 -17.35
CA THR A 73 -8.48 -6.80 -18.35
C THR A 73 -7.86 -6.73 -19.74
N GLY A 1 27.08 -1.01 8.63
CA GLY A 1 26.82 -0.17 7.48
C GLY A 1 25.56 0.67 7.64
N PRO A 2 25.39 1.65 6.74
CA PRO A 2 24.24 2.56 6.76
C PRO A 2 22.94 1.84 6.38
N SER A 3 21.82 2.46 6.73
CA SER A 3 20.50 1.88 6.43
C SER A 3 19.83 2.63 5.29
N THR A 4 18.89 1.96 4.63
CA THR A 4 18.17 2.57 3.52
C THR A 4 17.09 3.53 4.02
N SER A 5 16.57 4.35 3.11
CA SER A 5 15.53 5.31 3.45
C SER A 5 14.32 5.16 2.54
N MET A 6 13.16 5.59 3.02
CA MET A 6 11.93 5.51 2.24
C MET A 6 10.80 6.26 2.92
N GLU A 7 9.59 6.17 2.37
CA GLU A 7 8.43 6.85 2.92
C GLU A 7 7.24 5.90 3.01
N ASN A 8 7.48 4.63 2.70
CA ASN A 8 6.42 3.62 2.75
C ASN A 8 6.99 2.26 3.15
N LEU A 9 6.68 1.83 4.37
CA LEU A 9 7.15 0.55 4.88
C LEU A 9 6.17 -0.56 4.56
N VAL A 10 5.23 -0.27 3.67
CA VAL A 10 4.21 -1.24 3.27
C VAL A 10 4.86 -2.56 2.88
N SER A 11 6.08 -2.49 2.36
CA SER A 11 6.80 -3.68 1.94
C SER A 11 7.13 -4.57 3.13
N LEU A 12 7.64 -3.96 4.19
CA LEU A 12 7.99 -4.70 5.40
C LEU A 12 6.77 -5.37 6.02
N GLN A 13 5.60 -4.79 5.76
CA GLN A 13 4.35 -5.34 6.28
C GLN A 13 4.14 -6.77 5.80
N ASN A 14 4.80 -7.13 4.71
CA ASN A 14 4.68 -8.47 4.15
C ASN A 14 5.98 -8.89 3.48
N LEU A 15 6.26 -8.34 2.31
CA LEU A 15 7.48 -8.66 1.58
C LEU A 15 8.25 -7.39 1.20
N LEU A 16 9.54 -7.38 1.49
CA LEU A 16 10.39 -6.23 1.19
C LEU A 16 11.55 -6.63 0.30
N VAL A 17 11.24 -7.23 -0.84
CA VAL A 17 12.27 -7.66 -1.78
C VAL A 17 12.62 -6.55 -2.77
N TYR A 18 13.51 -6.86 -3.70
CA TYR A 18 13.94 -5.89 -4.70
C TYR A 18 13.37 -6.22 -6.07
N VAL A 19 12.16 -6.77 -6.09
CA VAL A 19 11.50 -7.15 -7.35
C VAL A 19 9.99 -7.01 -7.23
N ASN A 20 9.39 -6.32 -8.19
CA ASN A 20 7.94 -6.12 -8.20
C ASN A 20 7.21 -7.44 -7.97
N TRP A 21 6.71 -7.62 -6.75
CA TRP A 21 5.99 -8.84 -6.40
C TRP A 21 4.63 -8.89 -7.11
N SER A 22 4.23 -10.10 -7.50
CA SER A 22 2.96 -10.28 -8.20
C SER A 22 1.83 -10.47 -7.20
N SER A 23 2.02 -11.35 -6.23
CA SER A 23 1.02 -11.63 -5.22
C SER A 23 1.11 -10.62 -4.07
N TYR A 24 1.05 -9.35 -4.41
CA TYR A 24 1.13 -8.29 -3.41
C TYR A 24 0.23 -8.59 -2.22
N PRO A 25 0.54 -7.97 -1.07
CA PRO A 25 -0.24 -8.16 0.16
C PRO A 25 -1.63 -7.53 0.08
N LYS A 26 -2.49 -7.90 1.02
CA LYS A 26 -3.85 -7.38 1.06
C LYS A 26 -4.00 -6.33 2.16
N TYR A 27 -5.03 -5.49 2.03
CA TYR A 27 -5.28 -4.44 3.01
C TYR A 27 -5.30 -5.02 4.43
N GLU A 28 -4.42 -4.50 5.28
CA GLU A 28 -4.33 -4.97 6.66
C GLU A 28 -4.92 -3.93 7.62
N PRO A 29 -6.19 -4.15 8.00
CA PRO A 29 -6.90 -3.25 8.91
C PRO A 29 -6.36 -3.32 10.34
N GLY A 30 -6.02 -2.16 10.89
CA GLY A 30 -5.49 -2.10 12.24
C GLY A 30 -4.02 -1.77 12.27
N LYS A 31 -3.54 -1.14 11.20
CA LYS A 31 -2.12 -0.76 11.12
C LYS A 31 -1.96 0.50 10.27
N GLU A 32 -1.34 1.53 10.85
CA GLU A 32 -1.12 2.78 10.16
C GLU A 32 -0.52 2.54 8.78
N TYR A 33 -0.69 3.51 7.88
CA TYR A 33 -0.17 3.40 6.53
C TYR A 33 0.45 4.71 6.08
N ASN A 34 1.77 4.70 5.87
CA ASN A 34 2.49 5.90 5.45
C ASN A 34 2.28 6.15 3.96
N GLN A 35 2.53 7.38 3.52
CA GLN A 35 2.37 7.75 2.13
C GLN A 35 3.17 6.81 1.22
N GLY A 36 2.54 6.35 0.15
CA GLY A 36 3.21 5.45 -0.78
C GLY A 36 2.84 4.00 -0.55
N ASP A 37 2.36 3.70 0.66
CA ASP A 37 1.96 2.33 1.01
C ASP A 37 0.92 1.81 0.04
N ILE A 38 1.15 0.61 -0.48
CA ILE A 38 0.23 -0.01 -1.43
C ILE A 38 -0.23 -1.37 -0.93
N VAL A 39 -1.53 -1.64 -1.07
CA VAL A 39 -2.10 -2.91 -0.63
C VAL A 39 -3.20 -3.37 -1.58
N GLU A 40 -3.55 -4.64 -1.49
CA GLU A 40 -4.59 -5.21 -2.34
C GLU A 40 -5.91 -5.34 -1.59
N TYR A 41 -6.98 -4.84 -2.18
CA TYR A 41 -8.31 -4.90 -1.57
C TYR A 41 -9.39 -5.10 -2.61
N ASN A 42 -10.16 -6.17 -2.46
CA ASN A 42 -11.24 -6.47 -3.40
C ASN A 42 -10.68 -6.75 -4.79
N GLY A 43 -9.45 -7.24 -4.85
CA GLY A 43 -8.83 -7.54 -6.12
C GLY A 43 -8.29 -6.30 -6.81
N LYS A 44 -8.12 -5.23 -6.05
CA LYS A 44 -7.62 -3.97 -6.60
C LYS A 44 -6.30 -3.59 -5.95
N LEU A 45 -5.79 -2.42 -6.32
CA LEU A 45 -4.53 -1.93 -5.76
C LEU A 45 -4.58 -0.42 -5.52
N TYR A 46 -4.54 -0.02 -4.26
CA TYR A 46 -4.59 1.39 -3.90
C TYR A 46 -3.28 1.83 -3.25
N LYS A 47 -3.03 3.14 -3.27
CA LYS A 47 -1.81 3.69 -2.68
C LYS A 47 -2.13 4.91 -1.83
N ALA A 48 -1.84 4.83 -0.54
CA ALA A 48 -2.09 5.93 0.38
C ALA A 48 -1.34 7.18 -0.05
N LYS A 49 -2.08 8.23 -0.41
CA LYS A 49 -1.48 9.49 -0.84
C LYS A 49 -0.60 10.07 0.26
N TYR A 50 -1.13 10.13 1.48
CA TYR A 50 -0.39 10.67 2.61
C TYR A 50 -0.68 9.87 3.88
N TRP A 51 0.07 10.17 4.94
CA TRP A 51 -0.11 9.48 6.21
C TRP A 51 -1.58 9.48 6.63
N THR A 52 -2.18 8.29 6.66
CA THR A 52 -3.57 8.14 7.05
C THR A 52 -3.89 6.71 7.45
N THR A 53 -4.93 6.55 8.27
CA THR A 53 -5.33 5.23 8.73
C THR A 53 -6.83 5.01 8.50
N SER A 54 -7.16 4.15 7.54
CA SER A 54 -8.55 3.86 7.21
C SER A 54 -8.64 2.88 6.04
N PRO A 55 -9.70 2.07 6.04
CA PRO A 55 -9.94 1.08 4.98
C PRO A 55 -10.30 1.72 3.65
N PRO A 56 -9.99 1.03 2.55
CA PRO A 56 -10.28 1.52 1.20
C PRO A 56 -11.77 1.52 0.88
N SER A 57 -12.25 2.62 0.33
CA SER A 57 -13.66 2.76 -0.01
C SER A 57 -13.97 4.15 -0.56
N ASP A 58 -14.04 5.12 0.35
CA ASP A 58 -14.32 6.50 -0.04
C ASP A 58 -13.40 7.47 0.70
N ASP A 59 -12.46 8.05 -0.04
CA ASP A 59 -11.52 8.99 0.54
C ASP A 59 -11.61 10.36 -0.15
N PRO A 60 -12.58 11.17 0.30
CA PRO A 60 -12.80 12.51 -0.25
C PRO A 60 -11.68 13.48 0.09
N TYR A 61 -10.78 13.05 0.98
CA TYR A 61 -9.66 13.88 1.40
C TYR A 61 -8.37 13.43 0.72
N GLY A 62 -8.51 12.62 -0.32
CA GLY A 62 -7.35 12.14 -1.04
C GLY A 62 -6.40 11.34 -0.17
N SER A 63 -6.95 10.36 0.55
CA SER A 63 -6.15 9.52 1.44
C SER A 63 -5.64 8.28 0.71
N TRP A 64 -6.27 7.97 -0.42
CA TRP A 64 -5.87 6.82 -1.21
C TRP A 64 -5.83 7.16 -2.70
N GLU A 65 -5.10 6.36 -3.47
CA GLU A 65 -4.98 6.58 -4.90
C GLU A 65 -4.92 5.25 -5.66
N TYR A 66 -5.94 4.98 -6.46
CA TYR A 66 -6.00 3.75 -7.23
C TYR A 66 -5.00 3.78 -8.37
N LEU A 67 -3.98 2.93 -8.28
CA LEU A 67 -2.95 2.85 -9.31
C LEU A 67 -3.25 1.73 -10.29
N GLY A 68 -3.83 0.65 -9.80
CA GLY A 68 -4.16 -0.48 -10.65
C GLY A 68 -4.95 -1.55 -9.92
N GLU A 69 -5.03 -2.73 -10.52
CA GLU A 69 -5.76 -3.85 -9.91
C GLU A 69 -4.83 -5.03 -9.67
N ALA A 70 -5.18 -5.85 -8.68
CA ALA A 70 -4.39 -7.02 -8.34
C ALA A 70 -4.17 -7.91 -9.57
N GLU A 71 -5.28 -8.35 -10.16
CA GLU A 71 -5.22 -9.21 -11.34
C GLU A 71 -6.04 -8.62 -12.49
N PRO A 72 -5.63 -8.94 -13.72
CA PRO A 72 -6.32 -8.46 -14.92
C PRO A 72 -7.70 -9.09 -15.11
N THR A 73 -8.67 -8.29 -15.50
CA THR A 73 -10.03 -8.77 -15.71
C THR A 73 -10.38 -8.80 -17.18
N GLY A 1 23.92 -4.50 7.97
CA GLY A 1 24.47 -3.22 8.38
C GLY A 1 23.89 -2.07 7.57
N PRO A 2 24.32 -1.95 6.31
CA PRO A 2 23.86 -0.89 5.40
C PRO A 2 22.40 -1.06 5.00
N SER A 3 21.72 0.06 4.75
CA SER A 3 20.32 0.03 4.37
C SER A 3 20.01 1.13 3.35
N THR A 4 19.00 0.90 2.53
CA THR A 4 18.60 1.88 1.51
C THR A 4 17.68 2.93 2.10
N SER A 5 17.34 3.94 1.29
CA SER A 5 16.47 5.01 1.73
C SER A 5 15.18 5.03 0.93
N MET A 6 14.10 5.49 1.56
CA MET A 6 12.80 5.55 0.90
C MET A 6 11.81 6.37 1.73
N GLU A 7 10.54 6.35 1.34
CA GLU A 7 9.50 7.08 2.04
C GLU A 7 8.23 6.26 2.15
N ASN A 8 8.32 4.98 1.80
CA ASN A 8 7.17 4.08 1.85
C ASN A 8 7.61 2.66 2.16
N LEU A 9 7.47 2.26 3.42
CA LEU A 9 7.85 0.92 3.84
C LEU A 9 6.68 -0.06 3.70
N VAL A 10 5.63 0.39 3.01
CA VAL A 10 4.46 -0.43 2.79
C VAL A 10 4.84 -1.80 2.22
N SER A 11 5.94 -1.83 1.48
CA SER A 11 6.41 -3.08 0.87
C SER A 11 7.02 -3.99 1.93
N LEU A 12 7.78 -3.41 2.84
CA LEU A 12 8.41 -4.18 3.91
C LEU A 12 7.58 -4.16 5.17
N GLN A 13 6.27 -3.94 5.01
CA GLN A 13 5.36 -3.90 6.15
C GLN A 13 5.11 -5.30 6.71
N ASN A 14 5.23 -6.30 5.84
CA ASN A 14 5.03 -7.69 6.26
C ASN A 14 5.23 -8.64 5.08
N LEU A 15 6.43 -8.60 4.49
CA LEU A 15 6.75 -9.45 3.37
C LEU A 15 8.15 -10.05 3.52
N LEU A 16 8.30 -11.30 3.09
CA LEU A 16 9.58 -11.99 3.19
C LEU A 16 10.02 -12.48 1.81
N VAL A 17 10.12 -11.56 0.87
CA VAL A 17 10.54 -11.90 -0.49
C VAL A 17 11.81 -11.14 -0.88
N TYR A 18 12.42 -11.54 -1.99
CA TYR A 18 13.64 -10.90 -2.46
C TYR A 18 13.81 -11.11 -3.96
N VAL A 19 13.41 -10.10 -4.75
CA VAL A 19 13.52 -10.18 -6.20
C VAL A 19 13.02 -8.89 -6.85
N ASN A 20 11.92 -8.37 -6.34
CA ASN A 20 11.34 -7.14 -6.87
C ASN A 20 10.10 -6.73 -6.08
N TRP A 21 9.00 -7.44 -6.30
CA TRP A 21 7.75 -7.15 -5.60
C TRP A 21 7.14 -8.42 -5.04
N SER A 22 7.28 -9.53 -5.77
CA SER A 22 6.74 -10.80 -5.34
C SER A 22 5.33 -10.64 -4.75
N SER A 23 4.38 -10.30 -5.60
CA SER A 23 3.00 -10.10 -5.18
C SER A 23 2.91 -8.99 -4.14
N TYR A 24 2.44 -7.82 -4.57
CA TYR A 24 2.30 -6.67 -3.69
C TYR A 24 1.56 -7.05 -2.41
N PRO A 25 1.84 -6.32 -1.32
CA PRO A 25 1.21 -6.56 -0.03
C PRO A 25 -0.27 -6.18 -0.01
N LYS A 26 -1.11 -7.07 0.51
CA LYS A 26 -2.53 -6.82 0.57
C LYS A 26 -2.88 -5.92 1.75
N TYR A 27 -4.03 -5.25 1.67
CA TYR A 27 -4.47 -4.35 2.73
C TYR A 27 -4.34 -5.02 4.10
N GLU A 28 -3.49 -4.46 4.95
CA GLU A 28 -3.27 -5.00 6.28
C GLU A 28 -3.94 -4.12 7.33
N PRO A 29 -5.15 -4.53 7.76
CA PRO A 29 -5.92 -3.80 8.78
C PRO A 29 -5.29 -3.88 10.16
N GLY A 30 -5.10 -2.72 10.78
CA GLY A 30 -4.50 -2.68 12.10
C GLY A 30 -3.08 -2.15 12.08
N LYS A 31 -2.75 -1.39 11.05
CA LYS A 31 -1.41 -0.83 10.91
C LYS A 31 -1.45 0.50 10.16
N GLU A 32 -0.90 1.54 10.78
CA GLU A 32 -0.87 2.86 10.17
C GLU A 32 -0.39 2.79 8.72
N TYR A 33 -0.66 3.85 7.96
CA TYR A 33 -0.25 3.90 6.57
C TYR A 33 0.20 5.30 6.18
N ASN A 34 1.48 5.43 5.84
CA ASN A 34 2.04 6.72 5.46
C ASN A 34 1.73 7.04 4.00
N GLN A 35 1.67 8.33 3.67
CA GLN A 35 1.38 8.76 2.30
C GLN A 35 2.27 8.02 1.30
N GLY A 36 1.66 7.55 0.22
CA GLY A 36 2.40 6.84 -0.80
C GLY A 36 2.30 5.33 -0.65
N ASP A 37 1.89 4.88 0.54
CA ASP A 37 1.75 3.46 0.81
C ASP A 37 0.71 2.83 -0.10
N ILE A 38 1.07 1.72 -0.73
CA ILE A 38 0.15 1.02 -1.63
C ILE A 38 -0.08 -0.41 -1.17
N VAL A 39 -1.33 -0.86 -1.27
CA VAL A 39 -1.69 -2.22 -0.87
C VAL A 39 -2.73 -2.82 -1.82
N GLU A 40 -2.87 -4.13 -1.77
CA GLU A 40 -3.83 -4.83 -2.63
C GLU A 40 -5.07 -5.22 -1.83
N TYR A 41 -6.24 -4.79 -2.31
CA TYR A 41 -7.49 -5.10 -1.64
C TYR A 41 -8.59 -5.43 -2.66
N ASN A 42 -9.28 -6.54 -2.42
CA ASN A 42 -10.35 -6.97 -3.31
C ASN A 42 -9.84 -7.15 -4.73
N GLY A 43 -8.54 -7.45 -4.86
CA GLY A 43 -7.95 -7.64 -6.17
C GLY A 43 -7.68 -6.32 -6.87
N LYS A 44 -7.57 -5.25 -6.10
CA LYS A 44 -7.32 -3.91 -6.66
C LYS A 44 -6.06 -3.31 -6.05
N LEU A 45 -5.77 -2.07 -6.43
CA LEU A 45 -4.60 -1.37 -5.92
C LEU A 45 -4.93 0.06 -5.54
N TYR A 46 -4.62 0.43 -4.30
CA TYR A 46 -4.89 1.78 -3.82
C TYR A 46 -3.65 2.39 -3.19
N LYS A 47 -3.59 3.72 -3.18
CA LYS A 47 -2.45 4.43 -2.61
C LYS A 47 -2.93 5.56 -1.69
N ALA A 48 -2.55 5.47 -0.41
CA ALA A 48 -2.93 6.49 0.56
C ALA A 48 -2.34 7.85 0.20
N LYS A 49 -3.22 8.80 -0.10
CA LYS A 49 -2.80 10.14 -0.46
C LYS A 49 -1.97 10.77 0.66
N TYR A 50 -2.45 10.66 1.89
CA TYR A 50 -1.75 11.21 3.04
C TYR A 50 -1.89 10.30 4.25
N TRP A 51 -1.16 10.63 5.32
CA TRP A 51 -1.21 9.84 6.54
C TRP A 51 -2.65 9.59 6.98
N THR A 52 -3.07 8.33 6.90
CA THR A 52 -4.42 7.95 7.30
C THR A 52 -4.53 6.46 7.57
N THR A 53 -5.39 6.09 8.51
CA THR A 53 -5.58 4.69 8.87
C THR A 53 -7.03 4.26 8.67
N SER A 54 -7.28 3.46 7.65
CA SER A 54 -8.63 2.99 7.36
C SER A 54 -8.64 2.12 6.10
N PRO A 55 -9.60 1.18 6.04
CA PRO A 55 -9.75 0.28 4.89
C PRO A 55 -10.23 0.99 3.64
N PRO A 56 -9.87 0.43 2.47
CA PRO A 56 -10.25 1.00 1.17
C PRO A 56 -11.75 0.87 0.90
N SER A 57 -12.35 1.93 0.38
CA SER A 57 -13.78 1.93 0.08
C SER A 57 -14.21 3.27 -0.52
N ASP A 58 -14.29 4.28 0.33
CA ASP A 58 -14.69 5.61 -0.10
C ASP A 58 -13.85 6.69 0.59
N ASP A 59 -13.15 7.49 -0.20
CA ASP A 59 -12.31 8.55 0.34
C ASP A 59 -12.89 9.92 0.01
N PRO A 60 -13.87 10.35 0.83
CA PRO A 60 -14.54 11.65 0.65
C PRO A 60 -13.62 12.82 0.96
N TYR A 61 -12.49 12.53 1.60
CA TYR A 61 -11.53 13.55 1.96
C TYR A 61 -10.22 13.39 1.19
N GLY A 62 -10.15 12.31 0.42
CA GLY A 62 -8.95 12.05 -0.37
C GLY A 62 -7.88 11.34 0.42
N SER A 63 -8.26 10.27 1.10
CA SER A 63 -7.32 9.50 1.91
C SER A 63 -6.70 8.37 1.10
N TRP A 64 -7.34 8.04 -0.03
CA TRP A 64 -6.85 6.97 -0.89
C TRP A 64 -6.91 7.40 -2.36
N GLU A 65 -6.13 6.72 -3.19
CA GLU A 65 -6.09 7.02 -4.62
C GLU A 65 -6.04 5.75 -5.45
N TYR A 66 -7.00 5.59 -6.35
CA TYR A 66 -7.06 4.41 -7.20
C TYR A 66 -5.93 4.43 -8.23
N LEU A 67 -4.99 3.50 -8.08
CA LEU A 67 -3.86 3.41 -9.00
C LEU A 67 -4.11 2.35 -10.06
N GLY A 68 -5.18 1.57 -9.89
CA GLY A 68 -5.51 0.54 -10.85
C GLY A 68 -6.01 -0.73 -10.19
N GLU A 69 -5.42 -1.86 -10.56
CA GLU A 69 -5.81 -3.14 -9.98
C GLU A 69 -4.63 -4.11 -9.97
N ALA A 70 -4.74 -5.16 -9.16
CA ALA A 70 -3.69 -6.15 -9.04
C ALA A 70 -3.60 -7.01 -10.31
N GLU A 71 -4.74 -7.54 -10.74
CA GLU A 71 -4.79 -8.38 -11.93
C GLU A 71 -5.65 -7.73 -13.01
N PRO A 72 -4.98 -7.19 -14.04
CA PRO A 72 -5.67 -6.53 -15.17
C PRO A 72 -6.43 -7.52 -16.04
N THR A 73 -7.64 -7.14 -16.44
CA THR A 73 -8.48 -8.00 -17.27
C THR A 73 -8.69 -7.37 -18.65
N GLY A 1 22.43 12.76 10.98
CA GLY A 1 21.33 13.02 10.07
C GLY A 1 20.60 11.75 9.66
N PRO A 2 19.62 11.89 8.76
CA PRO A 2 18.82 10.76 8.26
C PRO A 2 19.63 9.83 7.37
N SER A 3 19.40 8.53 7.52
CA SER A 3 20.12 7.53 6.74
C SER A 3 19.33 6.22 6.69
N THR A 4 19.43 5.52 5.58
CA THR A 4 18.73 4.25 5.41
C THR A 4 17.27 4.37 5.79
N SER A 5 16.64 5.48 5.41
CA SER A 5 15.24 5.72 5.71
C SER A 5 14.34 5.15 4.62
N MET A 6 13.32 4.40 5.04
CA MET A 6 12.38 3.80 4.10
C MET A 6 10.94 4.07 4.51
N GLU A 7 10.09 4.35 3.54
CA GLU A 7 8.68 4.63 3.80
C GLU A 7 7.79 3.56 3.18
N ASN A 8 7.97 3.32 1.89
CA ASN A 8 7.18 2.32 1.17
C ASN A 8 7.64 0.91 1.53
N LEU A 9 7.33 0.48 2.74
CA LEU A 9 7.71 -0.85 3.21
C LEU A 9 6.58 -1.84 2.98
N VAL A 10 5.58 -1.43 2.19
CA VAL A 10 4.44 -2.30 1.90
C VAL A 10 4.89 -3.67 1.42
N SER A 11 6.06 -3.71 0.77
CA SER A 11 6.60 -4.96 0.25
C SER A 11 7.10 -5.84 1.39
N LEU A 12 7.81 -5.25 2.34
CA LEU A 12 8.33 -5.98 3.48
C LEU A 12 7.38 -5.89 4.67
N GLN A 13 6.13 -5.60 4.40
CA GLN A 13 5.11 -5.49 5.44
C GLN A 13 4.79 -6.86 6.02
N ASN A 14 5.03 -7.91 5.24
CA ASN A 14 4.76 -9.26 5.68
C ASN A 14 5.92 -10.20 5.31
N LEU A 15 6.37 -10.10 4.07
CA LEU A 15 7.47 -10.93 3.59
C LEU A 15 8.81 -10.20 3.72
N LEU A 16 9.88 -10.84 3.27
CA LEU A 16 11.20 -10.25 3.32
C LEU A 16 11.63 -9.75 1.95
N VAL A 17 11.61 -10.63 0.96
CA VAL A 17 11.99 -10.29 -0.39
C VAL A 17 11.26 -9.04 -0.88
N TYR A 18 11.86 -8.32 -1.80
CA TYR A 18 11.27 -7.11 -2.35
C TYR A 18 10.91 -7.29 -3.81
N VAL A 19 11.92 -7.25 -4.68
CA VAL A 19 11.71 -7.42 -6.11
C VAL A 19 11.04 -6.19 -6.71
N ASN A 20 9.77 -5.99 -6.36
CA ASN A 20 9.02 -4.84 -6.87
C ASN A 20 7.60 -4.84 -6.32
N TRP A 21 7.05 -6.03 -6.11
CA TRP A 21 5.70 -6.17 -5.58
C TRP A 21 5.63 -7.26 -4.51
N SER A 22 6.38 -8.33 -4.73
CA SER A 22 6.41 -9.45 -3.78
C SER A 22 5.00 -9.81 -3.33
N SER A 23 4.22 -10.37 -4.25
CA SER A 23 2.85 -10.76 -3.95
C SER A 23 2.09 -9.62 -3.27
N TYR A 24 1.43 -8.79 -4.08
CA TYR A 24 0.67 -7.66 -3.56
C TYR A 24 -0.25 -8.09 -2.42
N PRO A 25 0.11 -7.70 -1.20
CA PRO A 25 -0.67 -8.04 0.00
C PRO A 25 -2.01 -7.30 0.05
N LYS A 26 -3.01 -7.94 0.65
CA LYS A 26 -4.33 -7.35 0.76
C LYS A 26 -4.39 -6.35 1.92
N TYR A 27 -5.36 -5.45 1.86
CA TYR A 27 -5.53 -4.44 2.90
C TYR A 27 -5.55 -5.08 4.28
N GLU A 28 -4.62 -4.67 5.14
CA GLU A 28 -4.53 -5.20 6.49
C GLU A 28 -4.71 -4.09 7.53
N PRO A 29 -5.87 -4.10 8.20
CA PRO A 29 -6.20 -3.10 9.23
C PRO A 29 -5.36 -3.28 10.49
N GLY A 30 -4.74 -2.18 10.93
CA GLY A 30 -3.90 -2.24 12.12
C GLY A 30 -2.43 -2.17 11.81
N LYS A 31 -2.10 -1.63 10.64
CA LYS A 31 -0.71 -1.51 10.21
C LYS A 31 -0.47 -0.19 9.49
N GLU A 32 0.39 0.65 10.05
CA GLU A 32 0.71 1.94 9.46
C GLU A 32 1.01 1.80 7.97
N TYR A 33 0.44 2.69 7.16
CA TYR A 33 0.66 2.66 5.72
C TYR A 33 1.26 3.97 5.23
N ASN A 34 2.54 3.94 4.88
CA ASN A 34 3.24 5.12 4.40
C ASN A 34 2.89 5.39 2.93
N GLN A 35 3.35 6.54 2.42
CA GLN A 35 3.09 6.91 1.04
C GLN A 35 3.72 5.91 0.07
N GLY A 36 2.97 5.53 -0.95
CA GLY A 36 3.47 4.58 -1.93
C GLY A 36 3.00 3.17 -1.66
N ASP A 37 2.70 2.87 -0.40
CA ASP A 37 2.24 1.54 -0.01
C ASP A 37 1.03 1.13 -0.84
N ILE A 38 1.07 -0.07 -1.38
CA ILE A 38 -0.03 -0.59 -2.19
C ILE A 38 -0.57 -1.89 -1.62
N VAL A 39 -1.89 -1.99 -1.55
CA VAL A 39 -2.54 -3.19 -1.03
C VAL A 39 -3.78 -3.55 -1.84
N GLU A 40 -4.08 -4.85 -1.91
CA GLU A 40 -5.23 -5.32 -2.66
C GLU A 40 -6.49 -5.29 -1.80
N TYR A 41 -7.60 -4.88 -2.40
CA TYR A 41 -8.87 -4.81 -1.69
C TYR A 41 -10.04 -5.19 -2.60
N ASN A 42 -10.73 -6.27 -2.24
CA ASN A 42 -11.85 -6.74 -3.04
C ASN A 42 -11.46 -6.95 -4.49
N GLY A 43 -10.19 -7.28 -4.71
CA GLY A 43 -9.70 -7.50 -6.05
C GLY A 43 -9.28 -6.22 -6.75
N LYS A 44 -9.02 -5.18 -5.95
CA LYS A 44 -8.60 -3.90 -6.48
C LYS A 44 -7.15 -3.59 -6.08
N LEU A 45 -6.69 -2.39 -6.45
CA LEU A 45 -5.33 -1.97 -6.13
C LEU A 45 -5.30 -0.49 -5.79
N TYR A 46 -5.03 -0.19 -4.52
CA TYR A 46 -4.96 1.20 -4.06
C TYR A 46 -3.56 1.54 -3.55
N LYS A 47 -3.21 2.81 -3.62
CA LYS A 47 -1.90 3.27 -3.16
C LYS A 47 -2.04 4.50 -2.26
N ALA A 48 -1.53 4.38 -1.04
CA ALA A 48 -1.59 5.49 -0.09
C ALA A 48 -0.81 6.69 -0.59
N LYS A 49 -1.52 7.80 -0.85
CA LYS A 49 -0.90 9.01 -1.33
C LYS A 49 0.14 9.53 -0.35
N TYR A 50 -0.24 9.60 0.93
CA TYR A 50 0.66 10.08 1.97
C TYR A 50 0.46 9.29 3.26
N TRP A 51 1.29 9.57 4.26
CA TRP A 51 1.20 8.90 5.54
C TRP A 51 -0.22 8.94 6.09
N THR A 52 -0.86 7.77 6.15
CA THR A 52 -2.23 7.68 6.66
C THR A 52 -2.56 6.26 7.07
N THR A 53 -3.50 6.12 8.01
CA THR A 53 -3.91 4.82 8.50
C THR A 53 -5.43 4.66 8.45
N SER A 54 -5.91 3.84 7.52
CA SER A 54 -7.34 3.62 7.37
C SER A 54 -7.63 2.72 6.18
N PRO A 55 -8.73 1.96 6.26
CA PRO A 55 -9.14 1.04 5.19
C PRO A 55 -9.62 1.77 3.95
N PRO A 56 -9.53 1.10 2.79
CA PRO A 56 -9.95 1.67 1.50
C PRO A 56 -11.47 1.82 1.41
N SER A 57 -11.92 2.98 0.94
CA SER A 57 -13.34 3.25 0.80
C SER A 57 -13.58 4.65 0.25
N ASP A 58 -13.31 5.66 1.09
CA ASP A 58 -13.50 7.05 0.70
C ASP A 58 -12.37 7.92 1.24
N ASP A 59 -11.60 8.52 0.34
CA ASP A 59 -10.49 9.38 0.73
C ASP A 59 -10.80 10.83 0.41
N PRO A 60 -11.54 11.50 1.30
CA PRO A 60 -11.92 12.91 1.13
C PRO A 60 -10.73 13.84 1.30
N TYR A 61 -9.62 13.31 1.78
CA TYR A 61 -8.41 14.10 1.99
C TYR A 61 -7.30 13.65 1.05
N GLY A 62 -7.57 12.60 0.29
CA GLY A 62 -6.59 12.08 -0.64
C GLY A 62 -5.55 11.21 0.03
N SER A 63 -6.01 10.24 0.82
CA SER A 63 -5.12 9.34 1.53
C SER A 63 -4.84 8.09 0.71
N TRP A 64 -5.60 7.92 -0.37
CA TRP A 64 -5.43 6.76 -1.25
C TRP A 64 -5.56 7.16 -2.71
N GLU A 65 -5.05 6.32 -3.59
CA GLU A 65 -5.11 6.58 -5.03
C GLU A 65 -5.26 5.29 -5.82
N TYR A 66 -6.37 5.16 -6.52
CA TYR A 66 -6.65 3.96 -7.31
C TYR A 66 -5.72 3.90 -8.52
N LEU A 67 -4.81 2.92 -8.52
CA LEU A 67 -3.87 2.75 -9.62
C LEU A 67 -4.33 1.63 -10.56
N GLY A 68 -5.35 0.89 -10.14
CA GLY A 68 -5.85 -0.20 -10.95
C GLY A 68 -6.53 -1.27 -10.12
N GLU A 69 -6.74 -2.43 -10.73
CA GLU A 69 -7.38 -3.55 -10.04
C GLU A 69 -6.48 -4.78 -10.04
N ALA A 70 -6.65 -5.63 -9.03
CA ALA A 70 -5.87 -6.84 -8.91
C ALA A 70 -5.93 -7.67 -10.19
N GLU A 71 -7.13 -7.85 -10.72
CA GLU A 71 -7.33 -8.61 -11.94
C GLU A 71 -7.97 -7.75 -13.03
N PRO A 72 -7.16 -7.36 -14.02
CA PRO A 72 -7.62 -6.53 -15.14
C PRO A 72 -8.56 -7.29 -16.07
N THR A 73 -9.42 -6.55 -16.76
CA THR A 73 -10.37 -7.16 -17.69
C THR A 73 -9.70 -7.56 -18.99
N GLY A 1 27.22 2.56 6.85
CA GLY A 1 26.41 1.61 7.60
C GLY A 1 25.06 1.36 6.95
N PRO A 2 24.17 2.36 7.04
CA PRO A 2 22.82 2.27 6.48
C PRO A 2 22.83 2.30 4.95
N SER A 3 21.77 1.78 4.34
CA SER A 3 21.66 1.74 2.89
C SER A 3 20.20 1.66 2.45
N THR A 4 19.95 1.88 1.17
CA THR A 4 18.60 1.82 0.62
C THR A 4 17.70 2.87 1.28
N SER A 5 17.50 3.99 0.59
CA SER A 5 16.67 5.07 1.10
C SER A 5 15.35 5.14 0.35
N MET A 6 14.26 5.31 1.09
CA MET A 6 12.93 5.40 0.48
C MET A 6 11.92 5.94 1.48
N GLU A 7 10.64 5.87 1.13
CA GLU A 7 9.57 6.35 1.99
C GLU A 7 8.30 5.53 1.80
N ASN A 8 8.45 4.35 1.21
CA ASN A 8 7.31 3.46 0.97
C ASN A 8 7.74 2.00 1.03
N LEU A 9 7.70 1.44 2.24
CA LEU A 9 8.09 0.04 2.43
C LEU A 9 6.88 -0.88 2.30
N VAL A 10 5.79 -0.34 1.77
CA VAL A 10 4.57 -1.12 1.58
C VAL A 10 4.85 -2.42 0.83
N SER A 11 5.86 -2.39 -0.02
CA SER A 11 6.23 -3.57 -0.81
C SER A 11 6.40 -4.78 0.11
N LEU A 12 6.93 -4.56 1.30
CA LEU A 12 7.15 -5.63 2.26
C LEU A 12 6.14 -5.55 3.40
N GLN A 13 6.36 -4.60 4.31
CA GLN A 13 5.48 -4.41 5.45
C GLN A 13 5.37 -5.70 6.27
N ASN A 14 6.35 -6.57 6.12
CA ASN A 14 6.36 -7.84 6.85
C ASN A 14 7.59 -8.66 6.48
N LEU A 15 8.29 -9.15 7.50
CA LEU A 15 9.49 -9.96 7.29
C LEU A 15 10.58 -9.14 6.61
N LEU A 16 11.64 -9.82 6.19
CA LEU A 16 12.76 -9.16 5.52
C LEU A 16 13.01 -9.78 4.14
N VAL A 17 11.97 -9.80 3.31
CA VAL A 17 12.09 -10.36 1.97
C VAL A 17 13.02 -9.52 1.10
N TYR A 18 13.42 -10.09 -0.03
CA TYR A 18 14.31 -9.39 -0.95
C TYR A 18 14.15 -9.92 -2.37
N VAL A 19 13.36 -9.24 -3.18
CA VAL A 19 13.12 -9.63 -4.56
C VAL A 19 12.19 -8.67 -5.27
N ASN A 20 12.57 -8.26 -6.48
CA ASN A 20 11.76 -7.33 -7.25
C ASN A 20 10.38 -7.91 -7.55
N TRP A 21 9.35 -7.29 -6.98
CA TRP A 21 7.98 -7.74 -7.19
C TRP A 21 7.78 -9.13 -6.59
N SER A 22 6.61 -9.37 -6.02
CA SER A 22 6.29 -10.66 -5.41
C SER A 22 4.89 -10.64 -4.81
N SER A 23 3.88 -10.57 -5.68
CA SER A 23 2.49 -10.54 -5.23
C SER A 23 2.28 -9.45 -4.19
N TYR A 24 1.90 -8.27 -4.66
CA TYR A 24 1.66 -7.13 -3.77
C TYR A 24 0.76 -7.53 -2.61
N PRO A 25 0.97 -6.88 -1.46
CA PRO A 25 0.19 -7.15 -0.25
C PRO A 25 -1.25 -6.67 -0.37
N LYS A 26 -2.14 -7.24 0.44
CA LYS A 26 -3.55 -6.87 0.42
C LYS A 26 -3.90 -6.00 1.62
N TYR A 27 -5.00 -5.26 1.51
CA TYR A 27 -5.43 -4.37 2.58
C TYR A 27 -5.45 -5.12 3.92
N GLU A 28 -4.61 -4.69 4.85
CA GLU A 28 -4.53 -5.30 6.17
C GLU A 28 -4.88 -4.31 7.26
N PRO A 29 -6.05 -4.50 7.89
CA PRO A 29 -6.52 -3.63 8.96
C PRO A 29 -5.70 -3.77 10.24
N GLY A 30 -5.24 -2.65 10.77
CA GLY A 30 -4.44 -2.67 11.98
C GLY A 30 -2.97 -2.40 11.72
N LYS A 31 -2.68 -1.75 10.60
CA LYS A 31 -1.31 -1.43 10.23
C LYS A 31 -1.23 -0.04 9.59
N GLU A 32 -0.52 0.87 10.26
CA GLU A 32 -0.37 2.22 9.75
C GLU A 32 0.03 2.22 8.28
N TYR A 33 -0.57 3.11 7.50
CA TYR A 33 -0.28 3.21 6.08
C TYR A 33 0.18 4.61 5.71
N ASN A 34 1.48 4.74 5.42
CA ASN A 34 2.05 6.03 5.05
C ASN A 34 1.72 6.38 3.61
N GLN A 35 2.03 7.61 3.22
CA GLN A 35 1.76 8.07 1.85
C GLN A 35 2.55 7.26 0.85
N GLY A 36 1.91 6.91 -0.27
CA GLY A 36 2.57 6.14 -1.30
C GLY A 36 2.33 4.65 -1.15
N ASP A 37 1.99 4.22 0.05
CA ASP A 37 1.74 2.81 0.32
C ASP A 37 0.56 2.31 -0.51
N ILE A 38 0.75 1.17 -1.17
CA ILE A 38 -0.29 0.58 -2.00
C ILE A 38 -0.65 -0.82 -1.53
N VAL A 39 -1.93 -1.11 -1.49
CA VAL A 39 -2.40 -2.43 -1.06
C VAL A 39 -3.52 -2.93 -1.96
N GLU A 40 -3.65 -4.26 -2.05
CA GLU A 40 -4.68 -4.87 -2.89
C GLU A 40 -5.96 -5.11 -2.08
N TYR A 41 -7.08 -4.62 -2.59
CA TYR A 41 -8.36 -4.78 -1.92
C TYR A 41 -9.48 -5.05 -2.93
N ASN A 42 -10.21 -6.14 -2.70
CA ASN A 42 -11.30 -6.52 -3.60
C ASN A 42 -10.81 -6.63 -5.04
N GLY A 43 -9.58 -7.08 -5.20
CA GLY A 43 -9.01 -7.22 -6.54
C GLY A 43 -8.67 -5.89 -7.16
N LYS A 44 -8.47 -4.88 -6.33
CA LYS A 44 -8.13 -3.54 -6.81
C LYS A 44 -6.78 -3.09 -6.26
N LEU A 45 -6.40 -1.86 -6.57
CA LEU A 45 -5.13 -1.31 -6.11
C LEU A 45 -5.28 0.17 -5.73
N TYR A 46 -5.18 0.45 -4.44
CA TYR A 46 -5.30 1.81 -3.94
C TYR A 46 -3.99 2.30 -3.34
N LYS A 47 -3.80 3.62 -3.33
CA LYS A 47 -2.58 4.21 -2.80
C LYS A 47 -2.91 5.34 -1.83
N ALA A 48 -2.45 5.21 -0.59
CA ALA A 48 -2.69 6.22 0.43
C ALA A 48 -2.04 7.55 0.06
N LYS A 49 -2.87 8.57 -0.17
CA LYS A 49 -2.37 9.89 -0.54
C LYS A 49 -1.45 10.44 0.54
N TYR A 50 -1.88 10.35 1.78
CA TYR A 50 -1.10 10.84 2.90
C TYR A 50 -1.25 9.92 4.12
N TRP A 51 -0.45 10.19 5.15
CA TRP A 51 -0.49 9.39 6.37
C TRP A 51 -1.92 9.26 6.89
N THR A 52 -2.45 8.04 6.83
CA THR A 52 -3.81 7.77 7.29
C THR A 52 -4.02 6.29 7.57
N THR A 53 -4.97 5.99 8.45
CA THR A 53 -5.27 4.60 8.80
C THR A 53 -6.76 4.31 8.68
N SER A 54 -7.13 3.54 7.66
CA SER A 54 -8.53 3.19 7.43
C SER A 54 -8.68 2.34 6.18
N PRO A 55 -9.72 1.49 6.17
CA PRO A 55 -10.00 0.60 5.03
C PRO A 55 -10.47 1.35 3.80
N PRO A 56 -10.19 0.79 2.61
CA PRO A 56 -10.57 1.39 1.34
C PRO A 56 -12.09 1.36 1.11
N SER A 57 -12.64 2.48 0.66
CA SER A 57 -14.07 2.58 0.41
C SER A 57 -14.44 3.97 -0.07
N ASP A 58 -14.36 4.94 0.83
CA ASP A 58 -14.69 6.32 0.50
C ASP A 58 -13.71 7.29 1.15
N ASP A 59 -12.98 8.04 0.34
CA ASP A 59 -12.01 9.00 0.83
C ASP A 59 -12.48 10.43 0.58
N PRO A 60 -13.35 10.94 1.47
CA PRO A 60 -13.89 12.28 1.36
C PRO A 60 -12.84 13.35 1.64
N TYR A 61 -11.70 12.94 2.19
CA TYR A 61 -10.61 13.85 2.51
C TYR A 61 -9.40 13.59 1.62
N GLY A 62 -9.48 12.54 0.81
CA GLY A 62 -8.39 12.19 -0.07
C GLY A 62 -7.31 11.40 0.63
N SER A 63 -7.72 10.34 1.33
CA SER A 63 -6.78 9.49 2.05
C SER A 63 -6.30 8.33 1.18
N TRP A 64 -7.01 8.11 0.07
CA TRP A 64 -6.66 7.04 -0.85
C TRP A 64 -6.77 7.50 -2.30
N GLU A 65 -6.09 6.81 -3.20
CA GLU A 65 -6.13 7.15 -4.62
C GLU A 65 -6.03 5.89 -5.48
N TYR A 66 -7.11 5.60 -6.20
CA TYR A 66 -7.16 4.42 -7.06
C TYR A 66 -6.22 4.60 -8.26
N LEU A 67 -5.16 3.79 -8.29
CA LEU A 67 -4.18 3.83 -9.37
C LEU A 67 -4.45 2.75 -10.40
N GLY A 68 -4.95 1.61 -9.93
CA GLY A 68 -5.24 0.50 -10.82
C GLY A 68 -5.94 -0.65 -10.12
N GLU A 69 -5.93 -1.83 -10.75
CA GLU A 69 -6.57 -3.00 -10.17
C GLU A 69 -5.62 -4.18 -10.15
N ALA A 70 -5.88 -5.14 -9.27
CA ALA A 70 -5.04 -6.33 -9.15
C ALA A 70 -5.06 -7.15 -10.45
N GLU A 71 -6.26 -7.40 -10.95
CA GLU A 71 -6.41 -8.17 -12.19
C GLU A 71 -7.15 -7.36 -13.26
N PRO A 72 -6.39 -6.88 -14.25
CA PRO A 72 -6.95 -6.08 -15.34
C PRO A 72 -7.83 -6.90 -16.27
N THR A 73 -9.04 -6.41 -16.54
CA THR A 73 -9.98 -7.10 -17.41
C THR A 73 -9.55 -7.01 -18.87
N GLY A 1 23.75 0.44 13.97
CA GLY A 1 23.80 1.70 14.69
C GLY A 1 22.86 2.74 14.10
N PRO A 2 23.22 3.29 12.94
CA PRO A 2 22.42 4.32 12.26
C PRO A 2 21.13 3.74 11.68
N SER A 3 20.09 4.56 11.65
CA SER A 3 18.80 4.14 11.13
C SER A 3 18.57 4.69 9.72
N THR A 4 17.62 4.10 9.01
CA THR A 4 17.30 4.53 7.65
C THR A 4 15.83 4.92 7.53
N SER A 5 15.57 5.99 6.78
CA SER A 5 14.20 6.45 6.58
C SER A 5 13.65 5.97 5.24
N MET A 6 12.33 6.10 5.08
CA MET A 6 11.68 5.67 3.85
C MET A 6 10.30 6.30 3.71
N GLU A 7 9.79 6.36 2.49
CA GLU A 7 8.48 6.93 2.23
C GLU A 7 7.56 5.93 1.54
N ASN A 8 7.84 4.64 1.74
CA ASN A 8 7.05 3.59 1.13
C ASN A 8 7.57 2.21 1.55
N LEU A 9 7.24 1.79 2.77
CA LEU A 9 7.68 0.51 3.28
C LEU A 9 6.60 -0.56 3.06
N VAL A 10 5.62 -0.23 2.22
CA VAL A 10 4.53 -1.16 1.93
C VAL A 10 5.08 -2.51 1.48
N SER A 11 6.26 -2.51 0.88
CA SER A 11 6.88 -3.73 0.40
C SER A 11 7.38 -4.58 1.57
N LEU A 12 7.94 -3.91 2.58
CA LEU A 12 8.46 -4.59 3.75
C LEU A 12 7.32 -4.99 4.69
N GLN A 13 6.17 -4.32 4.54
CA GLN A 13 5.01 -4.61 5.38
C GLN A 13 4.64 -6.09 5.30
N ASN A 14 5.00 -6.73 4.20
CA ASN A 14 4.71 -8.15 4.00
C ASN A 14 5.98 -8.99 4.10
N LEU A 15 6.80 -8.92 3.06
CA LEU A 15 8.05 -9.68 3.03
C LEU A 15 9.16 -8.87 2.36
N LEU A 16 10.37 -9.41 2.37
CA LEU A 16 11.51 -8.74 1.78
C LEU A 16 12.16 -9.62 0.71
N VAL A 17 11.37 -10.02 -0.28
CA VAL A 17 11.88 -10.87 -1.36
C VAL A 17 13.05 -10.20 -2.07
N TYR A 18 13.57 -10.88 -3.10
CA TYR A 18 14.69 -10.36 -3.86
C TYR A 18 14.26 -9.96 -5.26
N VAL A 19 13.03 -9.45 -5.38
CA VAL A 19 12.50 -9.02 -6.66
C VAL A 19 11.45 -7.93 -6.50
N ASN A 20 11.59 -6.86 -7.27
CA ASN A 20 10.65 -5.74 -7.20
C ASN A 20 9.20 -6.24 -7.26
N TRP A 21 8.99 -7.30 -8.03
CA TRP A 21 7.65 -7.87 -8.18
C TRP A 21 7.55 -9.20 -7.44
N SER A 22 6.45 -9.39 -6.72
CA SER A 22 6.23 -10.63 -5.96
C SER A 22 4.88 -10.58 -5.25
N SER A 23 3.82 -10.44 -6.03
CA SER A 23 2.47 -10.38 -5.47
C SER A 23 2.38 -9.32 -4.37
N TYR A 24 2.00 -8.11 -4.76
CA TYR A 24 1.88 -7.01 -3.82
C TYR A 24 1.05 -7.42 -2.61
N PRO A 25 1.30 -6.75 -1.47
CA PRO A 25 0.59 -7.03 -0.21
C PRO A 25 -0.87 -6.60 -0.27
N LYS A 26 -1.68 -7.14 0.65
CA LYS A 26 -3.09 -6.80 0.71
C LYS A 26 -3.37 -5.85 1.87
N TYR A 27 -4.51 -5.18 1.81
CA TYR A 27 -4.90 -4.24 2.85
C TYR A 27 -4.75 -4.86 4.23
N GLU A 28 -3.83 -4.31 5.02
CA GLU A 28 -3.58 -4.81 6.36
C GLU A 28 -3.79 -3.71 7.41
N PRO A 29 -4.93 -3.76 8.10
CA PRO A 29 -5.28 -2.78 9.13
C PRO A 29 -4.41 -2.91 10.37
N GLY A 30 -3.94 -1.78 10.89
CA GLY A 30 -3.10 -1.79 12.08
C GLY A 30 -1.65 -1.46 11.76
N LYS A 31 -1.44 -0.77 10.65
CA LYS A 31 -0.09 -0.38 10.25
C LYS A 31 -0.11 0.93 9.48
N GLU A 32 0.68 1.90 9.94
CA GLU A 32 0.74 3.20 9.30
C GLU A 32 1.00 3.05 7.79
N TYR A 33 0.28 3.84 7.00
CA TYR A 33 0.44 3.79 5.55
C TYR A 33 0.83 5.16 5.00
N ASN A 34 2.09 5.28 4.59
CA ASN A 34 2.60 6.53 4.04
C ASN A 34 2.26 6.65 2.55
N GLN A 35 2.56 7.82 1.98
CA GLN A 35 2.29 8.06 0.56
C GLN A 35 3.08 7.09 -0.31
N GLY A 36 2.40 6.52 -1.31
CA GLY A 36 3.05 5.58 -2.21
C GLY A 36 2.70 4.14 -1.89
N ASP A 37 2.39 3.88 -0.62
CA ASP A 37 2.04 2.52 -0.19
C ASP A 37 0.88 1.98 -1.01
N ILE A 38 1.03 0.77 -1.52
CA ILE A 38 -0.01 0.13 -2.32
C ILE A 38 -0.40 -1.23 -1.75
N VAL A 39 -1.70 -1.50 -1.70
CA VAL A 39 -2.19 -2.77 -1.18
C VAL A 39 -3.39 -3.26 -1.99
N GLU A 40 -3.50 -4.58 -2.11
CA GLU A 40 -4.60 -5.18 -2.87
C GLU A 40 -5.79 -5.47 -1.95
N TYR A 41 -6.86 -4.70 -2.12
CA TYR A 41 -8.06 -4.86 -1.32
C TYR A 41 -9.26 -5.22 -2.18
N ASN A 42 -9.90 -6.34 -1.87
CA ASN A 42 -11.06 -6.80 -2.62
C ASN A 42 -10.72 -6.96 -4.11
N GLY A 43 -9.45 -7.22 -4.39
CA GLY A 43 -9.02 -7.38 -5.77
C GLY A 43 -8.77 -6.07 -6.46
N LYS A 44 -8.66 -5.00 -5.68
CA LYS A 44 -8.42 -3.67 -6.22
C LYS A 44 -7.07 -3.12 -5.76
N LEU A 45 -6.40 -2.39 -6.64
CA LEU A 45 -5.10 -1.81 -6.32
C LEU A 45 -5.25 -0.35 -5.91
N TYR A 46 -4.99 -0.08 -4.63
CA TYR A 46 -5.09 1.27 -4.10
C TYR A 46 -3.72 1.81 -3.70
N LYS A 47 -3.57 3.14 -3.75
CA LYS A 47 -2.30 3.77 -3.39
C LYS A 47 -2.54 4.98 -2.49
N ALA A 48 -2.00 4.94 -1.29
CA ALA A 48 -2.15 6.03 -0.34
C ALA A 48 -1.51 7.31 -0.87
N LYS A 49 -2.32 8.36 -1.01
CA LYS A 49 -1.84 9.64 -1.51
C LYS A 49 -0.91 10.30 -0.50
N TYR A 50 -1.33 10.31 0.77
CA TYR A 50 -0.52 10.91 1.82
C TYR A 50 -0.69 10.14 3.13
N TRP A 51 0.09 10.53 4.13
CA TRP A 51 0.03 9.87 5.44
C TRP A 51 -1.41 9.75 5.92
N THR A 52 -1.87 8.51 6.06
CA THR A 52 -3.24 8.25 6.51
C THR A 52 -3.39 6.81 7.00
N THR A 53 -4.19 6.63 8.05
CA THR A 53 -4.42 5.31 8.60
C THR A 53 -5.90 4.96 8.60
N SER A 54 -6.30 4.07 7.70
CA SER A 54 -7.69 3.64 7.59
C SER A 54 -7.89 2.71 6.40
N PRO A 55 -8.90 1.84 6.50
CA PRO A 55 -9.22 0.88 5.44
C PRO A 55 -9.79 1.54 4.20
N PRO A 56 -9.61 0.89 3.04
CA PRO A 56 -10.09 1.41 1.75
C PRO A 56 -11.61 1.36 1.66
N SER A 57 -12.20 2.45 1.19
CA SER A 57 -13.65 2.53 1.05
C SER A 57 -14.07 3.92 0.56
N ASP A 58 -13.87 4.92 1.42
CA ASP A 58 -14.23 6.29 1.08
C ASP A 58 -13.16 7.27 1.56
N ASP A 59 -12.49 7.94 0.62
CA ASP A 59 -11.45 8.90 0.96
C ASP A 59 -11.91 10.32 0.66
N PRO A 60 -12.67 10.91 1.60
CA PRO A 60 -13.18 12.28 1.45
C PRO A 60 -12.08 13.32 1.55
N TYR A 61 -10.91 12.90 2.01
CA TYR A 61 -9.78 13.81 2.16
C TYR A 61 -8.66 13.44 1.18
N GLY A 62 -8.86 12.35 0.45
CA GLY A 62 -7.86 11.91 -0.51
C GLY A 62 -6.74 11.13 0.13
N SER A 63 -7.10 10.13 0.94
CA SER A 63 -6.11 9.31 1.62
C SER A 63 -5.68 8.13 0.75
N TRP A 64 -6.51 7.80 -0.24
CA TRP A 64 -6.22 6.71 -1.15
C TRP A 64 -6.47 7.12 -2.60
N GLU A 65 -5.84 6.41 -3.53
CA GLU A 65 -5.99 6.70 -4.95
C GLU A 65 -6.04 5.41 -5.76
N TYR A 66 -7.21 5.12 -6.34
CA TYR A 66 -7.38 3.92 -7.14
C TYR A 66 -6.58 4.01 -8.44
N LEU A 67 -5.55 3.18 -8.55
CA LEU A 67 -4.70 3.16 -9.73
C LEU A 67 -5.10 2.02 -10.67
N GLY A 68 -5.96 1.14 -10.18
CA GLY A 68 -6.40 0.01 -10.98
C GLY A 68 -6.86 -1.16 -10.14
N GLU A 69 -7.05 -2.32 -10.78
CA GLU A 69 -7.49 -3.51 -10.08
C GLU A 69 -6.44 -4.62 -10.17
N ALA A 70 -6.41 -5.48 -9.17
CA ALA A 70 -5.46 -6.59 -9.14
C ALA A 70 -5.54 -7.42 -10.41
N GLU A 71 -6.74 -7.88 -10.74
CA GLU A 71 -6.95 -8.69 -11.93
C GLU A 71 -8.03 -8.07 -12.82
N PRO A 72 -7.59 -7.47 -13.94
CA PRO A 72 -8.50 -6.82 -14.90
C PRO A 72 -9.34 -7.85 -15.66
N THR A 73 -10.53 -7.42 -16.07
CA THR A 73 -11.45 -8.29 -16.81
C THR A 73 -11.25 -8.14 -18.31
N GLY A 1 24.67 2.82 12.16
CA GLY A 1 23.51 2.37 12.91
C GLY A 1 22.23 2.49 12.12
N PRO A 2 21.73 3.72 11.97
CA PRO A 2 20.49 4.00 11.23
C PRO A 2 20.65 3.78 9.74
N SER A 3 19.65 3.15 9.12
CA SER A 3 19.68 2.88 7.69
C SER A 3 18.29 2.49 7.18
N THR A 4 18.17 2.38 5.86
CA THR A 4 16.89 2.01 5.25
C THR A 4 15.84 3.07 5.50
N SER A 5 16.24 4.34 5.43
CA SER A 5 15.32 5.45 5.66
C SER A 5 14.49 5.73 4.42
N MET A 6 13.17 5.70 4.58
CA MET A 6 12.26 5.94 3.47
C MET A 6 10.81 5.99 3.95
N GLU A 7 9.88 6.17 3.03
CA GLU A 7 8.47 6.25 3.35
C GLU A 7 7.69 5.12 2.68
N ASN A 8 7.86 5.00 1.37
CA ASN A 8 7.17 3.96 0.60
C ASN A 8 7.82 2.60 0.84
N LEU A 9 7.61 2.05 2.03
CA LEU A 9 8.16 0.75 2.38
C LEU A 9 7.16 -0.36 2.13
N VAL A 10 6.09 -0.03 1.41
CA VAL A 10 5.05 -1.01 1.10
C VAL A 10 5.64 -2.27 0.49
N SER A 11 6.77 -2.11 -0.21
CA SER A 11 7.44 -3.24 -0.85
C SER A 11 8.02 -4.18 0.19
N LEU A 12 8.59 -3.61 1.24
CA LEU A 12 9.18 -4.41 2.31
C LEU A 12 8.32 -4.37 3.58
N GLN A 13 7.03 -4.11 3.38
CA GLN A 13 6.10 -4.06 4.51
C GLN A 13 5.63 -5.45 4.90
N ASN A 14 5.72 -6.39 3.97
CA ASN A 14 5.30 -7.77 4.23
C ASN A 14 6.47 -8.58 4.78
N LEU A 15 6.63 -8.54 6.10
CA LEU A 15 7.70 -9.27 6.76
C LEU A 15 9.07 -8.77 6.32
N LEU A 16 10.13 -9.41 6.82
CA LEU A 16 11.49 -9.01 6.47
C LEU A 16 11.91 -9.63 5.14
N VAL A 17 11.13 -9.38 4.10
CA VAL A 17 11.42 -9.91 2.77
C VAL A 17 11.34 -8.81 1.71
N TYR A 18 11.53 -9.20 0.45
CA TYR A 18 11.46 -8.25 -0.66
C TYR A 18 10.89 -8.92 -1.91
N VAL A 19 9.71 -8.48 -2.31
CA VAL A 19 9.05 -9.02 -3.50
C VAL A 19 7.72 -8.32 -3.75
N ASN A 20 7.49 -7.95 -5.01
CA ASN A 20 6.25 -7.29 -5.40
C ASN A 20 6.03 -7.36 -6.91
N TRP A 21 4.81 -7.69 -7.30
CA TRP A 21 4.47 -7.80 -8.71
C TRP A 21 2.96 -7.98 -8.89
N SER A 22 2.56 -8.41 -10.09
CA SER A 22 1.15 -8.62 -10.39
C SER A 22 0.37 -9.01 -9.14
N SER A 23 0.86 -10.04 -8.45
CA SER A 23 0.21 -10.53 -7.24
C SER A 23 0.54 -9.62 -6.05
N TYR A 24 0.19 -8.34 -6.18
CA TYR A 24 0.45 -7.37 -5.13
C TYR A 24 -0.09 -7.88 -3.78
N PRO A 25 0.55 -7.44 -2.70
CA PRO A 25 0.15 -7.82 -1.33
C PRO A 25 -1.18 -7.19 -0.92
N LYS A 26 -2.07 -8.02 -0.37
CA LYS A 26 -3.38 -7.55 0.07
C LYS A 26 -3.25 -6.57 1.23
N TYR A 27 -4.21 -5.66 1.34
CA TYR A 27 -4.20 -4.67 2.41
C TYR A 27 -4.00 -5.33 3.77
N GLU A 28 -3.06 -4.81 4.55
CA GLU A 28 -2.78 -5.35 5.87
C GLU A 28 -3.13 -4.35 6.96
N PRO A 29 -4.25 -4.59 7.66
CA PRO A 29 -4.73 -3.72 8.74
C PRO A 29 -3.82 -3.78 9.97
N GLY A 30 -3.41 -2.60 10.44
CA GLY A 30 -2.55 -2.53 11.60
C GLY A 30 -1.11 -2.21 11.25
N LYS A 31 -0.92 -1.59 10.09
CA LYS A 31 0.42 -1.22 9.62
C LYS A 31 0.39 0.15 8.94
N GLU A 32 1.11 1.10 9.52
CA GLU A 32 1.17 2.44 8.95
C GLU A 32 1.45 2.39 7.46
N TYR A 33 0.76 3.24 6.70
CA TYR A 33 0.94 3.30 5.26
C TYR A 33 1.31 4.71 4.80
N ASN A 34 2.58 4.87 4.41
CA ASN A 34 3.06 6.17 3.96
C ASN A 34 2.63 6.45 2.52
N GLN A 35 2.86 7.67 2.06
CA GLN A 35 2.48 8.06 0.71
C GLN A 35 3.22 7.21 -0.32
N GLY A 36 2.49 6.75 -1.33
CA GLY A 36 3.09 5.93 -2.37
C GLY A 36 2.83 4.45 -2.17
N ASP A 37 2.59 4.06 -0.93
CA ASP A 37 2.32 2.67 -0.60
C ASP A 37 1.14 2.14 -1.40
N ILE A 38 1.29 0.94 -1.96
CA ILE A 38 0.23 0.33 -2.75
C ILE A 38 -0.09 -1.07 -2.25
N VAL A 39 -1.38 -1.37 -2.13
CA VAL A 39 -1.82 -2.68 -1.65
C VAL A 39 -3.06 -3.14 -2.41
N GLU A 40 -3.21 -4.46 -2.55
CA GLU A 40 -4.35 -5.03 -3.25
C GLU A 40 -5.53 -5.20 -2.30
N TYR A 41 -6.74 -5.11 -2.86
CA TYR A 41 -7.96 -5.25 -2.07
C TYR A 41 -9.10 -5.82 -2.91
N ASN A 42 -9.52 -7.03 -2.59
CA ASN A 42 -10.59 -7.69 -3.32
C ASN A 42 -10.29 -7.74 -4.81
N GLY A 43 -9.00 -7.77 -5.15
CA GLY A 43 -8.60 -7.83 -6.55
C GLY A 43 -8.42 -6.45 -7.14
N LYS A 44 -8.28 -5.45 -6.29
CA LYS A 44 -8.10 -4.08 -6.74
C LYS A 44 -6.68 -3.58 -6.42
N LEU A 45 -6.43 -2.32 -6.73
CA LEU A 45 -5.12 -1.72 -6.48
C LEU A 45 -5.26 -0.26 -6.08
N TYR A 46 -4.92 0.04 -4.83
CA TYR A 46 -4.99 1.41 -4.31
C TYR A 46 -3.62 1.92 -3.93
N LYS A 47 -3.47 3.25 -3.93
CA LYS A 47 -2.21 3.88 -3.57
C LYS A 47 -2.42 5.03 -2.59
N ALA A 48 -1.82 4.92 -1.41
CA ALA A 48 -1.95 5.95 -0.38
C ALA A 48 -1.39 7.28 -0.89
N LYS A 49 -2.26 8.27 -1.00
CA LYS A 49 -1.87 9.59 -1.47
C LYS A 49 -0.87 10.23 -0.50
N TYR A 50 -1.21 10.21 0.79
CA TYR A 50 -0.35 10.80 1.81
C TYR A 50 -0.37 9.93 3.07
N TRP A 51 0.46 10.30 4.04
CA TRP A 51 0.55 9.56 5.30
C TRP A 51 -0.83 9.34 5.89
N THR A 52 -1.24 8.07 5.95
CA THR A 52 -2.55 7.71 6.49
C THR A 52 -2.60 6.24 6.86
N THR A 53 -3.39 5.92 7.89
CA THR A 53 -3.53 4.55 8.35
C THR A 53 -5.00 4.13 8.43
N SER A 54 -5.42 3.29 7.49
CA SER A 54 -6.81 2.83 7.45
C SER A 54 -7.05 1.96 6.23
N PRO A 55 -8.01 1.03 6.34
CA PRO A 55 -8.37 0.12 5.25
C PRO A 55 -9.06 0.84 4.10
N PRO A 56 -8.98 0.25 2.89
CA PRO A 56 -9.59 0.82 1.69
C PRO A 56 -11.12 0.74 1.73
N SER A 57 -11.78 1.84 1.36
CA SER A 57 -13.22 1.91 1.36
C SER A 57 -13.71 3.29 0.93
N ASP A 58 -13.52 4.27 1.80
CA ASP A 58 -13.93 5.64 1.52
C ASP A 58 -12.88 6.64 2.01
N ASP A 59 -12.29 7.38 1.08
CA ASP A 59 -11.28 8.38 1.42
C ASP A 59 -11.81 9.78 1.21
N PRO A 60 -12.56 10.29 2.20
CA PRO A 60 -13.15 11.63 2.15
C PRO A 60 -12.10 12.73 2.26
N TYR A 61 -10.88 12.34 2.64
CA TYR A 61 -9.78 13.29 2.79
C TYR A 61 -8.71 13.04 1.74
N GLY A 62 -8.88 11.98 0.95
CA GLY A 62 -7.92 11.66 -0.08
C GLY A 62 -6.73 10.89 0.47
N SER A 63 -6.99 9.85 1.24
CA SER A 63 -5.93 9.04 1.83
C SER A 63 -5.50 7.93 0.88
N TRP A 64 -6.33 7.66 -0.12
CA TRP A 64 -6.04 6.61 -1.09
C TRP A 64 -6.34 7.09 -2.51
N GLU A 65 -5.78 6.40 -3.50
CA GLU A 65 -5.99 6.75 -4.89
C GLU A 65 -6.02 5.51 -5.78
N TYR A 66 -7.22 5.14 -6.21
CA TYR A 66 -7.39 3.96 -7.05
C TYR A 66 -6.66 4.14 -8.38
N LEU A 67 -5.60 3.34 -8.57
CA LEU A 67 -4.82 3.40 -9.80
C LEU A 67 -5.26 2.33 -10.79
N GLY A 68 -5.95 1.32 -10.28
CA GLY A 68 -6.43 0.23 -11.13
C GLY A 68 -6.80 -1.00 -10.35
N GLU A 69 -6.89 -2.13 -11.04
CA GLU A 69 -7.24 -3.40 -10.40
C GLU A 69 -6.11 -4.42 -10.55
N ALA A 70 -5.98 -5.29 -9.56
CA ALA A 70 -4.94 -6.32 -9.57
C ALA A 70 -4.96 -7.09 -10.88
N GLU A 71 -6.15 -7.34 -11.41
CA GLU A 71 -6.30 -8.07 -12.66
C GLU A 71 -7.15 -7.28 -13.66
N PRO A 72 -6.93 -7.54 -14.95
CA PRO A 72 -7.65 -6.87 -16.04
C PRO A 72 -9.12 -7.28 -16.09
N THR A 73 -9.97 -6.38 -16.57
CA THR A 73 -11.40 -6.65 -16.68
C THR A 73 -11.89 -6.49 -18.11
N GLY A 1 26.77 -1.66 10.16
CA GLY A 1 25.33 -1.84 10.12
C GLY A 1 24.62 -0.70 9.42
N PRO A 2 24.73 -0.65 8.09
CA PRO A 2 24.10 0.39 7.27
C PRO A 2 22.58 0.27 7.24
N SER A 3 21.90 1.41 7.32
CA SER A 3 20.44 1.44 7.31
C SER A 3 19.92 2.64 6.53
N THR A 4 18.71 2.52 6.00
CA THR A 4 18.10 3.59 5.23
C THR A 4 16.75 4.01 5.82
N SER A 5 16.19 5.08 5.30
CA SER A 5 14.92 5.59 5.79
C SER A 5 14.00 5.98 4.62
N MET A 6 12.70 5.82 4.83
CA MET A 6 11.72 6.16 3.79
C MET A 6 10.31 6.18 4.36
N GLU A 7 9.33 6.42 3.50
CA GLU A 7 7.94 6.46 3.92
C GLU A 7 7.16 5.29 3.34
N ASN A 8 7.27 5.10 2.02
CA ASN A 8 6.58 4.00 1.34
C ASN A 8 7.24 2.66 1.66
N LEU A 9 7.01 2.16 2.86
CA LEU A 9 7.58 0.89 3.28
C LEU A 9 6.59 -0.25 3.05
N VAL A 10 5.54 0.03 2.29
CA VAL A 10 4.53 -0.98 1.99
C VAL A 10 5.16 -2.26 1.47
N SER A 11 6.30 -2.12 0.81
CA SER A 11 7.01 -3.27 0.24
C SER A 11 7.70 -4.07 1.35
N LEU A 12 8.34 -3.36 2.27
CA LEU A 12 9.04 -4.00 3.38
C LEU A 12 8.17 -4.02 4.63
N GLN A 13 6.85 -3.96 4.44
CA GLN A 13 5.92 -3.98 5.56
C GLN A 13 5.88 -5.35 6.21
N ASN A 14 6.35 -6.36 5.50
CA ASN A 14 6.36 -7.73 6.01
C ASN A 14 7.75 -8.35 5.84
N LEU A 15 8.08 -8.71 4.61
CA LEU A 15 9.37 -9.33 4.31
C LEU A 15 10.11 -8.55 3.22
N LEU A 16 11.43 -8.56 3.28
CA LEU A 16 12.25 -7.87 2.29
C LEU A 16 12.06 -8.47 0.91
N VAL A 17 12.14 -9.79 0.83
CA VAL A 17 11.97 -10.50 -0.43
C VAL A 17 13.05 -10.10 -1.43
N TYR A 18 13.21 -10.89 -2.49
CA TYR A 18 14.21 -10.62 -3.51
C TYR A 18 13.57 -10.09 -4.78
N VAL A 19 12.55 -9.24 -4.62
CA VAL A 19 11.86 -8.67 -5.76
C VAL A 19 10.99 -7.49 -5.34
N ASN A 20 11.10 -6.38 -6.07
CA ASN A 20 10.33 -5.18 -5.77
C ASN A 20 8.88 -5.34 -6.22
N TRP A 21 8.20 -6.34 -5.66
CA TRP A 21 6.80 -6.59 -6.01
C TRP A 21 6.27 -7.81 -5.26
N SER A 22 6.61 -9.00 -5.74
CA SER A 22 6.16 -10.24 -5.10
C SER A 22 4.71 -10.12 -4.66
N SER A 23 3.90 -9.47 -5.48
CA SER A 23 2.49 -9.28 -5.17
C SER A 23 2.31 -8.51 -3.87
N TYR A 24 2.02 -7.22 -3.97
CA TYR A 24 1.83 -6.37 -2.81
C TYR A 24 0.85 -7.01 -1.83
N PRO A 25 0.98 -6.65 -0.55
CA PRO A 25 0.12 -7.18 0.52
C PRO A 25 -1.31 -6.64 0.42
N LYS A 26 -2.24 -7.33 1.07
CA LYS A 26 -3.64 -6.91 1.05
C LYS A 26 -3.95 -5.96 2.20
N TYR A 27 -5.05 -5.22 2.07
CA TYR A 27 -5.44 -4.26 3.10
C TYR A 27 -5.43 -4.90 4.48
N GLU A 28 -4.61 -4.37 5.38
CA GLU A 28 -4.51 -4.90 6.73
C GLU A 28 -4.86 -3.82 7.76
N PRO A 29 -6.03 -3.97 8.39
CA PRO A 29 -6.52 -3.02 9.40
C PRO A 29 -5.71 -3.09 10.68
N GLY A 30 -5.23 -1.93 11.15
CA GLY A 30 -4.45 -1.89 12.36
C GLY A 30 -2.97 -1.65 12.09
N LYS A 31 -2.66 -1.09 10.92
CA LYS A 31 -1.28 -0.82 10.54
C LYS A 31 -1.18 0.49 9.77
N GLU A 32 -0.47 1.46 10.34
CA GLU A 32 -0.29 2.76 9.70
C GLU A 32 0.11 2.59 8.24
N TYR A 33 -0.36 3.51 7.39
CA TYR A 33 -0.06 3.46 5.97
C TYR A 33 0.46 4.81 5.49
N ASN A 34 1.74 4.85 5.14
CA ASN A 34 2.37 6.08 4.66
C ASN A 34 2.00 6.34 3.21
N GLN A 35 2.25 7.56 2.75
CA GLN A 35 1.94 7.94 1.37
C GLN A 35 2.68 7.05 0.38
N GLY A 36 1.96 6.62 -0.66
CA GLY A 36 2.56 5.76 -1.67
C GLY A 36 2.31 4.30 -1.40
N ASP A 37 1.99 3.97 -0.16
CA ASP A 37 1.71 2.59 0.24
C ASP A 37 0.56 2.02 -0.58
N ILE A 38 0.76 0.83 -1.14
CA ILE A 38 -0.27 0.17 -1.94
C ILE A 38 -0.66 -1.17 -1.33
N VAL A 39 -1.96 -1.42 -1.24
CA VAL A 39 -2.46 -2.67 -0.69
C VAL A 39 -3.59 -3.23 -1.54
N GLU A 40 -3.71 -4.55 -1.58
CA GLU A 40 -4.75 -5.21 -2.35
C GLU A 40 -6.04 -5.33 -1.55
N TYR A 41 -7.14 -4.90 -2.14
CA TYR A 41 -8.44 -4.95 -1.47
C TYR A 41 -9.52 -5.46 -2.42
N ASN A 42 -10.02 -6.66 -2.13
CA ASN A 42 -11.06 -7.26 -2.96
C ASN A 42 -10.63 -7.33 -4.41
N GLY A 43 -9.40 -7.79 -4.64
CA GLY A 43 -8.89 -7.90 -6.00
C GLY A 43 -8.61 -6.55 -6.61
N LYS A 44 -8.49 -5.52 -5.77
CA LYS A 44 -8.22 -4.17 -6.25
C LYS A 44 -6.85 -3.68 -5.77
N LEU A 45 -6.54 -2.43 -6.08
CA LEU A 45 -5.26 -1.85 -5.68
C LEU A 45 -5.40 -0.36 -5.40
N TYR A 46 -5.26 0.01 -4.14
CA TYR A 46 -5.38 1.42 -3.74
C TYR A 46 -4.05 1.94 -3.21
N LYS A 47 -3.85 3.26 -3.33
CA LYS A 47 -2.62 3.90 -2.87
C LYS A 47 -2.93 5.10 -1.99
N ALA A 48 -2.48 5.05 -0.75
CA ALA A 48 -2.70 6.14 0.20
C ALA A 48 -2.02 7.42 -0.28
N LYS A 49 -2.82 8.44 -0.59
CA LYS A 49 -2.29 9.71 -1.05
C LYS A 49 -1.28 10.28 -0.05
N TYR A 50 -1.65 10.27 1.22
CA TYR A 50 -0.78 10.79 2.28
C TYR A 50 -0.94 9.98 3.56
N TRP A 51 -0.15 10.31 4.57
CA TRP A 51 -0.19 9.61 5.85
C TRP A 51 -1.63 9.51 6.36
N THR A 52 -2.14 8.28 6.40
CA THR A 52 -3.51 8.05 6.87
C THR A 52 -3.71 6.59 7.26
N THR A 53 -4.58 6.36 8.24
CA THR A 53 -4.87 5.02 8.70
C THR A 53 -6.36 4.71 8.64
N SER A 54 -6.74 3.87 7.69
CA SER A 54 -8.15 3.50 7.53
C SER A 54 -8.33 2.60 6.31
N PRO A 55 -9.37 1.75 6.36
CA PRO A 55 -9.68 0.81 5.27
C PRO A 55 -10.19 1.53 4.02
N PRO A 56 -10.00 0.88 2.86
CA PRO A 56 -10.43 1.44 1.57
C PRO A 56 -11.95 1.45 1.43
N SER A 57 -12.48 2.53 0.86
CA SER A 57 -13.92 2.65 0.67
C SER A 57 -14.26 3.98 0.00
N ASP A 58 -14.18 5.06 0.77
CA ASP A 58 -14.47 6.40 0.24
C ASP A 58 -13.50 7.43 0.82
N ASP A 59 -12.78 8.10 -0.07
CA ASP A 59 -11.82 9.11 0.33
C ASP A 59 -12.28 10.51 -0.06
N PRO A 60 -13.18 11.09 0.76
CA PRO A 60 -13.73 12.42 0.51
C PRO A 60 -12.70 13.52 0.70
N TYR A 61 -11.56 13.16 1.30
CA TYR A 61 -10.49 14.12 1.55
C TYR A 61 -9.26 13.78 0.72
N GLY A 62 -9.32 12.66 0.01
CA GLY A 62 -8.20 12.24 -0.81
C GLY A 62 -7.15 11.47 -0.02
N SER A 63 -7.58 10.47 0.73
CA SER A 63 -6.68 9.68 1.55
C SER A 63 -6.25 8.42 0.79
N TRP A 64 -6.96 8.10 -0.27
CA TRP A 64 -6.66 6.92 -1.08
C TRP A 64 -6.80 7.22 -2.57
N GLU A 65 -6.12 6.44 -3.39
CA GLU A 65 -6.17 6.63 -4.84
C GLU A 65 -6.14 5.29 -5.56
N TYR A 66 -7.21 4.97 -6.27
CA TYR A 66 -7.30 3.72 -7.01
C TYR A 66 -6.43 3.76 -8.26
N LEU A 67 -5.37 2.96 -8.27
CA LEU A 67 -4.46 2.91 -9.40
C LEU A 67 -4.90 1.84 -10.40
N GLY A 68 -5.49 0.76 -9.88
CA GLY A 68 -5.95 -0.33 -10.73
C GLY A 68 -6.43 -1.52 -9.95
N GLU A 69 -6.56 -2.66 -10.62
CA GLU A 69 -7.00 -3.88 -9.97
C GLU A 69 -5.85 -4.87 -9.79
N ALA A 70 -5.99 -5.75 -8.80
CA ALA A 70 -4.95 -6.73 -8.52
C ALA A 70 -4.56 -7.49 -9.79
N GLU A 71 -5.57 -8.02 -10.48
CA GLU A 71 -5.33 -8.78 -11.71
C GLU A 71 -6.13 -8.20 -12.87
N PRO A 72 -5.44 -7.50 -13.77
CA PRO A 72 -6.07 -6.89 -14.95
C PRO A 72 -6.55 -7.92 -15.96
N THR A 73 -7.70 -7.65 -16.58
CA THR A 73 -8.25 -8.56 -17.57
C THR A 73 -7.50 -8.47 -18.89
N GLY A 1 25.24 2.31 3.59
CA GLY A 1 24.51 1.06 3.47
C GLY A 1 23.05 1.20 3.90
N PRO A 2 22.83 1.31 5.21
CA PRO A 2 21.48 1.45 5.78
C PRO A 2 20.85 2.81 5.45
N SER A 3 19.52 2.86 5.50
CA SER A 3 18.80 4.10 5.20
C SER A 3 18.41 4.81 6.50
N THR A 4 17.91 6.04 6.35
CA THR A 4 17.50 6.83 7.51
C THR A 4 16.09 7.39 7.30
N SER A 5 15.80 7.84 6.10
CA SER A 5 14.50 8.41 5.78
C SER A 5 13.72 7.48 4.85
N MET A 6 12.47 7.17 5.22
CA MET A 6 11.63 6.30 4.43
C MET A 6 10.15 6.55 4.73
N GLU A 7 9.38 6.80 3.68
CA GLU A 7 7.95 7.06 3.83
C GLU A 7 7.12 6.05 3.04
N ASN A 8 7.70 4.87 2.82
CA ASN A 8 7.02 3.81 2.08
C ASN A 8 7.62 2.45 2.40
N LEU A 9 7.26 1.91 3.57
CA LEU A 9 7.76 0.61 4.00
C LEU A 9 6.78 -0.50 3.63
N VAL A 10 5.82 -0.17 2.77
CA VAL A 10 4.82 -1.13 2.32
C VAL A 10 5.48 -2.39 1.76
N SER A 11 6.68 -2.21 1.19
CA SER A 11 7.41 -3.33 0.61
C SER A 11 7.77 -4.35 1.67
N LEU A 12 8.00 -3.89 2.89
CA LEU A 12 8.36 -4.76 4.01
C LEU A 12 7.19 -4.91 4.98
N GLN A 13 5.98 -4.83 4.45
CA GLN A 13 4.78 -4.95 5.28
C GLN A 13 4.17 -6.34 5.14
N ASN A 14 4.68 -7.28 5.93
CA ASN A 14 4.19 -8.65 5.90
C ASN A 14 4.44 -9.29 4.53
N LEU A 15 5.70 -9.28 4.11
CA LEU A 15 6.08 -9.87 2.82
C LEU A 15 7.58 -10.10 2.75
N LEU A 16 8.00 -11.03 1.91
CA LEU A 16 9.40 -11.35 1.74
C LEU A 16 9.83 -11.19 0.28
N VAL A 17 9.62 -10.00 -0.26
CA VAL A 17 9.98 -9.72 -1.64
C VAL A 17 11.43 -10.10 -1.92
N TYR A 18 11.71 -10.48 -3.17
CA TYR A 18 13.05 -10.88 -3.56
C TYR A 18 13.29 -10.61 -5.05
N VAL A 19 12.52 -9.68 -5.59
CA VAL A 19 12.64 -9.33 -7.00
C VAL A 19 12.27 -7.87 -7.24
N ASN A 20 11.20 -7.42 -6.59
CA ASN A 20 10.75 -6.03 -6.71
C ASN A 20 9.52 -5.79 -5.87
N TRP A 21 8.49 -6.60 -6.06
CA TRP A 21 7.25 -6.47 -5.30
C TRP A 21 6.77 -7.83 -4.81
N SER A 22 6.93 -8.86 -5.65
CA SER A 22 6.50 -10.20 -5.31
C SER A 22 5.12 -10.20 -4.66
N SER A 23 4.10 -9.88 -5.47
CA SER A 23 2.73 -9.82 -4.98
C SER A 23 2.64 -8.96 -3.72
N TYR A 24 2.36 -7.67 -3.92
CA TYR A 24 2.24 -6.75 -2.80
C TYR A 24 1.31 -7.28 -1.73
N PRO A 25 1.46 -6.78 -0.50
CA PRO A 25 0.64 -7.21 0.64
C PRO A 25 -0.80 -6.72 0.52
N LYS A 26 -1.72 -7.44 1.17
CA LYS A 26 -3.13 -7.08 1.14
C LYS A 26 -3.47 -6.12 2.27
N TYR A 27 -4.58 -5.39 2.12
CA TYR A 27 -5.01 -4.44 3.12
C TYR A 27 -5.03 -5.08 4.50
N GLU A 28 -4.21 -4.54 5.41
CA GLU A 28 -4.12 -5.06 6.77
C GLU A 28 -4.50 -3.98 7.78
N PRO A 29 -5.66 -4.15 8.43
CA PRO A 29 -6.15 -3.20 9.43
C PRO A 29 -5.33 -3.24 10.71
N GLY A 30 -4.87 -2.07 11.14
CA GLY A 30 -4.08 -1.98 12.36
C GLY A 30 -2.61 -1.77 12.08
N LYS A 31 -2.30 -1.24 10.89
CA LYS A 31 -0.93 -0.98 10.50
C LYS A 31 -0.81 0.34 9.75
N GLU A 32 -0.07 1.27 10.32
CA GLU A 32 0.12 2.58 9.72
C GLU A 32 0.49 2.45 8.24
N TYR A 33 0.01 3.38 7.43
CA TYR A 33 0.28 3.36 6.00
C TYR A 33 0.79 4.71 5.52
N ASN A 34 2.08 4.77 5.19
CA ASN A 34 2.70 6.01 4.73
C ASN A 34 2.35 6.27 3.27
N GLN A 35 2.73 7.43 2.76
CA GLN A 35 2.46 7.81 1.38
C GLN A 35 3.20 6.89 0.41
N GLY A 36 2.51 6.49 -0.65
CA GLY A 36 3.12 5.61 -1.63
C GLY A 36 2.84 4.15 -1.35
N ASP A 37 2.49 3.84 -0.11
CA ASP A 37 2.21 2.46 0.29
C ASP A 37 1.05 1.89 -0.53
N ILE A 38 1.28 0.70 -1.08
CA ILE A 38 0.25 0.04 -1.89
C ILE A 38 -0.16 -1.30 -1.28
N VAL A 39 -1.46 -1.52 -1.19
CA VAL A 39 -1.98 -2.76 -0.63
C VAL A 39 -3.09 -3.33 -1.50
N GLU A 40 -3.22 -4.66 -1.50
CA GLU A 40 -4.25 -5.33 -2.28
C GLU A 40 -5.52 -5.53 -1.46
N TYR A 41 -6.64 -5.04 -2.00
CA TYR A 41 -7.93 -5.16 -1.32
C TYR A 41 -9.02 -5.54 -2.29
N ASN A 42 -9.65 -6.69 -2.06
CA ASN A 42 -10.73 -7.16 -2.93
C ASN A 42 -10.26 -7.29 -4.37
N GLY A 43 -8.96 -7.50 -4.55
CA GLY A 43 -8.39 -7.63 -5.88
C GLY A 43 -8.08 -6.30 -6.51
N LYS A 44 -8.01 -5.25 -5.68
CA LYS A 44 -7.72 -3.91 -6.17
C LYS A 44 -6.44 -3.37 -5.53
N LEU A 45 -5.74 -2.51 -6.25
CA LEU A 45 -4.50 -1.92 -5.75
C LEU A 45 -4.70 -0.43 -5.44
N TYR A 46 -4.65 -0.09 -4.16
CA TYR A 46 -4.83 1.29 -3.73
C TYR A 46 -3.52 1.85 -3.16
N LYS A 47 -3.34 3.16 -3.28
CA LYS A 47 -2.15 3.82 -2.78
C LYS A 47 -2.51 5.01 -1.92
N ALA A 48 -2.04 5.00 -0.67
CA ALA A 48 -2.31 6.09 0.27
C ALA A 48 -1.65 7.38 -0.19
N LYS A 49 -2.46 8.37 -0.52
CA LYS A 49 -1.95 9.66 -0.98
C LYS A 49 -0.93 10.22 0.01
N TYR A 50 -1.20 10.04 1.30
CA TYR A 50 -0.30 10.53 2.34
C TYR A 50 -0.51 9.75 3.64
N TRP A 51 0.24 10.12 4.66
CA TRP A 51 0.14 9.47 5.97
C TRP A 51 -1.31 9.39 6.42
N THR A 52 -1.86 8.17 6.45
CA THR A 52 -3.24 7.97 6.87
C THR A 52 -3.48 6.51 7.27
N THR A 53 -4.44 6.30 8.16
CA THR A 53 -4.77 4.95 8.62
C THR A 53 -6.26 4.69 8.51
N SER A 54 -6.64 3.84 7.55
CA SER A 54 -8.04 3.50 7.33
C SER A 54 -8.19 2.55 6.15
N PRO A 55 -9.22 1.69 6.21
CA PRO A 55 -9.50 0.72 5.15
C PRO A 55 -10.00 1.38 3.87
N PRO A 56 -9.73 0.73 2.73
CA PRO A 56 -10.15 1.24 1.42
C PRO A 56 -11.66 1.18 1.22
N SER A 57 -12.23 2.26 0.71
CA SER A 57 -13.67 2.33 0.47
C SER A 57 -14.06 3.70 -0.10
N ASP A 58 -13.98 4.73 0.74
CA ASP A 58 -14.33 6.08 0.32
C ASP A 58 -13.37 7.10 0.92
N ASP A 59 -12.63 7.79 0.07
CA ASP A 59 -11.67 8.80 0.51
C ASP A 59 -12.15 10.20 0.16
N PRO A 60 -13.04 10.75 1.00
CA PRO A 60 -13.59 12.10 0.80
C PRO A 60 -12.55 13.19 1.01
N TYR A 61 -11.40 12.80 1.55
CA TYR A 61 -10.32 13.75 1.81
C TYR A 61 -9.12 13.48 0.92
N GLY A 62 -9.19 12.40 0.15
CA GLY A 62 -8.10 12.04 -0.74
C GLY A 62 -6.97 11.35 -0.01
N SER A 63 -7.30 10.32 0.77
CA SER A 63 -6.29 9.58 1.52
C SER A 63 -5.86 8.34 0.77
N TRP A 64 -6.54 8.05 -0.34
CA TRP A 64 -6.22 6.89 -1.15
C TRP A 64 -6.30 7.22 -2.64
N GLU A 65 -5.65 6.41 -3.47
CA GLU A 65 -5.66 6.62 -4.91
C GLU A 65 -5.57 5.28 -5.65
N TYR A 66 -6.65 4.93 -6.35
CA TYR A 66 -6.70 3.69 -7.10
C TYR A 66 -5.79 3.76 -8.33
N LEU A 67 -4.72 2.97 -8.30
CA LEU A 67 -3.78 2.93 -9.42
C LEU A 67 -4.13 1.81 -10.40
N GLY A 68 -4.83 0.80 -9.90
CA GLY A 68 -5.21 -0.32 -10.74
C GLY A 68 -5.72 -1.51 -9.93
N GLU A 69 -5.87 -2.64 -10.60
CA GLU A 69 -6.37 -3.85 -9.94
C GLU A 69 -5.25 -4.88 -9.79
N ALA A 70 -5.38 -5.74 -8.79
CA ALA A 70 -4.38 -6.78 -8.54
C ALA A 70 -4.08 -7.57 -9.82
N GLU A 71 -5.13 -8.03 -10.48
CA GLU A 71 -4.98 -8.80 -11.71
C GLU A 71 -5.75 -8.17 -12.85
N PRO A 72 -5.03 -7.52 -13.77
CA PRO A 72 -5.63 -6.86 -14.93
C PRO A 72 -6.20 -7.84 -15.94
N THR A 73 -7.37 -7.51 -16.49
CA THR A 73 -8.03 -8.37 -17.46
C THR A 73 -7.55 -8.06 -18.88
N GLY A 1 22.03 -2.02 -4.55
CA GLY A 1 22.72 -1.17 -3.59
C GLY A 1 21.87 -0.87 -2.38
N PRO A 2 22.50 -0.34 -1.33
CA PRO A 2 21.82 0.02 -0.07
C PRO A 2 20.88 1.20 -0.24
N SER A 3 19.91 1.31 0.65
CA SER A 3 18.94 2.39 0.61
C SER A 3 19.26 3.45 1.66
N THR A 4 18.75 4.66 1.46
CA THR A 4 18.98 5.76 2.39
C THR A 4 17.70 6.56 2.63
N SER A 5 17.15 7.10 1.55
CA SER A 5 15.93 7.90 1.64
C SER A 5 14.72 7.09 1.19
N MET A 6 13.75 6.92 2.10
CA MET A 6 12.54 6.17 1.79
C MET A 6 11.41 6.55 2.75
N GLU A 7 10.18 6.49 2.25
CA GLU A 7 9.01 6.82 3.05
C GLU A 7 7.86 5.86 2.78
N ASN A 8 8.16 4.77 2.07
CA ASN A 8 7.14 3.78 1.74
C ASN A 8 7.69 2.36 1.92
N LEU A 9 7.61 1.86 3.15
CA LEU A 9 8.08 0.52 3.46
C LEU A 9 6.98 -0.51 3.27
N VAL A 10 5.89 -0.10 2.63
CA VAL A 10 4.77 -0.99 2.38
C VAL A 10 5.22 -2.29 1.73
N SER A 11 6.31 -2.21 0.97
CA SER A 11 6.85 -3.38 0.29
C SER A 11 7.28 -4.45 1.29
N LEU A 12 7.84 -4.01 2.41
CA LEU A 12 8.29 -4.92 3.45
C LEU A 12 7.36 -4.88 4.67
N GLN A 13 6.16 -4.37 4.46
CA GLN A 13 5.17 -4.27 5.53
C GLN A 13 4.85 -5.65 6.09
N ASN A 14 5.14 -6.69 5.32
CA ASN A 14 4.88 -8.06 5.75
C ASN A 14 6.17 -8.87 5.79
N LEU A 15 6.74 -9.13 4.63
CA LEU A 15 7.97 -9.90 4.54
C LEU A 15 8.85 -9.39 3.38
N LEU A 16 10.08 -9.02 3.69
CA LEU A 16 11.00 -8.53 2.68
C LEU A 16 11.31 -9.62 1.65
N VAL A 17 11.66 -10.80 2.12
CA VAL A 17 11.97 -11.92 1.24
C VAL A 17 13.20 -11.62 0.38
N TYR A 18 13.81 -12.66 -0.16
CA TYR A 18 14.99 -12.51 -1.01
C TYR A 18 14.60 -12.00 -2.40
N VAL A 19 13.47 -12.49 -2.90
CA VAL A 19 12.98 -12.09 -4.21
C VAL A 19 12.36 -10.70 -4.18
N ASN A 20 11.88 -10.30 -2.99
CA ASN A 20 11.27 -8.99 -2.82
C ASN A 20 10.04 -8.85 -3.73
N TRP A 21 9.31 -7.76 -3.55
CA TRP A 21 8.12 -7.49 -4.35
C TRP A 21 7.06 -8.57 -4.11
N SER A 22 7.19 -9.68 -4.83
CA SER A 22 6.24 -10.79 -4.71
C SER A 22 4.82 -10.26 -4.58
N SER A 23 4.50 -9.22 -5.35
CA SER A 23 3.17 -8.62 -5.32
C SER A 23 2.90 -7.96 -3.97
N TYR A 24 2.57 -6.67 -4.01
CA TYR A 24 2.29 -5.91 -2.79
C TYR A 24 1.29 -6.66 -1.91
N PRO A 25 1.38 -6.41 -0.59
CA PRO A 25 0.49 -7.05 0.40
C PRO A 25 -0.95 -6.55 0.28
N LYS A 26 -1.89 -7.34 0.80
CA LYS A 26 -3.30 -6.98 0.75
C LYS A 26 -3.65 -6.06 1.93
N TYR A 27 -4.77 -5.35 1.79
CA TYR A 27 -5.23 -4.44 2.83
C TYR A 27 -5.27 -5.14 4.19
N GLU A 28 -4.52 -4.61 5.15
CA GLU A 28 -4.48 -5.18 6.49
C GLU A 28 -5.11 -4.23 7.51
N PRO A 29 -6.36 -4.53 7.89
CA PRO A 29 -7.10 -3.72 8.86
C PRO A 29 -6.53 -3.84 10.28
N GLY A 30 -6.25 -2.70 10.90
CA GLY A 30 -5.71 -2.71 12.24
C GLY A 30 -4.25 -2.30 12.29
N LYS A 31 -3.82 -1.57 11.26
CA LYS A 31 -2.44 -1.11 11.18
C LYS A 31 -2.33 0.19 10.41
N GLU A 32 -1.74 1.21 11.04
CA GLU A 32 -1.59 2.51 10.40
C GLU A 32 -1.03 2.36 8.99
N TYR A 33 -1.16 3.42 8.20
CA TYR A 33 -0.68 3.41 6.83
C TYR A 33 -0.11 4.78 6.43
N ASN A 34 1.18 4.82 6.14
CA ASN A 34 1.84 6.07 5.76
C ASN A 34 1.57 6.39 4.29
N GLN A 35 1.88 7.63 3.90
CA GLN A 35 1.68 8.05 2.52
C GLN A 35 2.55 7.24 1.57
N GLY A 36 1.98 6.91 0.41
CA GLY A 36 2.72 6.14 -0.58
C GLY A 36 2.48 4.64 -0.44
N ASP A 37 2.06 4.22 0.75
CA ASP A 37 1.79 2.81 1.01
C ASP A 37 0.72 2.28 0.07
N ILE A 38 1.00 1.14 -0.56
CA ILE A 38 0.06 0.52 -1.48
C ILE A 38 -0.31 -0.88 -1.03
N VAL A 39 -1.61 -1.17 -1.03
CA VAL A 39 -2.10 -2.49 -0.62
C VAL A 39 -3.15 -3.01 -1.61
N GLU A 40 -3.30 -4.33 -1.65
CA GLU A 40 -4.26 -4.95 -2.55
C GLU A 40 -5.58 -5.23 -1.82
N TYR A 41 -6.67 -4.74 -2.40
CA TYR A 41 -7.99 -4.92 -1.82
C TYR A 41 -9.02 -5.28 -2.89
N ASN A 42 -9.69 -6.42 -2.72
CA ASN A 42 -10.69 -6.86 -3.66
C ASN A 42 -10.13 -6.92 -5.08
N GLY A 43 -8.86 -7.33 -5.18
CA GLY A 43 -8.21 -7.43 -6.47
C GLY A 43 -7.88 -6.07 -7.06
N LYS A 44 -7.81 -5.06 -6.20
CA LYS A 44 -7.49 -3.70 -6.64
C LYS A 44 -6.19 -3.22 -6.03
N LEU A 45 -5.82 -1.98 -6.32
CA LEU A 45 -4.59 -1.40 -5.79
C LEU A 45 -4.79 0.07 -5.44
N TYR A 46 -4.73 0.37 -4.14
CA TYR A 46 -4.91 1.73 -3.66
C TYR A 46 -3.63 2.24 -3.00
N LYS A 47 -3.44 3.56 -3.03
CA LYS A 47 -2.26 4.17 -2.43
C LYS A 47 -2.66 5.30 -1.50
N ALA A 48 -2.30 5.16 -0.22
CA ALA A 48 -2.62 6.17 0.79
C ALA A 48 -1.95 7.50 0.45
N LYS A 49 -2.77 8.51 0.18
CA LYS A 49 -2.25 9.84 -0.15
C LYS A 49 -1.44 10.41 1.01
N TYR A 50 -2.00 10.30 2.21
CA TYR A 50 -1.33 10.81 3.41
C TYR A 50 -1.61 9.92 4.61
N TRP A 51 -0.93 10.19 5.72
CA TRP A 51 -1.10 9.42 6.94
C TRP A 51 -2.58 9.28 7.29
N THR A 52 -3.10 8.06 7.20
CA THR A 52 -4.50 7.80 7.51
C THR A 52 -4.73 6.33 7.81
N THR A 53 -5.77 6.04 8.59
CA THR A 53 -6.10 4.67 8.96
C THR A 53 -7.57 4.37 8.69
N SER A 54 -7.83 3.56 7.67
CA SER A 54 -9.19 3.20 7.30
C SER A 54 -9.21 2.31 6.06
N PRO A 55 -10.25 1.47 5.96
CA PRO A 55 -10.41 0.55 4.83
C PRO A 55 -10.73 1.28 3.53
N PRO A 56 -10.33 0.69 2.39
CA PRO A 56 -10.58 1.27 1.07
C PRO A 56 -12.04 1.22 0.68
N SER A 57 -12.55 2.34 0.16
CA SER A 57 -13.95 2.42 -0.25
C SER A 57 -14.28 3.82 -0.77
N ASP A 58 -14.29 4.79 0.14
CA ASP A 58 -14.59 6.17 -0.23
C ASP A 58 -13.69 7.13 0.53
N ASP A 59 -12.89 7.89 -0.21
CA ASP A 59 -11.98 8.86 0.39
C ASP A 59 -12.43 10.29 0.10
N PRO A 60 -13.38 10.78 0.91
CA PRO A 60 -13.91 12.14 0.76
C PRO A 60 -12.90 13.20 1.14
N TYR A 61 -11.81 12.79 1.78
CA TYR A 61 -10.77 13.71 2.20
C TYR A 61 -9.47 13.46 1.43
N GLY A 62 -9.48 12.42 0.61
CA GLY A 62 -8.31 12.08 -0.18
C GLY A 62 -7.29 11.29 0.62
N SER A 63 -7.76 10.23 1.28
CA SER A 63 -6.88 9.39 2.08
C SER A 63 -6.32 8.23 1.26
N TRP A 64 -6.93 7.99 0.10
CA TRP A 64 -6.50 6.93 -0.79
C TRP A 64 -6.51 7.38 -2.25
N GLU A 65 -5.72 6.71 -3.07
CA GLU A 65 -5.64 7.05 -4.49
C GLU A 65 -5.53 5.80 -5.35
N TYR A 66 -6.62 5.43 -6.00
CA TYR A 66 -6.64 4.24 -6.86
C TYR A 66 -5.70 4.40 -8.04
N LEU A 67 -4.64 3.62 -8.06
CA LEU A 67 -3.66 3.67 -9.14
C LEU A 67 -3.94 2.61 -10.19
N GLY A 68 -4.67 1.56 -9.80
CA GLY A 68 -5.00 0.49 -10.71
C GLY A 68 -5.51 -0.75 -10.01
N GLU A 69 -5.53 -1.86 -10.72
CA GLU A 69 -6.00 -3.13 -10.15
C GLU A 69 -4.87 -4.16 -10.13
N ALA A 70 -4.91 -5.04 -9.13
CA ALA A 70 -3.89 -6.08 -8.99
C ALA A 70 -3.72 -6.85 -10.29
N GLU A 71 -4.84 -7.20 -10.92
CA GLU A 71 -4.81 -7.95 -12.17
C GLU A 71 -5.51 -7.18 -13.28
N PRO A 72 -4.71 -6.60 -14.20
CA PRO A 72 -5.23 -5.83 -15.33
C PRO A 72 -5.96 -6.69 -16.35
N THR A 73 -7.12 -6.23 -16.80
CA THR A 73 -7.91 -6.97 -17.78
C THR A 73 -8.17 -6.13 -19.02
#